data_3H7L
#
_entry.id   3H7L
#
_cell.length_a   166.124
_cell.length_b   166.124
_cell.length_c   343.534
_cell.angle_alpha   90.00
_cell.angle_beta   90.00
_cell.angle_gamma   120.00
#
_symmetry.space_group_name_H-M   'P 65 2 2'
#
loop_
_entity.id
_entity.type
_entity.pdbx_description
1 polymer ENDOGLUCANASE
2 non-polymer GLYCEROL
3 water water
#
_entity_poly.entity_id   1
_entity_poly.type   'polypeptide(L)'
_entity_poly.pdbx_seq_one_letter_code
;MSLLLTNHIGYERLGPKKAIIQTEQPHLSSYTAQLICATSEQTVATFAVEEQGKVANWHQGYFYLIDFSSFTDSGDYFLQ
VEDSRSSTFTVGEHILLNQTLSDVIHYFKSQRCGGVFDQQDRQVPVLNANQTADVHGGWYDASGDVSKYLSHLSYANYLN
PQQTPMVVWNILKGLSLLEGSEDIAAFTRTRLIEEALFGADFLVRMQNEKGFFYMTVFDKWSKDTAQREICAYETQLGHK
FDDYQAGFRQGGGVAIAALAAASRLGVHGEYDQQKYRNAAENGYWHLKEHNTQYLNDGEENIIDEYCALLASVELFKATK
ETRYLEESRLWAQRLVARQMSDEQIQHFWSANQDGSRPYFHAAEAGLPTIALCEYLAIEDDSVQTESVKCIVNRACEFEI
KISNKVTNPFGYPRQYVKGVNESKRDAFFVAHNNESGYWWQGENARLGSLATMAYLAQPHIASQEIQQQLSVFAQDALNW
IVGLNPYDMCMLDGHGRNNPDYLPQYGFFNAKGGVCNGITGGFEDEEDIAFNPPAQKDDMLQNWRWGEQWIPHGAWYLLA
IMSQAQHISQLATSKNIKEGHHHHHH
;
_entity_poly.pdbx_strand_id   A,B,C
#
# COMPACT_ATOMS: atom_id res chain seq x y z
N SER A 2 28.37 -20.93 -18.56
CA SER A 2 27.74 -19.59 -18.73
C SER A 2 26.99 -19.48 -20.06
N LEU A 3 25.67 -19.25 -19.97
CA LEU A 3 24.83 -19.04 -21.15
C LEU A 3 24.30 -17.61 -21.20
N LEU A 4 24.23 -17.05 -22.41
CA LEU A 4 23.58 -15.76 -22.59
C LEU A 4 22.29 -16.01 -23.36
N LEU A 5 21.19 -16.08 -22.62
CA LEU A 5 19.89 -16.51 -23.14
C LEU A 5 19.12 -15.36 -23.81
N THR A 6 18.61 -15.63 -25.00
CA THR A 6 17.74 -14.69 -25.73
C THR A 6 16.59 -15.44 -26.40
N ASN A 7 15.67 -14.67 -26.99
CA ASN A 7 14.69 -15.18 -27.92
C ASN A 7 15.45 -15.70 -29.13
N HIS A 8 15.27 -16.99 -29.45
CA HIS A 8 16.01 -17.64 -30.54
C HIS A 8 15.66 -17.06 -31.91
N ILE A 9 14.44 -16.54 -32.04
CA ILE A 9 13.99 -16.02 -33.30
C ILE A 9 14.25 -14.53 -33.40
N GLY A 10 13.66 -13.77 -32.49
CA GLY A 10 13.80 -12.32 -32.57
C GLY A 10 12.84 -11.49 -31.74
N TYR A 11 13.00 -10.17 -31.88
CA TYR A 11 12.28 -9.20 -31.08
C TYR A 11 11.61 -8.17 -31.97
N GLU A 12 10.50 -7.61 -31.51
CA GLU A 12 9.85 -6.48 -32.17
C GLU A 12 10.73 -5.26 -32.06
N ARG A 13 10.89 -4.57 -33.18
CA ARG A 13 11.73 -3.38 -33.27
C ARG A 13 11.30 -2.31 -32.28
N LEU A 14 9.99 -2.15 -32.11
CA LEU A 14 9.43 -1.25 -31.12
C LEU A 14 8.78 -2.07 -30.03
N GLY A 15 9.60 -2.75 -29.22
CA GLY A 15 9.07 -3.58 -28.15
C GLY A 15 10.13 -3.90 -27.12
N PRO A 16 9.71 -4.56 -26.02
CA PRO A 16 10.64 -4.98 -24.97
C PRO A 16 11.67 -5.98 -25.50
N LYS A 17 12.93 -5.72 -25.18
CA LYS A 17 14.04 -6.55 -25.60
C LYS A 17 14.87 -6.90 -24.37
N LYS A 18 14.86 -8.18 -24.01
CA LYS A 18 15.48 -8.66 -22.78
C LYS A 18 16.43 -9.78 -23.13
N ALA A 19 17.55 -9.86 -22.41
CA ALA A 19 18.43 -11.02 -22.42
C ALA A 19 18.84 -11.36 -21.00
N ILE A 20 19.18 -12.63 -20.78
CA ILE A 20 19.51 -13.10 -19.45
C ILE A 20 20.79 -13.90 -19.51
N ILE A 21 21.77 -13.47 -18.73
CA ILE A 21 22.96 -14.27 -18.49
C ILE A 21 22.61 -15.25 -17.39
N GLN A 22 22.92 -16.52 -17.61
CA GLN A 22 22.69 -17.56 -16.63
C GLN A 22 24.03 -18.24 -16.34
N THR A 23 24.42 -18.24 -15.08
CA THR A 23 25.74 -18.72 -14.67
C THR A 23 25.78 -19.16 -13.20
N GLU A 24 26.81 -19.90 -12.83
CA GLU A 24 26.96 -20.29 -11.43
C GLU A 24 27.81 -19.28 -10.63
N GLN A 25 28.43 -18.35 -11.35
CA GLN A 25 29.15 -17.23 -10.74
C GLN A 25 28.20 -16.34 -9.94
N PRO A 26 28.50 -16.15 -8.64
CA PRO A 26 27.75 -15.22 -7.79
C PRO A 26 27.97 -13.75 -8.18
N HIS A 27 29.07 -13.44 -8.85
CA HIS A 27 29.31 -12.10 -9.39
C HIS A 27 30.04 -12.19 -10.74
N LEU A 28 29.96 -11.14 -11.55
CA LEU A 28 30.69 -11.11 -12.83
C LEU A 28 31.95 -10.25 -12.75
N SER A 29 32.77 -10.30 -13.80
CA SER A 29 33.98 -9.46 -13.88
C SER A 29 33.77 -8.26 -14.82
N SER A 30 32.61 -8.24 -15.48
CA SER A 30 32.22 -7.11 -16.33
C SER A 30 30.72 -6.96 -16.22
N TYR A 31 30.26 -5.72 -16.26
CA TYR A 31 28.82 -5.43 -16.17
C TYR A 31 28.37 -4.53 -17.32
N THR A 32 29.08 -4.66 -18.43
CA THR A 32 28.66 -4.06 -19.68
C THR A 32 28.47 -5.19 -20.70
N ALA A 33 27.33 -5.18 -21.36
CA ALA A 33 27.04 -6.03 -22.49
C ALA A 33 27.16 -5.21 -23.78
N GLN A 34 27.72 -5.82 -24.83
CA GLN A 34 27.69 -5.20 -26.14
C GLN A 34 26.75 -5.94 -27.08
N LEU A 35 25.92 -5.16 -27.76
CA LEU A 35 25.11 -5.63 -28.84
C LEU A 35 25.93 -5.45 -30.10
N ILE A 36 26.15 -6.54 -30.81
CA ILE A 36 27.04 -6.56 -31.96
C ILE A 36 26.25 -7.00 -33.18
N CYS A 37 26.36 -6.22 -34.26
CA CYS A 37 25.77 -6.53 -35.55
C CYS A 37 26.39 -7.81 -36.08
N ALA A 38 25.58 -8.81 -36.41
CA ALA A 38 26.08 -10.15 -36.79
C ALA A 38 26.79 -10.18 -38.15
N THR A 39 26.36 -9.30 -39.06
CA THR A 39 26.95 -9.18 -40.39
C THR A 39 28.35 -8.54 -40.34
N SER A 40 28.44 -7.31 -39.83
CA SER A 40 29.68 -6.54 -39.83
C SER A 40 30.59 -6.85 -38.63
N GLU A 41 29.99 -7.33 -37.55
CA GLU A 41 30.66 -7.62 -36.27
C GLU A 41 31.14 -6.38 -35.53
N GLN A 42 30.52 -5.25 -35.88
CA GLN A 42 30.73 -3.98 -35.18
C GLN A 42 29.75 -3.88 -34.02
N THR A 43 30.23 -3.33 -32.91
CA THR A 43 29.39 -3.07 -31.75
C THR A 43 28.52 -1.85 -32.03
N VAL A 44 27.21 -2.01 -31.93
CA VAL A 44 26.28 -0.94 -32.29
C VAL A 44 25.69 -0.20 -31.10
N ALA A 45 25.67 -0.86 -29.94
CA ALA A 45 25.18 -0.27 -28.70
C ALA A 45 25.69 -1.09 -27.52
N THR A 46 25.83 -0.45 -26.35
CA THR A 46 26.20 -1.15 -25.12
C THR A 46 25.16 -0.95 -24.01
N PHE A 47 25.11 -1.90 -23.07
CA PHE A 47 24.03 -1.94 -22.06
C PHE A 47 24.57 -2.51 -20.73
N ALA A 48 23.90 -2.13 -19.64
CA ALA A 48 24.30 -2.55 -18.29
C ALA A 48 23.77 -3.94 -18.00
N VAL A 49 24.52 -4.66 -17.17
CA VAL A 49 24.12 -5.99 -16.74
C VAL A 49 23.67 -5.84 -15.29
N GLU A 50 22.45 -6.26 -14.99
CA GLU A 50 21.90 -6.10 -13.66
C GLU A 50 21.80 -7.43 -12.97
N GLU A 51 22.31 -7.51 -11.75
CA GLU A 51 22.23 -8.73 -10.94
C GLU A 51 20.81 -9.01 -10.54
N GLN A 52 20.38 -10.26 -10.65
CA GLN A 52 19.03 -10.67 -10.22
C GLN A 52 19.09 -11.70 -9.09
N GLY A 53 20.08 -12.58 -9.14
CA GLY A 53 20.29 -13.57 -8.10
C GLY A 53 19.68 -14.92 -8.40
N LYS A 54 19.42 -15.69 -7.35
CA LYS A 54 18.76 -16.98 -7.44
C LYS A 54 17.25 -16.84 -7.69
N VAL A 55 16.66 -17.86 -8.31
CA VAL A 55 15.21 -17.93 -8.49
C VAL A 55 14.68 -19.17 -7.79
N ALA A 56 13.71 -18.97 -6.90
CA ALA A 56 13.09 -20.03 -6.10
C ALA A 56 14.14 -21.05 -5.66
N ASN A 57 13.99 -22.28 -6.13
CA ASN A 57 14.98 -23.33 -5.90
C ASN A 57 15.48 -23.94 -7.23
N TRP A 58 15.48 -23.11 -8.29
CA TRP A 58 15.96 -23.49 -9.62
C TRP A 58 17.45 -23.79 -9.58
N HIS A 59 17.83 -24.94 -10.13
CA HIS A 59 19.20 -25.45 -10.03
C HIS A 59 20.23 -24.80 -10.98
N GLN A 60 19.80 -23.90 -11.86
CA GLN A 60 20.66 -23.28 -12.88
C GLN A 60 21.63 -22.20 -12.38
N GLY A 61 21.39 -21.69 -11.18
CA GLY A 61 22.33 -20.76 -10.56
C GLY A 61 21.84 -19.33 -10.53
N TYR A 62 22.67 -18.42 -11.04
CA TYR A 62 22.47 -16.99 -10.90
C TYR A 62 22.05 -16.36 -12.23
N PHE A 63 21.17 -15.38 -12.17
CA PHE A 63 20.63 -14.78 -13.37
C PHE A 63 20.94 -13.30 -13.42
N TYR A 64 21.30 -12.83 -14.60
CA TYR A 64 21.67 -11.44 -14.81
C TYR A 64 20.86 -10.88 -15.96
N LEU A 65 20.22 -9.74 -15.76
CA LEU A 65 19.38 -9.11 -16.76
C LEU A 65 20.15 -8.13 -17.63
N ILE A 66 19.91 -8.20 -18.94
CA ILE A 66 20.32 -7.16 -19.89
C ILE A 66 19.06 -6.65 -20.56
N ASP A 67 18.82 -5.35 -20.47
CA ASP A 67 17.63 -4.73 -21.05
C ASP A 67 18.02 -3.86 -22.23
N PHE A 68 17.78 -4.37 -23.44
CA PHE A 68 18.11 -3.61 -24.65
C PHE A 68 16.90 -3.02 -25.39
N SER A 69 15.78 -2.89 -24.67
CA SER A 69 14.51 -2.36 -25.20
C SER A 69 14.64 -1.06 -25.98
N SER A 70 15.55 -0.19 -25.53
CA SER A 70 15.74 1.14 -26.10
C SER A 70 16.40 1.14 -27.48
N PHE A 71 17.05 0.03 -27.82
CA PHE A 71 17.59 -0.17 -29.16
C PHE A 71 16.44 -0.45 -30.09
N THR A 72 16.39 0.26 -31.21
CA THR A 72 15.23 0.18 -32.11
C THR A 72 15.63 0.13 -33.59
N ASP A 73 16.76 -0.50 -33.89
CA ASP A 73 17.20 -0.65 -35.28
C ASP A 73 17.05 -2.07 -35.79
N SER A 74 16.54 -2.18 -37.01
CA SER A 74 16.31 -3.48 -37.61
C SER A 74 17.61 -4.15 -38.06
N GLY A 75 17.61 -5.48 -38.14
CA GLY A 75 18.80 -6.23 -38.53
C GLY A 75 19.04 -7.44 -37.66
N ASP A 76 20.16 -8.12 -37.89
CA ASP A 76 20.52 -9.29 -37.10
C ASP A 76 21.70 -9.01 -36.20
N TYR A 77 21.57 -9.44 -34.95
CA TYR A 77 22.50 -9.06 -33.89
C TYR A 77 22.78 -10.25 -32.97
N PHE A 78 23.82 -10.11 -32.17
CA PHE A 78 23.99 -10.99 -31.02
C PHE A 78 24.53 -10.17 -29.86
N LEU A 79 24.36 -10.72 -28.66
CA LEU A 79 24.89 -10.08 -27.45
C LEU A 79 26.19 -10.70 -27.01
N GLN A 80 27.02 -9.91 -26.33
CA GLN A 80 28.28 -10.39 -25.77
C GLN A 80 28.64 -9.72 -24.47
N VAL A 81 29.07 -10.53 -23.52
CA VAL A 81 29.68 -10.05 -22.28
C VAL A 81 30.84 -10.98 -22.01
N GLU A 82 32.05 -10.43 -21.91
CA GLU A 82 33.22 -11.13 -21.39
C GLU A 82 33.31 -12.60 -21.86
N ASP A 83 32.86 -13.51 -20.99
CA ASP A 83 32.82 -14.96 -21.22
C ASP A 83 31.95 -15.39 -22.42
N SER A 84 30.75 -14.85 -22.47
CA SER A 84 29.66 -15.46 -23.19
C SER A 84 29.10 -14.63 -24.34
N ARG A 85 28.44 -15.33 -25.25
CA ARG A 85 27.91 -14.74 -26.47
C ARG A 85 26.56 -15.39 -26.74
N SER A 86 25.57 -14.61 -27.14
CA SER A 86 24.27 -15.17 -27.47
C SER A 86 24.26 -15.68 -28.90
N SER A 87 23.25 -16.44 -29.28
CA SER A 87 23.04 -16.77 -30.67
C SER A 87 22.47 -15.55 -31.38
N THR A 88 22.40 -15.60 -32.70
CA THR A 88 22.00 -14.44 -33.48
C THR A 88 20.47 -14.31 -33.64
N PHE A 89 19.92 -13.18 -33.22
CA PHE A 89 18.48 -12.94 -33.33
C PHE A 89 18.20 -11.79 -34.30
N THR A 90 16.96 -11.68 -34.78
CA THR A 90 16.56 -10.57 -35.65
C THR A 90 15.79 -9.52 -34.86
N VAL A 91 15.99 -8.25 -35.20
CA VAL A 91 15.15 -7.19 -34.68
C VAL A 91 14.33 -6.64 -35.85
N GLY A 92 13.01 -6.64 -35.73
CA GLY A 92 12.13 -6.10 -36.79
C GLY A 92 10.63 -6.15 -36.50
N GLU A 93 9.84 -5.55 -37.39
CA GLU A 93 8.36 -5.57 -37.31
C GLU A 93 7.78 -6.94 -37.58
N HIS A 94 6.84 -7.35 -36.73
CA HIS A 94 6.06 -8.58 -36.88
C HIS A 94 6.91 -9.83 -37.02
N ILE A 95 7.97 -9.94 -36.22
CA ILE A 95 8.98 -10.98 -36.42
C ILE A 95 8.45 -12.41 -36.19
N LEU A 96 7.78 -12.65 -35.08
CA LEU A 96 7.21 -13.98 -34.83
C LEU A 96 6.09 -14.33 -35.82
N LEU A 97 5.30 -13.33 -36.20
CA LEU A 97 4.29 -13.49 -37.24
C LEU A 97 4.93 -13.94 -38.57
N ASN A 98 5.78 -13.05 -39.13
CA ASN A 98 6.51 -13.27 -40.39
C ASN A 98 7.24 -14.60 -40.49
N GLN A 99 7.86 -15.02 -39.38
CA GLN A 99 8.74 -16.18 -39.37
C GLN A 99 8.06 -17.48 -39.03
N THR A 100 6.97 -17.44 -38.28
CA THR A 100 6.50 -18.67 -37.66
C THR A 100 5.06 -19.07 -37.94
N LEU A 101 4.22 -18.13 -38.39
CA LEU A 101 2.79 -18.43 -38.52
C LEU A 101 2.52 -19.57 -39.52
N SER A 102 3.09 -19.44 -40.70
CA SER A 102 2.95 -20.40 -41.79
C SER A 102 3.31 -21.84 -41.40
N ASP A 103 4.36 -21.98 -40.61
CA ASP A 103 4.77 -23.29 -40.13
C ASP A 103 3.79 -23.90 -39.12
N VAL A 104 3.13 -23.05 -38.32
CA VAL A 104 2.11 -23.52 -37.38
C VAL A 104 0.83 -24.00 -38.11
N ILE A 105 0.47 -23.33 -39.20
CA ILE A 105 -0.65 -23.74 -40.04
C ILE A 105 -0.35 -25.12 -40.65
N HIS A 106 0.81 -25.25 -41.28
CA HIS A 106 1.27 -26.53 -41.83
C HIS A 106 1.32 -27.62 -40.74
N TYR A 107 1.58 -27.20 -39.51
CA TYR A 107 1.55 -28.11 -38.37
C TYR A 107 0.16 -28.67 -38.19
N PHE A 108 -0.85 -27.79 -38.22
CA PHE A 108 -2.22 -28.24 -38.01
C PHE A 108 -2.68 -29.15 -39.14
N LYS A 109 -2.41 -28.72 -40.38
CA LYS A 109 -2.72 -29.53 -41.55
C LYS A 109 -2.05 -30.92 -41.53
N SER A 110 -0.80 -30.98 -41.08
CA SER A 110 -0.09 -32.26 -40.89
C SER A 110 -0.70 -33.15 -39.81
N GLN A 111 -1.42 -32.54 -38.87
CA GLN A 111 -1.99 -33.27 -37.74
C GLN A 111 -3.47 -33.65 -37.91
N ARG A 112 -4.06 -33.27 -39.05
CA ARG A 112 -5.43 -33.67 -39.42
C ARG A 112 -5.61 -35.18 -39.41
N CYS A 113 -6.79 -35.61 -38.97
CA CYS A 113 -7.14 -37.02 -38.95
C CYS A 113 -7.25 -37.59 -40.35
N GLY A 114 -6.64 -38.76 -40.57
CA GLY A 114 -6.59 -39.40 -41.88
C GLY A 114 -6.45 -40.91 -41.81
N GLY A 115 -6.41 -41.53 -42.99
CA GLY A 115 -6.14 -42.95 -43.16
C GLY A 115 -7.01 -43.90 -42.35
N VAL A 116 -6.39 -44.92 -41.76
CA VAL A 116 -7.11 -45.97 -41.01
C VAL A 116 -7.87 -45.43 -39.80
N PHE A 117 -7.42 -44.31 -39.26
CA PHE A 117 -8.06 -43.66 -38.12
C PHE A 117 -9.32 -42.94 -38.54
N ASP A 118 -9.22 -42.10 -39.58
CA ASP A 118 -10.37 -41.34 -40.08
C ASP A 118 -11.48 -42.24 -40.66
N GLN A 119 -11.10 -43.30 -41.37
CA GLN A 119 -12.05 -44.27 -41.93
C GLN A 119 -12.85 -44.97 -40.85
N GLN A 120 -12.16 -45.39 -39.78
CA GLN A 120 -12.79 -45.96 -38.61
C GLN A 120 -13.73 -44.95 -37.94
N ASP A 121 -13.33 -43.67 -37.99
CA ASP A 121 -14.09 -42.57 -37.37
C ASP A 121 -15.41 -42.18 -38.05
N ARG A 122 -15.74 -42.87 -39.13
CA ARG A 122 -17.06 -42.73 -39.76
C ARG A 122 -18.06 -43.75 -39.19
N GLN A 123 -17.55 -44.57 -38.27
CA GLN A 123 -18.26 -45.73 -37.74
C GLN A 123 -17.79 -46.04 -36.30
N VAL A 124 -17.81 -45.03 -35.42
CA VAL A 124 -17.26 -45.17 -34.08
C VAL A 124 -18.32 -45.57 -33.06
N PRO A 125 -18.05 -46.62 -32.27
CA PRO A 125 -18.85 -47.05 -31.11
C PRO A 125 -19.04 -45.96 -30.05
N VAL A 126 -20.30 -45.60 -29.81
CA VAL A 126 -20.67 -44.72 -28.70
C VAL A 126 -20.91 -45.62 -27.50
N LEU A 127 -20.06 -45.47 -26.48
CA LEU A 127 -20.00 -46.41 -25.35
C LEU A 127 -21.35 -46.56 -24.64
N ASN A 128 -21.75 -47.82 -24.45
CA ASN A 128 -23.02 -48.21 -23.83
C ASN A 128 -24.26 -47.54 -24.42
N ALA A 129 -24.29 -47.42 -25.75
CA ALA A 129 -25.39 -46.76 -26.45
C ALA A 129 -25.90 -47.58 -27.63
N ASN A 130 -25.22 -48.71 -27.88
CA ASN A 130 -25.58 -49.68 -28.92
C ASN A 130 -25.80 -49.07 -30.32
N GLN A 131 -24.94 -48.10 -30.65
CA GLN A 131 -24.98 -47.39 -31.93
C GLN A 131 -23.61 -46.84 -32.34
N THR A 132 -23.62 -45.99 -33.37
CA THR A 132 -22.42 -45.62 -34.09
C THR A 132 -22.53 -44.18 -34.61
N ALA A 133 -21.41 -43.46 -34.58
CA ALA A 133 -21.38 -42.09 -35.09
C ALA A 133 -20.31 -41.88 -36.17
N ASP A 134 -20.63 -41.00 -37.13
CA ASP A 134 -19.66 -40.52 -38.11
C ASP A 134 -19.03 -39.24 -37.59
N VAL A 135 -17.89 -39.38 -36.95
CA VAL A 135 -17.17 -38.23 -36.41
C VAL A 135 -15.78 -38.06 -37.06
N HIS A 136 -15.71 -38.27 -38.37
CA HIS A 136 -14.46 -38.11 -39.11
C HIS A 136 -14.06 -36.64 -39.17
N GLY A 137 -12.76 -36.37 -39.32
CA GLY A 137 -12.25 -35.01 -39.38
C GLY A 137 -11.56 -34.63 -38.08
N GLY A 138 -11.23 -33.35 -37.94
CA GLY A 138 -10.53 -32.87 -36.76
C GLY A 138 -9.06 -33.22 -36.77
N TRP A 139 -8.36 -32.92 -35.67
CA TRP A 139 -6.94 -33.19 -35.53
C TRP A 139 -6.66 -34.23 -34.46
N TYR A 140 -5.55 -34.94 -34.60
CA TYR A 140 -5.03 -35.80 -33.54
C TYR A 140 -4.63 -34.86 -32.43
N ASP A 141 -4.77 -35.32 -31.20
CA ASP A 141 -4.61 -34.44 -30.06
C ASP A 141 -3.15 -34.09 -29.76
N ALA A 142 -2.31 -35.12 -29.80
CA ALA A 142 -0.91 -35.02 -29.39
C ALA A 142 0.00 -35.77 -30.36
N SER A 143 1.30 -35.62 -30.19
CA SER A 143 2.28 -36.36 -31.00
CA SER A 143 2.29 -36.36 -30.97
C SER A 143 2.31 -37.84 -30.61
N GLY A 144 1.81 -38.17 -29.42
CA GLY A 144 1.66 -39.56 -29.00
C GLY A 144 0.20 -39.97 -28.79
N ASP A 145 -0.74 -39.23 -29.38
CA ASP A 145 -2.16 -39.56 -29.24
C ASP A 145 -3.03 -39.22 -30.46
N VAL A 146 -3.56 -40.27 -31.09
CA VAL A 146 -4.42 -40.13 -32.27
C VAL A 146 -5.91 -39.93 -31.92
N SER A 147 -6.21 -40.00 -30.63
CA SER A 147 -7.54 -39.65 -30.11
C SER A 147 -7.90 -38.17 -30.38
N LYS A 148 -9.20 -37.88 -30.38
CA LYS A 148 -9.69 -36.52 -30.65
C LYS A 148 -10.58 -36.02 -29.51
N TYR A 149 -10.27 -34.83 -29.00
CA TYR A 149 -10.82 -34.34 -27.75
C TYR A 149 -11.47 -32.98 -27.92
N LEU A 150 -12.65 -32.80 -27.32
CA LEU A 150 -13.17 -31.47 -27.07
C LEU A 150 -12.60 -30.97 -25.75
N SER A 151 -12.43 -31.94 -24.84
CA SER A 151 -11.74 -31.76 -23.55
C SER A 151 -11.46 -33.13 -22.94
N HIS A 152 -10.87 -33.12 -21.74
CA HIS A 152 -10.75 -34.29 -20.88
C HIS A 152 -10.47 -33.86 -19.44
N LEU A 153 -10.08 -34.82 -18.60
CA LEU A 153 -9.87 -34.65 -17.14
C LEU A 153 -11.10 -34.15 -16.39
N SER A 154 -12.30 -34.48 -16.90
CA SER A 154 -13.55 -33.92 -16.40
C SER A 154 -13.81 -34.27 -14.94
N TYR A 155 -13.41 -35.48 -14.56
CA TYR A 155 -13.55 -35.99 -13.20
C TYR A 155 -12.84 -35.17 -12.12
N ALA A 156 -11.82 -34.41 -12.52
CA ALA A 156 -11.05 -33.56 -11.60
C ALA A 156 -11.71 -32.19 -11.39
N ASN A 157 -12.66 -31.87 -12.27
CA ASN A 157 -13.56 -30.69 -12.18
C ASN A 157 -12.95 -29.32 -12.47
N TYR A 158 -11.74 -29.10 -12.00
CA TYR A 158 -11.12 -27.78 -12.10
C TYR A 158 -9.98 -27.74 -13.13
N LEU A 159 -9.82 -28.83 -13.87
CA LEU A 159 -8.68 -29.03 -14.76
C LEU A 159 -8.99 -28.98 -16.27
N ASN A 160 -10.27 -29.18 -16.61
CA ASN A 160 -10.78 -29.17 -17.99
C ASN A 160 -10.14 -28.20 -19.00
N PRO A 161 -9.30 -28.73 -19.91
CA PRO A 161 -8.73 -27.92 -20.98
C PRO A 161 -9.65 -27.84 -22.20
N GLN A 162 -9.72 -26.66 -22.81
CA GLN A 162 -10.46 -26.51 -24.08
C GLN A 162 -9.52 -26.91 -25.19
N GLN A 163 -9.89 -27.92 -25.98
CA GLN A 163 -8.95 -28.53 -26.94
C GLN A 163 -9.33 -28.25 -28.40
N THR A 164 -9.88 -29.23 -29.11
CA THR A 164 -10.27 -29.02 -30.52
C THR A 164 -11.10 -27.75 -30.80
N PRO A 165 -12.12 -27.44 -29.97
CA PRO A 165 -12.84 -26.21 -30.29
C PRO A 165 -12.01 -24.94 -30.09
N MET A 166 -11.07 -24.99 -29.14
CA MET A 166 -10.17 -23.87 -28.86
C MET A 166 -9.30 -23.56 -30.07
N VAL A 167 -8.81 -24.62 -30.73
CA VAL A 167 -8.08 -24.50 -32.00
C VAL A 167 -8.89 -23.70 -33.03
N VAL A 168 -10.16 -24.08 -33.20
CA VAL A 168 -11.09 -23.44 -34.14
C VAL A 168 -11.39 -21.98 -33.75
N TRP A 169 -11.72 -21.76 -32.47
CA TRP A 169 -11.94 -20.40 -31.96
C TRP A 169 -10.71 -19.50 -32.18
N ASN A 170 -9.54 -20.00 -31.78
CA ASN A 170 -8.30 -19.22 -31.87
C ASN A 170 -7.95 -18.75 -33.28
N ILE A 171 -8.12 -19.63 -34.27
CA ILE A 171 -7.84 -19.31 -35.66
C ILE A 171 -8.81 -18.24 -36.17
N LEU A 172 -10.08 -18.44 -35.82
CA LEU A 172 -11.13 -17.50 -36.19
C LEU A 172 -10.93 -16.13 -35.53
N LYS A 173 -10.54 -16.15 -34.25
CA LYS A 173 -10.23 -14.92 -33.52
C LYS A 173 -9.05 -14.17 -34.14
N GLY A 174 -7.98 -14.92 -34.41
CA GLY A 174 -6.79 -14.37 -35.06
C GLY A 174 -7.11 -13.78 -36.42
N LEU A 175 -7.91 -14.52 -37.18
CA LEU A 175 -8.39 -14.08 -38.49
C LEU A 175 -9.08 -12.73 -38.42
N SER A 176 -9.95 -12.57 -37.42
CA SER A 176 -10.72 -11.35 -37.23
C SER A 176 -9.86 -10.18 -36.72
N LEU A 177 -8.82 -10.49 -35.94
CA LEU A 177 -7.88 -9.46 -35.48
C LEU A 177 -7.05 -8.83 -36.60
N LEU A 178 -6.65 -9.65 -37.57
CA LEU A 178 -5.82 -9.16 -38.66
C LEU A 178 -6.63 -8.92 -39.93
N GLU A 179 -7.95 -8.96 -39.80
CA GLU A 179 -8.85 -8.72 -40.93
C GLU A 179 -8.76 -7.27 -41.40
N GLY A 180 -8.47 -7.09 -42.69
CA GLY A 180 -8.32 -5.75 -43.27
C GLY A 180 -6.93 -5.13 -43.13
N SER A 181 -6.04 -5.83 -42.45
CA SER A 181 -4.65 -5.38 -42.33
C SER A 181 -3.80 -6.13 -43.34
N GLU A 182 -2.63 -5.57 -43.65
CA GLU A 182 -1.71 -6.22 -44.57
C GLU A 182 -0.64 -7.05 -43.85
N ASP A 183 -0.86 -7.29 -42.56
CA ASP A 183 0.04 -8.06 -41.70
C ASP A 183 0.26 -9.49 -42.20
N ILE A 184 -0.81 -10.18 -42.55
CA ILE A 184 -0.72 -11.45 -43.27
C ILE A 184 -1.14 -11.28 -44.74
N ALA A 185 -0.71 -12.21 -45.58
CA ALA A 185 -1.03 -12.19 -47.00
C ALA A 185 -2.36 -12.88 -47.27
N ALA A 186 -2.93 -12.62 -48.45
CA ALA A 186 -4.24 -13.15 -48.84
C ALA A 186 -4.31 -14.67 -48.77
N PHE A 187 -3.25 -15.32 -49.24
CA PHE A 187 -3.17 -16.77 -49.27
C PHE A 187 -3.05 -17.38 -47.87
N THR A 188 -2.42 -16.64 -46.96
CA THR A 188 -2.32 -17.05 -45.55
C THR A 188 -3.71 -17.04 -44.90
N ARG A 189 -4.47 -15.97 -45.20
CA ARG A 189 -5.88 -15.86 -44.78
C ARG A 189 -6.71 -17.07 -45.29
N THR A 190 -6.63 -17.34 -46.61
CA THR A 190 -7.25 -18.53 -47.23
C THR A 190 -6.91 -19.82 -46.45
N ARG A 191 -5.62 -20.03 -46.17
CA ARG A 191 -5.14 -21.21 -45.46
C ARG A 191 -5.65 -21.30 -44.03
N LEU A 192 -5.73 -20.16 -43.35
CA LEU A 192 -6.25 -20.13 -41.98
C LEU A 192 -7.75 -20.44 -41.96
N ILE A 193 -8.50 -19.80 -42.86
CA ILE A 193 -9.93 -20.08 -43.07
C ILE A 193 -10.18 -21.56 -43.31
N GLU A 194 -9.40 -22.16 -44.22
CA GLU A 194 -9.45 -23.59 -44.51
C GLU A 194 -9.27 -24.48 -43.27
N GLU A 195 -8.32 -24.11 -42.43
CA GLU A 195 -7.98 -24.90 -41.25
C GLU A 195 -9.03 -24.78 -40.16
N ALA A 196 -9.63 -23.59 -40.09
CA ALA A 196 -10.71 -23.30 -39.16
C ALA A 196 -11.96 -24.08 -39.58
N LEU A 197 -12.33 -23.98 -40.85
CA LEU A 197 -13.50 -24.69 -41.38
C LEU A 197 -13.37 -26.21 -41.30
N PHE A 198 -12.15 -26.71 -41.44
CA PHE A 198 -11.89 -28.14 -41.28
C PHE A 198 -12.32 -28.61 -39.88
N GLY A 199 -11.92 -27.88 -38.85
CA GLY A 199 -12.35 -28.20 -37.47
C GLY A 199 -13.82 -27.92 -37.21
N ALA A 200 -14.35 -26.88 -37.86
CA ALA A 200 -15.77 -26.51 -37.73
C ALA A 200 -16.69 -27.67 -38.14
N ASP A 201 -16.39 -28.30 -39.28
CA ASP A 201 -17.14 -29.44 -39.78
C ASP A 201 -17.09 -30.60 -38.82
N PHE A 202 -15.96 -30.76 -38.15
CA PHE A 202 -15.80 -31.83 -37.20
C PHE A 202 -16.63 -31.58 -35.94
N LEU A 203 -16.82 -30.31 -35.60
CA LEU A 203 -17.60 -29.96 -34.42
C LEU A 203 -19.07 -30.26 -34.66
N VAL A 204 -19.54 -29.92 -35.87
CA VAL A 204 -20.87 -30.32 -36.35
C VAL A 204 -21.12 -31.82 -36.16
N ARG A 205 -20.17 -32.64 -36.65
CA ARG A 205 -20.23 -34.09 -36.53
C ARG A 205 -20.17 -34.60 -35.09
N MET A 206 -19.56 -33.81 -34.20
CA MET A 206 -19.45 -34.22 -32.80
C MET A 206 -20.69 -33.88 -31.98
N GLN A 207 -21.68 -33.25 -32.63
CA GLN A 207 -22.96 -32.98 -31.99
C GLN A 207 -23.96 -34.11 -32.22
N ASN A 208 -24.44 -34.67 -31.12
CA ASN A 208 -25.59 -35.59 -31.09
C ASN A 208 -26.86 -34.89 -31.56
N GLU A 209 -27.87 -35.64 -31.98
CA GLU A 209 -29.17 -35.06 -32.38
C GLU A 209 -29.94 -34.44 -31.20
N LYS A 210 -29.67 -34.94 -29.99
CA LYS A 210 -30.24 -34.37 -28.76
C LYS A 210 -29.80 -32.92 -28.49
N GLY A 211 -28.59 -32.57 -28.94
CA GLY A 211 -28.07 -31.20 -28.85
C GLY A 211 -26.67 -31.08 -28.24
N PHE A 212 -26.30 -32.06 -27.42
CA PHE A 212 -24.99 -32.05 -26.78
C PHE A 212 -23.89 -32.47 -27.74
N PHE A 213 -22.68 -31.99 -27.46
CA PHE A 213 -21.50 -32.45 -28.18
C PHE A 213 -20.84 -33.62 -27.43
N TYR A 214 -20.26 -34.55 -28.20
CA TYR A 214 -19.47 -35.63 -27.62
C TYR A 214 -18.12 -35.10 -27.14
N MET A 215 -17.60 -35.65 -26.04
CA MET A 215 -16.38 -35.11 -25.44
C MET A 215 -15.09 -35.66 -26.07
N THR A 216 -14.99 -36.98 -26.23
CA THR A 216 -13.75 -37.60 -26.68
C THR A 216 -14.03 -38.73 -27.66
N VAL A 217 -13.15 -38.88 -28.64
CA VAL A 217 -13.00 -40.11 -29.40
C VAL A 217 -11.68 -40.69 -28.90
N PHE A 218 -11.75 -41.72 -28.07
CA PHE A 218 -10.59 -42.19 -27.29
C PHE A 218 -10.20 -43.62 -27.62
N ASP A 219 -8.90 -43.88 -27.65
CA ASP A 219 -8.40 -45.20 -28.06
C ASP A 219 -7.53 -45.87 -27.01
N LYS A 220 -7.52 -45.30 -25.80
CA LYS A 220 -6.67 -45.73 -24.67
C LYS A 220 -5.17 -45.66 -25.01
N TRP A 221 -4.82 -44.68 -25.84
CA TRP A 221 -3.46 -44.44 -26.36
C TRP A 221 -2.84 -45.64 -27.05
N SER A 222 -3.65 -46.44 -27.74
CA SER A 222 -3.18 -47.71 -28.32
C SER A 222 -2.85 -47.62 -29.81
N LYS A 223 -3.40 -46.60 -30.48
CA LYS A 223 -3.28 -46.42 -31.95
C LYS A 223 -3.96 -47.53 -32.75
N ASP A 224 -4.63 -48.44 -32.01
CA ASP A 224 -5.45 -49.52 -32.55
C ASP A 224 -6.85 -48.97 -32.81
N THR A 225 -7.25 -49.01 -34.08
CA THR A 225 -8.54 -48.46 -34.53
C THR A 225 -9.75 -49.20 -33.94
N ALA A 226 -9.55 -50.47 -33.59
CA ALA A 226 -10.56 -51.28 -32.90
C ALA A 226 -10.97 -50.66 -31.55
N GLN A 227 -10.04 -49.97 -30.90
CA GLN A 227 -10.27 -49.42 -29.56
C GLN A 227 -10.84 -47.99 -29.53
N ARG A 228 -11.05 -47.40 -30.71
CA ARG A 228 -11.60 -46.05 -30.80
C ARG A 228 -13.08 -46.04 -30.44
N GLU A 229 -13.39 -45.38 -29.32
CA GLU A 229 -14.75 -45.32 -28.78
C GLU A 229 -15.07 -43.90 -28.34
N ILE A 230 -16.26 -43.41 -28.69
CA ILE A 230 -16.75 -42.15 -28.12
C ILE A 230 -17.08 -42.36 -26.64
N CYS A 231 -16.31 -41.70 -25.77
CA CYS A 231 -16.50 -41.82 -24.33
C CYS A 231 -15.90 -40.64 -23.54
N ALA A 232 -15.86 -40.79 -22.22
CA ALA A 232 -15.10 -39.96 -21.31
C ALA A 232 -14.17 -40.93 -20.59
N TYR A 233 -13.08 -40.43 -20.01
CA TYR A 233 -12.19 -41.33 -19.26
C TYR A 233 -11.56 -40.74 -17.99
N GLU A 234 -11.06 -41.63 -17.14
CA GLU A 234 -10.60 -41.26 -15.81
C GLU A 234 -9.27 -41.90 -15.47
N THR A 235 -8.52 -41.24 -14.58
CA THR A 235 -7.16 -41.64 -14.14
C THR A 235 -6.10 -41.65 -15.26
N GLN A 236 -4.87 -42.03 -14.91
CA GLN A 236 -3.80 -42.18 -15.88
C GLN A 236 -3.98 -43.49 -16.67
N LEU A 237 -4.67 -44.44 -16.05
CA LEU A 237 -4.92 -45.75 -16.68
C LEU A 237 -5.97 -45.70 -17.80
N GLY A 238 -6.75 -44.62 -17.83
CA GLY A 238 -7.65 -44.33 -18.94
C GLY A 238 -8.91 -45.17 -18.99
N HIS A 239 -9.50 -45.44 -17.81
CA HIS A 239 -10.75 -46.21 -17.70
C HIS A 239 -11.89 -45.44 -18.37
N LYS A 240 -12.54 -46.09 -19.34
CA LYS A 240 -13.57 -45.45 -20.15
C LYS A 240 -14.95 -45.53 -19.48
N PHE A 241 -15.62 -44.38 -19.40
CA PHE A 241 -16.97 -44.28 -18.84
C PHE A 241 -17.89 -43.55 -19.83
N ASP A 242 -19.18 -43.64 -19.59
CA ASP A 242 -20.18 -43.22 -20.58
C ASP A 242 -20.79 -41.84 -20.34
N ASP A 243 -20.05 -40.95 -19.66
CA ASP A 243 -20.49 -39.57 -19.45
C ASP A 243 -19.85 -38.64 -20.47
N TYR A 244 -20.15 -38.91 -21.74
CA TYR A 244 -19.45 -38.32 -22.89
C TYR A 244 -20.07 -37.01 -23.35
N GLN A 245 -21.12 -36.57 -22.66
CA GLN A 245 -21.79 -35.33 -23.01
C GLN A 245 -20.92 -34.20 -22.47
N ALA A 246 -20.63 -33.24 -23.34
CA ALA A 246 -19.74 -32.15 -22.97
C ALA A 246 -20.50 -31.04 -22.26
N GLY A 247 -20.14 -30.79 -21.00
CA GLY A 247 -20.61 -29.63 -20.28
C GLY A 247 -19.95 -28.37 -20.85
N PHE A 248 -20.45 -27.21 -20.45
CA PHE A 248 -19.86 -25.92 -20.85
C PHE A 248 -18.35 -25.90 -20.67
N ARG A 249 -17.90 -26.40 -19.52
CA ARG A 249 -16.48 -26.48 -19.18
C ARG A 249 -15.74 -27.66 -19.80
N GLN A 250 -16.50 -28.62 -20.31
CA GLN A 250 -15.91 -29.85 -20.85
C GLN A 250 -15.85 -29.80 -22.38
N GLY A 251 -15.61 -28.62 -22.93
CA GLY A 251 -15.45 -28.47 -24.35
C GLY A 251 -16.69 -27.94 -25.01
N GLY A 252 -17.83 -28.20 -24.35
CA GLY A 252 -19.15 -27.80 -24.84
C GLY A 252 -19.25 -26.33 -25.22
N GLY A 253 -18.85 -25.46 -24.29
CA GLY A 253 -18.99 -24.02 -24.48
C GLY A 253 -18.20 -23.43 -25.63
N VAL A 254 -16.93 -23.82 -25.74
CA VAL A 254 -16.07 -23.31 -26.82
C VAL A 254 -16.50 -23.87 -28.19
N ALA A 255 -16.99 -25.12 -28.18
CA ALA A 255 -17.57 -25.75 -29.38
C ALA A 255 -18.67 -24.86 -29.97
N ILE A 256 -19.56 -24.39 -29.09
CA ILE A 256 -20.64 -23.47 -29.46
C ILE A 256 -20.06 -22.16 -30.01
N ALA A 257 -19.08 -21.60 -29.29
CA ALA A 257 -18.44 -20.34 -29.65
C ALA A 257 -17.75 -20.45 -31.00
N ALA A 258 -17.02 -21.55 -31.19
CA ALA A 258 -16.30 -21.81 -32.44
C ALA A 258 -17.24 -21.89 -33.64
N LEU A 259 -18.30 -22.70 -33.51
CA LEU A 259 -19.29 -22.87 -34.55
C LEU A 259 -20.01 -21.55 -34.88
N ALA A 260 -20.36 -20.80 -33.83
CA ALA A 260 -20.97 -19.49 -33.97
C ALA A 260 -20.07 -18.52 -34.74
N ALA A 261 -18.79 -18.50 -34.38
CA ALA A 261 -17.80 -17.65 -35.06
C ALA A 261 -17.61 -18.06 -36.51
N ALA A 262 -17.56 -19.38 -36.73
CA ALA A 262 -17.47 -19.98 -38.05
C ALA A 262 -18.62 -19.56 -38.97
N SER A 263 -19.82 -19.43 -38.38
CA SER A 263 -21.03 -19.08 -39.11
C SER A 263 -21.01 -17.64 -39.69
N ARG A 264 -20.11 -16.80 -39.19
CA ARG A 264 -19.99 -15.41 -39.66
C ARG A 264 -19.16 -15.24 -40.94
N LEU A 265 -18.40 -16.28 -41.28
CA LEU A 265 -17.53 -16.25 -42.46
C LEU A 265 -18.25 -16.19 -43.81
N GLY A 266 -17.64 -15.50 -44.77
CA GLY A 266 -18.13 -15.42 -46.16
C GLY A 266 -18.14 -16.74 -46.94
N VAL A 267 -17.36 -17.72 -46.50
CA VAL A 267 -17.31 -19.05 -47.12
C VAL A 267 -17.54 -20.11 -46.03
N HIS A 268 -17.66 -21.39 -46.43
CA HIS A 268 -17.96 -22.49 -45.48
C HIS A 268 -17.30 -23.81 -45.86
N GLY A 269 -17.32 -24.78 -44.94
CA GLY A 269 -16.72 -26.10 -45.17
C GLY A 269 -17.67 -27.04 -45.87
N GLU A 270 -17.71 -28.28 -45.40
CA GLU A 270 -18.65 -29.29 -45.91
C GLU A 270 -20.09 -28.88 -45.56
N TYR A 271 -20.25 -28.26 -44.40
CA TYR A 271 -21.52 -27.75 -43.92
C TYR A 271 -21.55 -26.24 -44.13
N ASP A 272 -22.74 -25.66 -44.26
CA ASP A 272 -22.86 -24.20 -44.51
C ASP A 272 -23.04 -23.35 -43.24
N GLN A 273 -23.04 -22.02 -43.42
CA GLN A 273 -23.11 -21.06 -42.31
C GLN A 273 -24.32 -21.31 -41.43
N GLN A 274 -25.48 -21.51 -42.06
CA GLN A 274 -26.74 -21.84 -41.40
C GLN A 274 -26.61 -23.09 -40.51
N LYS A 275 -25.96 -24.13 -41.03
CA LYS A 275 -25.75 -25.37 -40.29
C LYS A 275 -24.84 -25.16 -39.05
N TYR A 276 -23.80 -24.34 -39.22
CA TYR A 276 -22.92 -23.96 -38.10
C TYR A 276 -23.70 -23.20 -37.03
N ARG A 277 -24.45 -22.18 -37.46
CA ARG A 277 -25.30 -21.37 -36.59
C ARG A 277 -26.32 -22.20 -35.80
N ASN A 278 -27.06 -23.06 -36.51
CA ASN A 278 -28.08 -23.90 -35.88
C ASN A 278 -27.51 -24.89 -34.88
N ALA A 279 -26.35 -25.46 -35.22
CA ALA A 279 -25.66 -26.38 -34.31
C ALA A 279 -25.21 -25.66 -33.04
N ALA A 280 -24.88 -24.37 -33.17
CA ALA A 280 -24.43 -23.55 -32.05
C ALA A 280 -25.60 -23.24 -31.10
N GLU A 281 -26.65 -22.62 -31.65
CA GLU A 281 -27.89 -22.31 -30.93
C GLU A 281 -28.44 -23.50 -30.14
N ASN A 282 -28.59 -24.65 -30.82
CA ASN A 282 -29.10 -25.88 -30.21
C ASN A 282 -28.20 -26.41 -29.10
N GLY A 283 -26.90 -26.31 -29.32
CA GLY A 283 -25.90 -26.74 -28.34
C GLY A 283 -25.96 -25.91 -27.08
N TYR A 284 -26.14 -24.60 -27.29
CA TYR A 284 -26.23 -23.64 -26.18
C TYR A 284 -27.42 -23.90 -25.26
N TRP A 285 -28.62 -23.80 -25.82
CA TRP A 285 -29.85 -23.95 -25.06
C TRP A 285 -30.05 -25.34 -24.47
N HIS A 286 -29.44 -26.35 -25.10
CA HIS A 286 -29.36 -27.68 -24.52
C HIS A 286 -28.57 -27.66 -23.22
N LEU A 287 -27.45 -26.94 -23.22
CA LEU A 287 -26.59 -26.86 -22.04
C LEU A 287 -27.16 -25.95 -20.95
N LYS A 288 -27.83 -24.87 -21.38
CA LYS A 288 -28.69 -24.06 -20.51
C LYS A 288 -29.67 -24.92 -19.73
N GLU A 289 -30.20 -25.93 -20.40
CA GLU A 289 -31.13 -26.89 -19.81
C GLU A 289 -30.46 -28.01 -19.01
N HIS A 290 -29.32 -28.52 -19.48
CA HIS A 290 -28.81 -29.79 -18.96
C HIS A 290 -27.42 -29.80 -18.30
N ASN A 291 -26.72 -28.67 -18.34
CA ASN A 291 -25.31 -28.58 -17.95
C ASN A 291 -24.90 -29.38 -16.71
N THR A 292 -25.61 -29.16 -15.61
CA THR A 292 -25.25 -29.67 -14.28
C THR A 292 -25.34 -31.20 -14.15
N GLN A 293 -26.06 -31.83 -15.08
CA GLN A 293 -26.18 -33.28 -15.14
C GLN A 293 -24.94 -33.91 -15.77
N TYR A 294 -24.23 -33.10 -16.55
CA TYR A 294 -23.01 -33.54 -17.25
C TYR A 294 -21.73 -33.32 -16.43
N LEU A 295 -21.74 -32.32 -15.55
CA LEU A 295 -20.58 -32.00 -14.71
C LEU A 295 -20.44 -33.01 -13.59
N ASN A 296 -19.25 -33.59 -13.46
CA ASN A 296 -18.98 -34.70 -12.54
C ASN A 296 -19.33 -34.46 -11.07
N ASP A 297 -19.15 -33.22 -10.60
CA ASP A 297 -19.49 -32.82 -9.24
C ASP A 297 -20.87 -32.16 -9.16
N GLY A 298 -21.43 -31.77 -10.31
CA GLY A 298 -22.75 -31.15 -10.37
C GLY A 298 -22.74 -29.63 -10.33
N GLU A 299 -21.66 -29.07 -9.78
CA GLU A 299 -21.54 -27.62 -9.62
C GLU A 299 -20.83 -26.99 -10.82
N GLU A 300 -21.43 -25.95 -11.37
CA GLU A 300 -20.78 -25.13 -12.38
C GLU A 300 -19.65 -24.34 -11.73
N ASN A 301 -18.51 -24.22 -12.42
CA ASN A 301 -17.43 -23.35 -11.94
C ASN A 301 -17.02 -22.21 -12.89
N ILE A 302 -15.81 -21.68 -12.68
CA ILE A 302 -15.25 -20.58 -13.46
C ILE A 302 -15.12 -20.96 -14.94
N ILE A 303 -14.72 -22.22 -15.18
CA ILE A 303 -14.47 -22.71 -16.52
C ILE A 303 -15.79 -22.73 -17.29
N ASP A 304 -16.85 -23.22 -16.64
CA ASP A 304 -18.21 -23.22 -17.21
C ASP A 304 -18.62 -21.83 -17.65
N GLU A 305 -18.34 -20.85 -16.77
CA GLU A 305 -18.72 -19.46 -16.96
C GLU A 305 -17.95 -18.72 -18.06
N TYR A 306 -16.62 -18.90 -18.14
CA TYR A 306 -15.87 -18.25 -19.24
C TYR A 306 -16.11 -18.88 -20.61
N CYS A 307 -16.33 -20.20 -20.62
CA CYS A 307 -16.68 -20.89 -21.87
C CYS A 307 -18.06 -20.50 -22.36
N ALA A 308 -19.02 -20.47 -21.43
CA ALA A 308 -20.38 -20.04 -21.74
C ALA A 308 -20.43 -18.58 -22.17
N LEU A 309 -19.59 -17.76 -21.56
CA LEU A 309 -19.51 -16.35 -21.94
C LEU A 309 -19.15 -16.22 -23.41
N LEU A 310 -18.09 -16.94 -23.82
CA LEU A 310 -17.62 -17.00 -25.20
C LEU A 310 -18.72 -17.45 -26.16
N ALA A 311 -19.37 -18.55 -25.77
CA ALA A 311 -20.53 -19.11 -26.49
C ALA A 311 -21.61 -18.05 -26.74
N SER A 312 -22.10 -17.46 -25.65
CA SER A 312 -23.16 -16.46 -25.71
C SER A 312 -22.74 -15.17 -26.43
N VAL A 313 -21.46 -14.78 -26.31
CA VAL A 313 -20.97 -13.58 -27.00
C VAL A 313 -20.95 -13.80 -28.51
N GLU A 314 -20.35 -14.93 -28.94
CA GLU A 314 -20.24 -15.26 -30.36
C GLU A 314 -21.64 -15.46 -30.98
N LEU A 315 -22.52 -16.13 -30.22
CA LEU A 315 -23.93 -16.27 -30.62
C LEU A 315 -24.64 -14.94 -30.84
N PHE A 316 -24.39 -13.96 -29.97
CA PHE A 316 -24.89 -12.59 -30.16
C PHE A 316 -24.36 -11.94 -31.43
N LYS A 317 -23.07 -12.17 -31.74
CA LYS A 317 -22.45 -11.53 -32.89
C LYS A 317 -23.00 -12.05 -34.20
N ALA A 318 -23.32 -13.34 -34.22
CA ALA A 318 -23.83 -14.04 -35.40
C ALA A 318 -25.34 -13.85 -35.62
N THR A 319 -26.13 -14.00 -34.56
CA THR A 319 -27.60 -13.92 -34.65
C THR A 319 -28.16 -12.51 -34.50
N LYS A 320 -27.45 -11.67 -33.74
CA LYS A 320 -27.88 -10.31 -33.36
C LYS A 320 -29.15 -10.28 -32.47
N GLU A 321 -29.42 -11.39 -31.80
CA GLU A 321 -30.57 -11.54 -30.91
C GLU A 321 -30.23 -11.08 -29.50
N THR A 322 -31.05 -10.16 -28.99
CA THR A 322 -30.83 -9.50 -27.70
C THR A 322 -30.76 -10.45 -26.51
N ARG A 323 -31.37 -11.63 -26.64
CA ARG A 323 -31.35 -12.63 -25.57
C ARG A 323 -29.96 -13.22 -25.31
N TYR A 324 -29.11 -13.18 -26.33
CA TYR A 324 -27.73 -13.61 -26.22
C TYR A 324 -26.85 -12.54 -25.54
N LEU A 325 -27.20 -11.27 -25.73
CA LEU A 325 -26.61 -10.16 -24.95
C LEU A 325 -26.96 -10.27 -23.46
N GLU A 326 -28.18 -10.71 -23.17
CA GLU A 326 -28.63 -10.99 -21.81
C GLU A 326 -27.88 -12.18 -21.21
N GLU A 327 -27.70 -13.22 -22.00
CA GLU A 327 -26.94 -14.41 -21.60
C GLU A 327 -25.49 -14.00 -21.32
N SER A 328 -24.95 -13.13 -22.17
CA SER A 328 -23.61 -12.59 -22.00
C SER A 328 -23.48 -11.82 -20.71
N ARG A 329 -24.46 -10.93 -20.46
CA ARG A 329 -24.56 -10.16 -19.21
C ARG A 329 -24.61 -11.10 -18.01
N LEU A 330 -25.42 -12.16 -18.12
CA LEU A 330 -25.52 -13.19 -17.09
C LEU A 330 -24.16 -13.81 -16.78
N TRP A 331 -23.49 -14.30 -17.82
CA TRP A 331 -22.25 -15.05 -17.66
C TRP A 331 -21.11 -14.18 -17.19
N ALA A 332 -21.07 -12.95 -17.72
CA ALA A 332 -20.12 -11.91 -17.29
C ALA A 332 -20.16 -11.67 -15.79
N GLN A 333 -21.33 -11.30 -15.27
CA GLN A 333 -21.52 -10.97 -13.84
C GLN A 333 -21.18 -12.15 -12.94
N ARG A 334 -21.52 -13.34 -13.41
CA ARG A 334 -21.22 -14.59 -12.70
C ARG A 334 -19.72 -14.89 -12.68
N LEU A 335 -19.05 -14.56 -13.78
CA LEU A 335 -17.62 -14.75 -13.90
C LEU A 335 -16.87 -13.70 -13.06
N VAL A 336 -17.30 -12.44 -13.16
CA VAL A 336 -16.77 -11.34 -12.34
C VAL A 336 -16.69 -11.72 -10.84
N ALA A 337 -17.75 -12.36 -10.35
CA ALA A 337 -17.85 -12.85 -8.96
C ALA A 337 -16.84 -13.92 -8.55
N ARG A 338 -16.07 -14.42 -9.52
CA ARG A 338 -14.97 -15.37 -9.22
C ARG A 338 -13.70 -14.65 -8.76
N GLN A 339 -13.63 -13.34 -9.05
CA GLN A 339 -12.54 -12.50 -8.56
C GLN A 339 -12.70 -12.18 -7.06
N MET A 340 -11.78 -12.71 -6.27
CA MET A 340 -11.83 -12.64 -4.81
C MET A 340 -10.47 -12.24 -4.25
N SER A 341 -10.45 -11.60 -3.09
CA SER A 341 -9.19 -11.33 -2.35
C SER A 341 -9.11 -12.27 -1.15
N ASP A 342 -7.90 -12.47 -0.61
CA ASP A 342 -7.76 -13.20 0.66
C ASP A 342 -6.56 -12.73 1.51
N GLU A 343 -6.12 -13.61 2.42
CA GLU A 343 -4.95 -13.39 3.27
C GLU A 343 -3.68 -13.10 2.45
N GLN A 344 -3.34 -14.05 1.56
CA GLN A 344 -2.13 -13.98 0.75
C GLN A 344 -2.23 -13.03 -0.44
N ILE A 345 -3.27 -13.17 -1.26
CA ILE A 345 -3.35 -12.42 -2.54
C ILE A 345 -4.56 -11.49 -2.65
N GLN A 346 -4.36 -10.35 -3.31
CA GLN A 346 -5.46 -9.48 -3.71
C GLN A 346 -5.93 -9.81 -5.13
N HIS A 347 -7.24 -9.94 -5.29
CA HIS A 347 -7.93 -10.04 -6.61
C HIS A 347 -7.56 -11.22 -7.53
N PHE A 348 -7.36 -12.40 -6.94
CA PHE A 348 -7.11 -13.63 -7.71
C PHE A 348 -8.38 -14.17 -8.40
N TRP A 349 -8.24 -15.27 -9.14
CA TRP A 349 -9.40 -15.97 -9.68
C TRP A 349 -9.59 -17.25 -8.88
N SER A 350 -10.82 -17.46 -8.44
CA SER A 350 -11.17 -18.68 -7.70
CA SER A 350 -11.19 -18.66 -7.69
C SER A 350 -11.86 -19.70 -8.59
N ALA A 351 -11.52 -20.97 -8.35
CA ALA A 351 -12.13 -22.07 -9.09
C ALA A 351 -13.54 -22.36 -8.54
N ASN A 352 -13.63 -22.64 -7.24
CA ASN A 352 -14.94 -22.80 -6.60
C ASN A 352 -15.52 -21.50 -6.04
N GLN A 353 -16.58 -21.62 -5.25
CA GLN A 353 -17.43 -20.48 -4.87
C GLN A 353 -16.80 -19.54 -3.83
N ASP A 354 -16.14 -20.12 -2.84
CA ASP A 354 -15.67 -19.39 -1.66
C ASP A 354 -14.22 -18.87 -1.73
N GLY A 355 -13.44 -19.35 -2.69
CA GLY A 355 -12.04 -18.96 -2.77
C GLY A 355 -11.11 -19.99 -2.17
N SER A 356 -11.67 -21.06 -1.63
CA SER A 356 -10.87 -22.11 -0.97
C SER A 356 -9.98 -22.87 -1.95
N ARG A 357 -10.33 -22.80 -3.23
CA ARG A 357 -9.55 -23.37 -4.34
C ARG A 357 -9.40 -22.32 -5.44
N PRO A 358 -8.16 -21.83 -5.65
CA PRO A 358 -7.91 -20.80 -6.66
C PRO A 358 -7.88 -21.39 -8.08
N TYR A 359 -8.14 -20.53 -9.07
CA TYR A 359 -8.06 -20.94 -10.47
C TYR A 359 -6.63 -20.88 -10.95
N PHE A 360 -6.14 -22.02 -11.41
CA PHE A 360 -4.85 -22.10 -12.07
C PHE A 360 -4.96 -23.14 -13.18
N HIS A 361 -4.61 -22.73 -14.39
CA HIS A 361 -4.85 -23.57 -15.55
C HIS A 361 -3.64 -23.70 -16.45
N ALA A 362 -3.08 -24.92 -16.51
CA ALA A 362 -1.92 -25.23 -17.37
C ALA A 362 -2.12 -25.02 -18.89
N ALA A 363 -3.36 -24.79 -19.30
CA ALA A 363 -3.68 -24.66 -20.71
C ALA A 363 -4.30 -23.34 -21.13
N GLU A 364 -5.01 -22.65 -20.24
CA GLU A 364 -5.82 -21.50 -20.68
C GLU A 364 -6.03 -20.40 -19.61
N ALA A 365 -5.11 -20.29 -18.66
CA ALA A 365 -5.24 -19.35 -17.54
C ALA A 365 -5.58 -17.89 -17.90
N GLY A 366 -5.35 -17.50 -19.15
CA GLY A 366 -5.68 -16.14 -19.62
C GLY A 366 -7.08 -16.00 -20.19
N LEU A 367 -7.87 -17.07 -20.06
CA LEU A 367 -9.21 -17.11 -20.66
C LEU A 367 -10.30 -16.29 -19.93
N PRO A 368 -10.32 -16.30 -18.57
CA PRO A 368 -11.23 -15.41 -17.87
C PRO A 368 -11.24 -13.96 -18.38
N THR A 369 -10.08 -13.36 -18.53
CA THR A 369 -9.99 -11.96 -18.97
C THR A 369 -10.36 -11.80 -20.44
N ILE A 370 -9.95 -12.76 -21.28
CA ILE A 370 -10.28 -12.73 -22.71
C ILE A 370 -11.79 -12.79 -22.91
N ALA A 371 -12.42 -13.72 -22.19
CA ALA A 371 -13.88 -13.86 -22.21
C ALA A 371 -14.60 -12.56 -21.80
N LEU A 372 -14.14 -11.93 -20.72
CA LEU A 372 -14.70 -10.65 -20.26
C LEU A 372 -14.49 -9.54 -21.29
N CYS A 373 -13.35 -9.55 -21.96
CA CYS A 373 -13.04 -8.55 -22.99
C CYS A 373 -13.85 -8.75 -24.26
N GLU A 374 -14.28 -10.00 -24.48
CA GLU A 374 -15.17 -10.34 -25.57
C GLU A 374 -16.55 -9.71 -25.32
N TYR A 375 -17.02 -9.82 -24.07
CA TYR A 375 -18.25 -9.17 -23.61
C TYR A 375 -18.20 -7.64 -23.73
N LEU A 376 -17.11 -7.02 -23.28
CA LEU A 376 -16.99 -5.55 -23.27
C LEU A 376 -16.99 -4.92 -24.66
N ALA A 377 -16.79 -5.73 -25.68
CA ALA A 377 -16.76 -5.27 -27.06
C ALA A 377 -18.16 -5.29 -27.70
N ILE A 378 -19.03 -6.17 -27.21
CA ILE A 378 -20.41 -6.30 -27.70
C ILE A 378 -21.43 -5.51 -26.88
N GLU A 379 -21.05 -5.15 -25.65
CA GLU A 379 -21.89 -4.32 -24.78
C GLU A 379 -21.96 -2.86 -25.24
N ASP A 380 -23.17 -2.29 -25.23
CA ASP A 380 -23.49 -1.07 -25.98
C ASP A 380 -23.44 0.27 -25.20
N ASP A 381 -24.08 0.31 -24.03
CA ASP A 381 -24.15 1.53 -23.21
C ASP A 381 -22.98 1.61 -22.23
N SER A 382 -22.53 2.85 -21.98
CA SER A 382 -21.32 3.12 -21.19
C SER A 382 -21.34 2.66 -19.72
N VAL A 383 -22.51 2.73 -19.08
CA VAL A 383 -22.63 2.55 -17.62
C VAL A 383 -22.64 1.07 -17.18
N GLN A 384 -23.24 0.21 -18.01
CA GLN A 384 -23.31 -1.24 -17.76
C GLN A 384 -21.94 -1.90 -17.59
N THR A 385 -21.01 -1.52 -18.47
CA THR A 385 -19.69 -2.14 -18.62
C THR A 385 -18.76 -1.95 -17.41
N GLU A 386 -18.97 -0.87 -16.65
CA GLU A 386 -17.95 -0.33 -15.76
C GLU A 386 -17.56 -1.20 -14.57
N SER A 387 -18.48 -2.02 -14.08
CA SER A 387 -18.17 -2.95 -12.99
C SER A 387 -17.24 -4.09 -13.44
N VAL A 388 -17.25 -4.38 -14.74
CA VAL A 388 -16.42 -5.42 -15.34
C VAL A 388 -15.08 -4.80 -15.79
N LYS A 389 -15.16 -3.60 -16.37
CA LYS A 389 -14.02 -2.82 -16.89
C LYS A 389 -12.84 -2.73 -15.93
N CYS A 390 -13.12 -2.65 -14.64
CA CYS A 390 -12.08 -2.58 -13.64
C CYS A 390 -11.81 -3.91 -12.95
N ILE A 391 -12.72 -4.87 -13.10
CA ILE A 391 -12.46 -6.26 -12.67
C ILE A 391 -11.43 -6.86 -13.64
N VAL A 392 -11.50 -6.42 -14.90
CA VAL A 392 -10.47 -6.69 -15.92
C VAL A 392 -9.14 -6.08 -15.45
N ASN A 393 -9.13 -4.77 -15.20
CA ASN A 393 -7.96 -4.06 -14.70
C ASN A 393 -7.33 -4.71 -13.47
N ARG A 394 -8.17 -5.17 -12.53
CA ARG A 394 -7.69 -5.87 -11.34
C ARG A 394 -7.07 -7.23 -11.62
N ALA A 395 -7.62 -7.93 -12.62
CA ALA A 395 -7.12 -9.25 -13.01
C ALA A 395 -5.75 -9.12 -13.68
N CYS A 396 -5.64 -8.19 -14.64
CA CYS A 396 -4.38 -7.87 -15.31
C CYS A 396 -3.27 -7.57 -14.30
N GLU A 397 -3.56 -6.64 -13.38
CA GLU A 397 -2.62 -6.20 -12.34
C GLU A 397 -2.27 -7.31 -11.37
N PHE A 398 -3.18 -8.26 -11.21
CA PHE A 398 -2.92 -9.43 -10.38
C PHE A 398 -1.85 -10.33 -10.99
N GLU A 399 -1.93 -10.51 -12.31
CA GLU A 399 -0.96 -11.36 -13.05
C GLU A 399 0.45 -10.78 -12.91
N ILE A 400 0.56 -9.51 -13.26
CA ILE A 400 1.76 -8.70 -13.10
C ILE A 400 2.34 -8.78 -11.69
N LYS A 401 1.51 -8.54 -10.67
CA LYS A 401 1.97 -8.51 -9.27
C LYS A 401 2.34 -9.88 -8.72
N ILE A 402 1.59 -10.92 -9.08
CA ILE A 402 1.96 -12.26 -8.62
C ILE A 402 3.26 -12.72 -9.29
N SER A 403 3.52 -12.16 -10.47
CA SER A 403 4.75 -12.44 -11.20
C SER A 403 5.95 -11.61 -10.72
N ASN A 404 5.67 -10.49 -10.04
CA ASN A 404 6.71 -9.66 -9.39
C ASN A 404 6.96 -10.00 -7.93
N LYS A 405 6.16 -10.92 -7.38
CA LYS A 405 6.18 -11.20 -5.94
C LYS A 405 7.48 -11.85 -5.44
N VAL A 406 8.12 -12.64 -6.31
CA VAL A 406 9.46 -13.15 -6.02
C VAL A 406 10.43 -12.76 -7.14
N THR A 407 11.70 -13.21 -7.01
CA THR A 407 12.71 -12.96 -8.04
C THR A 407 12.28 -13.69 -9.29
N ASN A 408 12.13 -12.93 -10.37
CA ASN A 408 11.62 -13.46 -11.64
C ASN A 408 12.17 -12.73 -12.89
N PRO A 409 13.43 -13.01 -13.26
CA PRO A 409 14.13 -12.33 -14.36
C PRO A 409 13.48 -12.62 -15.72
N PHE A 410 12.98 -13.84 -15.87
CA PHE A 410 12.36 -14.27 -17.12
C PHE A 410 11.00 -13.64 -17.35
N GLY A 411 10.33 -13.24 -16.27
CA GLY A 411 8.97 -12.71 -16.36
C GLY A 411 7.99 -13.82 -16.69
N TYR A 412 8.32 -15.03 -16.23
CA TYR A 412 7.45 -16.19 -16.37
C TYR A 412 6.20 -15.88 -15.58
N PRO A 413 5.02 -15.99 -16.22
CA PRO A 413 3.77 -15.66 -15.53
C PRO A 413 3.50 -16.63 -14.38
N ARG A 414 3.40 -16.04 -13.19
CA ARG A 414 3.21 -16.82 -11.98
C ARG A 414 1.73 -16.94 -11.69
N GLN A 415 1.41 -17.80 -10.74
CA GLN A 415 0.02 -18.18 -10.51
C GLN A 415 -0.22 -18.54 -9.05
N TYR A 416 -1.49 -18.52 -8.64
CA TYR A 416 -1.92 -18.89 -7.30
C TYR A 416 -2.47 -20.33 -7.35
N VAL A 417 -1.73 -21.25 -6.72
CA VAL A 417 -2.03 -22.68 -6.81
C VAL A 417 -2.43 -23.27 -5.45
N LYS A 418 -2.98 -24.48 -5.48
CA LYS A 418 -3.29 -25.23 -4.28
C LYS A 418 -3.28 -26.71 -4.61
N GLY A 419 -2.58 -27.49 -3.81
CA GLY A 419 -2.67 -28.93 -3.89
C GLY A 419 -3.84 -29.44 -3.06
N VAL A 420 -4.26 -30.67 -3.36
CA VAL A 420 -5.16 -31.40 -2.47
C VAL A 420 -4.40 -31.69 -1.17
N ASN A 421 -5.00 -31.30 -0.04
CA ASN A 421 -4.40 -31.43 1.32
C ASN A 421 -3.18 -30.53 1.59
N GLU A 422 -3.05 -29.45 0.83
CA GLU A 422 -2.03 -28.43 1.07
C GLU A 422 -2.75 -27.12 1.12
N SER A 423 -2.14 -26.13 1.78
CA SER A 423 -2.66 -24.77 1.75
C SER A 423 -2.24 -24.06 0.46
N LYS A 424 -3.00 -23.02 0.12
CA LYS A 424 -2.72 -22.18 -1.04
C LYS A 424 -1.33 -21.54 -1.00
N ARG A 425 -0.73 -21.39 -2.17
CA ARG A 425 0.58 -20.75 -2.35
C ARG A 425 0.68 -20.10 -3.73
N ASP A 426 1.44 -19.01 -3.82
CA ASP A 426 1.87 -18.51 -5.13
C ASP A 426 3.01 -19.39 -5.66
N ALA A 427 3.04 -19.58 -6.97
CA ALA A 427 4.05 -20.43 -7.62
C ALA A 427 4.30 -19.97 -9.04
N PHE A 428 5.41 -20.43 -9.60
CA PHE A 428 5.66 -20.30 -11.04
C PHE A 428 4.74 -21.28 -11.79
N PHE A 429 4.77 -22.55 -11.36
CA PHE A 429 4.14 -23.64 -12.10
C PHE A 429 2.92 -24.21 -11.38
N VAL A 430 2.08 -24.94 -12.12
CA VAL A 430 0.90 -25.63 -11.58
C VAL A 430 1.26 -26.73 -10.55
N ALA A 431 0.35 -26.98 -9.61
CA ALA A 431 0.56 -27.95 -8.54
C ALA A 431 0.46 -29.37 -9.05
N HIS A 432 1.38 -30.21 -8.60
CA HIS A 432 1.50 -31.59 -9.06
C HIS A 432 0.48 -32.50 -8.41
N ASN A 433 0.18 -32.25 -7.14
CA ASN A 433 -0.77 -33.03 -6.39
C ASN A 433 -2.16 -32.37 -6.42
N ASN A 434 -2.92 -32.64 -7.47
CA ASN A 434 -4.25 -32.05 -7.60
C ASN A 434 -5.38 -33.10 -7.68
N GLU A 435 -6.55 -32.66 -8.12
CA GLU A 435 -7.76 -33.49 -8.13
C GLU A 435 -7.77 -34.58 -9.20
N SER A 436 -6.70 -34.67 -9.98
CA SER A 436 -6.55 -35.71 -10.99
C SER A 436 -5.82 -36.94 -10.44
N GLY A 437 -4.83 -36.71 -9.60
CA GLY A 437 -4.05 -37.80 -9.01
C GLY A 437 -2.85 -38.22 -9.84
N TYR A 438 -2.56 -37.43 -10.89
CA TYR A 438 -1.40 -37.66 -11.77
C TYR A 438 -1.02 -36.44 -12.63
N TRP A 439 -2.02 -35.65 -13.03
CA TRP A 439 -1.87 -34.77 -14.20
C TRP A 439 -1.25 -33.41 -13.92
N TRP A 440 -0.10 -33.18 -14.55
CA TRP A 440 0.54 -31.86 -14.65
C TRP A 440 1.56 -31.95 -15.80
N GLN A 441 1.79 -30.83 -16.47
CA GLN A 441 2.72 -30.80 -17.60
C GLN A 441 3.20 -29.38 -17.92
N GLY A 442 4.10 -29.27 -18.89
CA GLY A 442 4.56 -27.97 -19.37
C GLY A 442 3.37 -27.09 -19.75
N GLU A 443 3.56 -25.78 -19.66
CA GLU A 443 2.44 -24.86 -19.72
C GLU A 443 2.52 -23.89 -20.90
N ASN A 444 3.03 -24.34 -22.05
CA ASN A 444 3.20 -23.42 -23.18
C ASN A 444 1.91 -22.80 -23.71
N ALA A 445 0.81 -23.55 -23.67
CA ALA A 445 -0.52 -23.03 -24.05
C ALA A 445 -0.97 -21.95 -23.08
N ARG A 446 -0.77 -22.21 -21.78
CA ARG A 446 -1.10 -21.24 -20.73
C ARG A 446 -0.44 -19.90 -21.06
N LEU A 447 0.86 -19.96 -21.35
CA LEU A 447 1.67 -18.78 -21.68
C LEU A 447 1.22 -18.08 -22.95
N GLY A 448 0.81 -18.87 -23.95
CA GLY A 448 0.22 -18.35 -25.17
C GLY A 448 -1.09 -17.60 -24.91
N SER A 449 -1.92 -18.17 -24.03
CA SER A 449 -3.18 -17.53 -23.63
C SER A 449 -2.98 -16.27 -22.81
N LEU A 450 -1.97 -16.27 -21.93
CA LEU A 450 -1.67 -15.12 -21.07
C LEU A 450 -1.10 -13.97 -21.90
N ALA A 451 -0.27 -14.31 -22.87
CA ALA A 451 0.23 -13.32 -23.84
C ALA A 451 -0.92 -12.73 -24.65
N THR A 452 -1.83 -13.59 -25.09
CA THR A 452 -3.02 -13.18 -25.83
C THR A 452 -3.86 -12.23 -24.96
N MET A 453 -4.17 -12.67 -23.74
CA MET A 453 -4.87 -11.88 -22.73
C MET A 453 -4.26 -10.50 -22.63
N ALA A 454 -2.96 -10.46 -22.35
CA ALA A 454 -2.23 -9.21 -22.19
C ALA A 454 -2.32 -8.28 -23.39
N TYR A 455 -2.42 -8.83 -24.60
CA TYR A 455 -2.51 -8.02 -25.80
C TYR A 455 -3.93 -7.52 -26.03
N LEU A 456 -4.89 -8.39 -25.71
CA LEU A 456 -6.29 -8.14 -26.03
C LEU A 456 -7.04 -7.34 -24.97
N ALA A 457 -6.48 -7.29 -23.75
CA ALA A 457 -7.05 -6.52 -22.66
C ALA A 457 -6.63 -5.07 -22.73
N GLN A 458 -5.63 -4.78 -23.55
CA GLN A 458 -5.05 -3.44 -23.64
C GLN A 458 -5.97 -2.25 -24.01
N PRO A 459 -6.96 -2.46 -24.93
CA PRO A 459 -7.94 -1.37 -25.12
C PRO A 459 -8.82 -1.08 -23.89
N HIS A 460 -9.04 -2.08 -23.04
CA HIS A 460 -9.88 -1.92 -21.86
C HIS A 460 -9.10 -1.54 -20.58
N ILE A 461 -7.82 -1.22 -20.72
CA ILE A 461 -6.99 -0.75 -19.60
C ILE A 461 -6.86 0.76 -19.67
N ALA A 462 -7.09 1.42 -18.54
CA ALA A 462 -7.09 2.88 -18.44
C ALA A 462 -5.68 3.45 -18.51
N SER A 463 -4.85 3.02 -17.57
CA SER A 463 -3.50 3.55 -17.38
C SER A 463 -2.56 3.13 -18.51
N GLN A 464 -1.79 4.08 -19.05
CA GLN A 464 -0.78 3.77 -20.06
C GLN A 464 0.41 3.04 -19.42
N GLU A 465 0.64 3.34 -18.14
CA GLU A 465 1.58 2.63 -17.28
C GLU A 465 1.37 1.11 -17.27
N ILE A 466 0.11 0.70 -17.04
CA ILE A 466 -0.23 -0.72 -16.90
C ILE A 466 -0.24 -1.41 -18.26
N GLN A 467 -0.61 -0.67 -19.30
CA GLN A 467 -0.55 -1.16 -20.67
C GLN A 467 0.84 -1.65 -21.05
N GLN A 468 1.86 -0.82 -20.81
CA GLN A 468 3.23 -1.17 -21.15
C GLN A 468 3.82 -2.26 -20.28
N GLN A 469 3.26 -2.46 -19.09
CA GLN A 469 3.63 -3.59 -18.25
C GLN A 469 3.11 -4.88 -18.87
N LEU A 470 1.94 -4.77 -19.51
CA LEU A 470 1.31 -5.91 -20.19
C LEU A 470 2.05 -6.29 -21.47
N SER A 471 2.54 -5.27 -22.20
CA SER A 471 3.43 -5.50 -23.34
C SER A 471 4.70 -6.25 -22.95
N VAL A 472 5.26 -5.92 -21.78
CA VAL A 472 6.39 -6.66 -21.22
C VAL A 472 5.98 -8.07 -20.82
N PHE A 473 4.86 -8.18 -20.11
CA PHE A 473 4.32 -9.46 -19.61
C PHE A 473 4.18 -10.51 -20.73
N ALA A 474 3.56 -10.05 -21.83
CA ALA A 474 3.24 -10.87 -23.00
C ALA A 474 4.49 -11.33 -23.75
N GLN A 475 5.38 -10.38 -24.07
CA GLN A 475 6.66 -10.66 -24.68
C GLN A 475 7.49 -11.65 -23.86
N ASP A 476 7.51 -11.46 -22.55
CA ASP A 476 8.14 -12.41 -21.62
C ASP A 476 7.67 -13.85 -21.81
N ALA A 477 6.35 -14.01 -22.02
CA ALA A 477 5.71 -15.31 -22.21
C ALA A 477 6.09 -15.91 -23.57
N LEU A 478 6.09 -15.07 -24.61
CA LEU A 478 6.51 -15.47 -25.95
C LEU A 478 8.00 -15.86 -26.01
N ASN A 479 8.86 -14.99 -25.45
CA ASN A 479 10.29 -15.25 -25.29
C ASN A 479 10.59 -16.62 -24.68
N TRP A 480 9.89 -16.97 -23.61
CA TRP A 480 10.06 -18.28 -22.95
C TRP A 480 9.81 -19.44 -23.91
N ILE A 481 8.70 -19.37 -24.65
CA ILE A 481 8.27 -20.41 -25.59
C ILE A 481 9.32 -20.62 -26.69
N VAL A 482 9.91 -19.53 -27.17
CA VAL A 482 10.89 -19.64 -28.26
C VAL A 482 12.36 -19.41 -27.86
N GLY A 483 12.76 -19.96 -26.72
CA GLY A 483 14.17 -20.03 -26.38
C GLY A 483 14.72 -19.32 -25.16
N LEU A 484 14.13 -18.18 -24.79
CA LEU A 484 14.60 -17.45 -23.60
C LEU A 484 14.04 -18.10 -22.33
N ASN A 485 14.74 -19.15 -21.91
CA ASN A 485 14.37 -19.93 -20.73
C ASN A 485 15.64 -20.65 -20.25
N PRO A 486 15.64 -21.13 -18.97
CA PRO A 486 16.81 -21.82 -18.40
C PRO A 486 17.36 -23.01 -19.17
N TYR A 487 16.66 -23.43 -20.21
CA TYR A 487 17.06 -24.62 -20.96
C TYR A 487 17.59 -24.29 -22.35
N ASP A 488 17.57 -22.99 -22.70
CA ASP A 488 18.07 -22.49 -24.00
C ASP A 488 17.42 -23.26 -25.17
N MET A 489 16.12 -23.48 -25.04
CA MET A 489 15.39 -24.40 -25.91
C MET A 489 14.19 -23.69 -26.51
N CYS A 490 14.19 -23.59 -27.84
CA CYS A 490 12.99 -23.16 -28.54
C CYS A 490 12.04 -24.33 -28.58
N MET A 491 10.82 -24.09 -28.12
CA MET A 491 9.85 -25.18 -28.00
C MET A 491 8.93 -25.26 -29.22
N LEU A 492 9.05 -24.26 -30.11
CA LEU A 492 8.44 -24.33 -31.43
C LEU A 492 9.34 -25.13 -32.36
N ASP A 493 8.87 -26.30 -32.79
CA ASP A 493 9.64 -27.25 -33.61
C ASP A 493 9.88 -26.73 -35.02
N GLY A 494 11.15 -26.78 -35.44
CA GLY A 494 11.59 -26.24 -36.72
C GLY A 494 12.19 -24.86 -36.67
N HIS A 495 12.25 -24.27 -35.48
CA HIS A 495 12.79 -22.91 -35.28
C HIS A 495 13.74 -22.90 -34.12
N GLY A 496 14.68 -21.95 -34.17
CA GLY A 496 15.74 -21.81 -33.16
C GLY A 496 16.49 -23.11 -32.91
N ARG A 497 16.79 -23.40 -31.64
CA ARG A 497 17.58 -24.59 -31.37
C ARG A 497 17.22 -25.35 -30.10
N ASN A 498 17.82 -26.53 -29.97
CA ASN A 498 17.46 -27.54 -28.97
C ASN A 498 16.02 -27.98 -28.98
N ASN A 499 15.42 -28.08 -30.17
CA ASN A 499 14.08 -28.66 -30.31
C ASN A 499 14.03 -30.06 -29.66
N PRO A 500 13.10 -30.24 -28.71
CA PRO A 500 12.94 -31.58 -28.11
C PRO A 500 12.12 -32.53 -29.01
N ASP A 501 12.46 -33.81 -29.01
CA ASP A 501 11.57 -34.78 -29.67
C ASP A 501 10.75 -35.48 -28.60
N TYR A 502 9.73 -36.23 -29.02
CA TYR A 502 8.92 -36.98 -28.06
C TYR A 502 9.40 -38.42 -27.91
N LEU A 503 8.87 -39.35 -28.72
CA LEU A 503 9.33 -40.74 -28.71
C LEU A 503 9.58 -41.28 -30.13
N PRO A 504 10.65 -40.79 -30.80
CA PRO A 504 10.96 -41.17 -32.17
C PRO A 504 11.23 -42.66 -32.37
N GLN A 505 11.72 -43.34 -31.34
CA GLN A 505 12.01 -44.77 -31.39
C GLN A 505 10.75 -45.65 -31.52
N TYR A 506 9.58 -45.08 -31.25
CA TYR A 506 8.30 -45.75 -31.48
C TYR A 506 7.47 -45.03 -32.55
N GLY A 507 8.13 -44.11 -33.26
CA GLY A 507 7.49 -43.42 -34.36
C GLY A 507 6.52 -42.34 -33.92
N PHE A 508 6.71 -41.84 -32.71
CA PHE A 508 5.94 -40.70 -32.25
C PHE A 508 6.86 -39.49 -32.29
N PHE A 509 6.85 -38.83 -33.44
CA PHE A 509 7.72 -37.71 -33.71
C PHE A 509 6.97 -36.42 -33.47
N ASN A 510 7.68 -35.41 -32.96
CA ASN A 510 7.15 -34.07 -32.91
C ASN A 510 7.16 -33.52 -34.34
N ALA A 511 6.16 -32.70 -34.65
CA ALA A 511 6.02 -32.19 -36.01
C ALA A 511 6.49 -30.75 -36.11
N LYS A 512 7.19 -30.44 -37.20
CA LYS A 512 7.57 -29.07 -37.53
C LYS A 512 6.36 -28.15 -37.41
N GLY A 513 6.57 -26.98 -36.81
CA GLY A 513 5.50 -26.00 -36.60
C GLY A 513 4.70 -26.17 -35.32
N GLY A 514 4.95 -27.25 -34.60
CA GLY A 514 4.24 -27.53 -33.38
C GLY A 514 4.97 -27.15 -32.11
N VAL A 515 4.19 -26.91 -31.06
CA VAL A 515 4.74 -26.52 -29.78
C VAL A 515 4.50 -27.65 -28.76
N CYS A 516 5.57 -28.09 -28.10
CA CYS A 516 5.46 -29.12 -27.08
C CYS A 516 4.95 -28.55 -25.74
N ASN A 517 4.79 -29.42 -24.74
CA ASN A 517 4.28 -28.99 -23.43
C ASN A 517 5.15 -27.93 -22.79
N GLY A 518 6.40 -28.31 -22.50
CA GLY A 518 7.36 -27.35 -21.98
C GLY A 518 7.88 -27.63 -20.60
N ILE A 519 8.28 -26.55 -19.93
CA ILE A 519 8.98 -26.62 -18.66
C ILE A 519 8.00 -26.62 -17.46
N THR A 520 8.30 -27.47 -16.48
CA THR A 520 7.43 -27.64 -15.31
C THR A 520 8.14 -27.27 -14.02
N GLY A 521 7.43 -27.38 -12.90
CA GLY A 521 8.06 -27.42 -11.58
C GLY A 521 8.80 -28.74 -11.48
N GLY A 522 9.85 -28.81 -10.67
CA GLY A 522 10.63 -30.05 -10.54
C GLY A 522 9.80 -31.21 -10.01
N PHE A 523 10.19 -32.43 -10.36
CA PHE A 523 9.40 -33.63 -10.05
C PHE A 523 9.30 -33.94 -8.56
N GLU A 524 10.40 -33.77 -7.83
CA GLU A 524 10.42 -34.01 -6.38
C GLU A 524 10.21 -32.71 -5.58
N ASP A 525 10.75 -31.62 -6.11
CA ASP A 525 10.65 -30.29 -5.50
C ASP A 525 10.00 -29.38 -6.53
N GLU A 526 8.84 -28.84 -6.20
CA GLU A 526 8.10 -27.99 -7.13
C GLU A 526 8.62 -26.57 -7.22
N GLU A 527 9.50 -26.20 -6.27
CA GLU A 527 10.22 -24.92 -6.33
C GLU A 527 11.46 -25.00 -7.23
N ASP A 528 11.95 -26.22 -7.45
CA ASP A 528 12.92 -26.53 -8.52
C ASP A 528 12.22 -26.46 -9.89
N ILE A 529 12.98 -26.67 -10.97
CA ILE A 529 12.47 -26.55 -12.33
C ILE A 529 12.92 -27.79 -13.11
N ALA A 530 12.10 -28.27 -14.05
CA ALA A 530 12.44 -29.49 -14.79
C ALA A 530 12.07 -29.51 -16.29
N PHE A 531 12.94 -30.13 -17.08
CA PHE A 531 12.63 -30.54 -18.45
C PHE A 531 13.38 -31.83 -18.74
N ASN A 532 12.63 -32.91 -18.94
CA ASN A 532 13.15 -34.27 -18.95
C ASN A 532 14.27 -34.49 -17.92
N PRO A 533 13.98 -34.35 -16.61
CA PRO A 533 15.01 -34.57 -15.60
C PRO A 533 15.46 -36.04 -15.64
N PRO A 534 16.76 -36.30 -15.38
CA PRO A 534 17.41 -37.63 -15.51
C PRO A 534 16.63 -38.82 -14.96
N ALA A 535 15.97 -38.64 -13.82
CA ALA A 535 15.24 -39.71 -13.16
C ALA A 535 13.89 -40.07 -13.79
N GLN A 536 13.32 -39.17 -14.57
CA GLN A 536 12.00 -39.40 -15.18
C GLN A 536 12.04 -39.46 -16.70
N LYS A 537 13.17 -39.02 -17.26
CA LYS A 537 13.41 -38.89 -18.70
C LYS A 537 13.08 -40.16 -19.51
N ASP A 538 13.46 -41.32 -18.98
CA ASP A 538 13.24 -42.59 -19.66
C ASP A 538 12.01 -43.33 -19.12
N ASP A 539 11.45 -42.83 -18.02
CA ASP A 539 10.21 -43.37 -17.47
C ASP A 539 9.07 -43.00 -18.41
N MET A 540 8.51 -44.01 -19.05
CA MET A 540 7.52 -43.79 -20.09
C MET A 540 6.15 -43.40 -19.55
N LEU A 541 5.95 -43.69 -18.26
CA LEU A 541 4.78 -43.25 -17.53
C LEU A 541 4.85 -41.76 -17.18
N GLN A 542 6.02 -41.15 -17.34
CA GLN A 542 6.24 -39.75 -16.95
C GLN A 542 6.70 -38.80 -18.05
N ASN A 543 7.41 -39.31 -19.05
CA ASN A 543 8.14 -38.44 -20.00
C ASN A 543 7.31 -37.66 -21.03
N TRP A 544 6.00 -37.88 -21.01
CA TRP A 544 5.04 -37.16 -21.84
C TRP A 544 4.83 -35.72 -21.38
N ARG A 545 5.21 -35.44 -20.13
CA ARG A 545 4.90 -34.15 -19.50
C ARG A 545 5.66 -32.97 -20.07
N TRP A 546 6.83 -33.26 -20.65
CA TRP A 546 7.73 -32.21 -21.13
C TRP A 546 7.77 -32.12 -22.67
N GLY A 547 8.25 -33.19 -23.30
CA GLY A 547 8.52 -33.20 -24.74
C GLY A 547 7.39 -33.41 -25.74
N GLU A 548 6.24 -33.89 -25.28
CA GLU A 548 5.12 -34.19 -26.19
C GLU A 548 4.44 -32.91 -26.66
N GLN A 549 4.15 -32.84 -27.95
CA GLN A 549 3.30 -31.79 -28.52
C GLN A 549 1.84 -32.08 -28.22
N TRP A 550 1.02 -31.04 -28.31
CA TRP A 550 -0.38 -31.07 -27.92
C TRP A 550 -1.00 -29.84 -28.54
N ILE A 551 -2.08 -30.02 -29.31
CA ILE A 551 -2.67 -28.94 -30.13
C ILE A 551 -3.02 -27.59 -29.46
N PRO A 552 -3.44 -27.58 -28.18
CA PRO A 552 -3.64 -26.28 -27.52
C PRO A 552 -2.43 -25.35 -27.57
N HIS A 553 -1.25 -25.87 -27.20
CA HIS A 553 0.00 -25.13 -27.26
C HIS A 553 0.15 -24.39 -28.60
N GLY A 554 0.01 -25.11 -29.71
CA GLY A 554 0.20 -24.52 -31.01
C GLY A 554 -0.83 -23.45 -31.29
N ALA A 555 -2.08 -23.75 -30.93
CA ALA A 555 -3.23 -22.89 -31.17
C ALA A 555 -3.11 -21.59 -30.37
N TRP A 556 -2.71 -21.75 -29.11
CA TRP A 556 -2.51 -20.59 -28.25
C TRP A 556 -1.33 -19.73 -28.63
N TYR A 557 -0.24 -20.37 -29.08
CA TYR A 557 0.91 -19.66 -29.65
C TYR A 557 0.50 -18.89 -30.91
N LEU A 558 -0.32 -19.52 -31.74
CA LEU A 558 -0.75 -18.93 -33.00
C LEU A 558 -1.62 -17.70 -32.76
N LEU A 559 -2.53 -17.80 -31.80
CA LEU A 559 -3.35 -16.65 -31.41
C LEU A 559 -2.50 -15.55 -30.78
N ALA A 560 -1.57 -15.95 -29.90
CA ALA A 560 -0.65 -15.00 -29.27
C ALA A 560 0.15 -14.14 -30.26
N ILE A 561 0.59 -14.74 -31.37
CA ILE A 561 1.43 -14.01 -32.31
C ILE A 561 0.58 -13.16 -33.23
N MET A 562 -0.65 -13.60 -33.49
CA MET A 562 -1.59 -12.82 -34.28
C MET A 562 -2.10 -11.63 -33.46
N SER A 563 -2.37 -11.87 -32.17
CA SER A 563 -2.67 -10.81 -31.19
C SER A 563 -1.55 -9.79 -31.10
N GLN A 564 -0.31 -10.29 -30.97
CA GLN A 564 0.88 -9.43 -30.93
C GLN A 564 0.99 -8.54 -32.16
N ALA A 565 0.80 -9.14 -33.33
CA ALA A 565 0.90 -8.46 -34.60
C ALA A 565 -0.14 -7.36 -34.72
N GLN A 566 -1.30 -7.60 -34.15
CA GLN A 566 -2.40 -6.65 -34.18
C GLN A 566 -2.05 -5.46 -33.31
N HIS A 567 -1.63 -5.74 -32.07
CA HIS A 567 -1.17 -4.74 -31.10
C HIS A 567 -0.02 -3.86 -31.60
N ILE A 568 0.94 -4.47 -32.30
CA ILE A 568 2.07 -3.75 -32.90
C ILE A 568 1.60 -2.82 -33.99
N SER A 569 0.73 -3.33 -34.87
CA SER A 569 0.14 -2.54 -35.94
C SER A 569 -0.65 -1.35 -35.38
N GLN A 570 -1.38 -1.61 -34.29
CA GLN A 570 -2.21 -0.62 -33.59
C GLN A 570 -1.42 0.55 -33.02
N LEU A 571 -0.24 0.26 -32.48
CA LEU A 571 0.64 1.29 -31.94
C LEU A 571 1.21 2.20 -33.02
N ALA A 572 1.63 1.61 -34.14
CA ALA A 572 2.16 2.35 -35.29
C ALA A 572 1.08 3.15 -36.03
N THR A 573 -0.18 2.70 -35.92
CA THR A 573 -1.35 3.41 -36.47
C THR A 573 -1.64 4.69 -35.68
N SER A 574 -1.59 4.58 -34.35
CA SER A 574 -1.83 5.70 -33.43
C SER A 574 -0.75 6.79 -33.52
N LYS A 575 0.47 6.37 -33.84
CA LYS A 575 1.63 7.27 -33.96
C LYS A 575 1.52 8.29 -35.10
N ASN A 576 0.82 7.95 -36.18
CA ASN A 576 0.64 8.88 -37.30
C ASN A 576 -0.35 10.02 -37.03
N ILE A 577 -1.42 9.71 -36.31
CA ILE A 577 -2.39 10.73 -35.90
C ILE A 577 -2.11 11.25 -34.48
N SER B 2 -37.47 -13.76 -1.58
CA SER B 2 -36.71 -12.75 -2.38
C SER B 2 -37.29 -11.34 -2.24
N LEU B 3 -36.49 -10.42 -1.70
CA LEU B 3 -36.89 -9.02 -1.54
C LEU B 3 -36.03 -8.09 -2.39
N LEU B 4 -36.66 -7.10 -2.99
CA LEU B 4 -35.92 -6.06 -3.71
C LEU B 4 -35.93 -4.75 -2.91
N LEU B 5 -34.82 -4.50 -2.20
CA LEU B 5 -34.72 -3.44 -1.19
C LEU B 5 -34.40 -2.08 -1.79
N THR B 6 -35.15 -1.05 -1.37
CA THR B 6 -34.91 0.34 -1.77
C THR B 6 -35.11 1.28 -0.58
N ASN B 7 -34.74 2.53 -0.79
CA ASN B 7 -35.20 3.60 0.06
C ASN B 7 -36.72 3.64 -0.06
N HIS B 8 -37.41 3.51 1.07
CA HIS B 8 -38.88 3.46 1.08
C HIS B 8 -39.54 4.77 0.67
N ILE B 9 -38.80 5.86 0.85
CA ILE B 9 -39.31 7.19 0.56
C ILE B 9 -38.90 7.64 -0.83
N GLY B 10 -37.60 7.80 -1.03
CA GLY B 10 -37.12 8.23 -2.33
C GLY B 10 -35.66 8.59 -2.39
N TYR B 11 -35.24 9.04 -3.59
CA TYR B 11 -33.85 9.33 -3.89
C TYR B 11 -33.73 10.71 -4.48
N GLU B 12 -32.59 11.33 -4.28
CA GLU B 12 -32.28 12.59 -4.93
C GLU B 12 -32.10 12.37 -6.41
N ARG B 13 -32.79 13.19 -7.20
CA ARG B 13 -32.68 13.22 -8.65
C ARG B 13 -31.22 13.21 -9.14
N LEU B 14 -30.42 14.07 -8.51
CA LEU B 14 -29.00 14.19 -8.82
C LEU B 14 -28.19 13.67 -7.64
N GLY B 15 -28.22 12.35 -7.45
CA GLY B 15 -27.60 11.73 -6.30
C GLY B 15 -27.50 10.23 -6.47
N PRO B 16 -26.72 9.57 -5.61
CA PRO B 16 -26.54 8.13 -5.67
C PRO B 16 -27.88 7.40 -5.55
N LYS B 17 -28.07 6.41 -6.41
CA LYS B 17 -29.27 5.60 -6.39
C LYS B 17 -28.87 4.13 -6.35
N LYS B 18 -29.25 3.46 -5.26
CA LYS B 18 -28.90 2.06 -5.06
C LYS B 18 -30.17 1.25 -4.75
N ALA B 19 -30.22 0.03 -5.26
CA ALA B 19 -31.15 -0.99 -4.75
C ALA B 19 -30.39 -2.28 -4.54
N ILE B 20 -30.96 -3.18 -3.76
CA ILE B 20 -30.31 -4.44 -3.39
C ILE B 20 -31.32 -5.59 -3.38
N ILE B 21 -31.00 -6.70 -4.06
CA ILE B 21 -31.83 -7.88 -3.99
C ILE B 21 -31.33 -8.73 -2.84
N GLN B 22 -32.25 -9.15 -1.99
CA GLN B 22 -31.93 -10.03 -0.88
C GLN B 22 -32.69 -11.34 -1.07
N THR B 23 -31.93 -12.41 -1.25
CA THR B 23 -32.48 -13.73 -1.58
C THR B 23 -31.59 -14.83 -1.03
N GLU B 24 -32.08 -16.06 -1.00
CA GLU B 24 -31.30 -17.20 -0.53
C GLU B 24 -30.64 -17.95 -1.69
N GLN B 25 -31.09 -17.62 -2.90
CA GLN B 25 -30.51 -18.08 -4.15
C GLN B 25 -29.07 -17.62 -4.33
N PRO B 26 -28.13 -18.58 -4.46
CA PRO B 26 -26.71 -18.29 -4.72
C PRO B 26 -26.46 -17.61 -6.06
N HIS B 27 -27.36 -17.82 -7.03
CA HIS B 27 -27.27 -17.17 -8.34
C HIS B 27 -28.66 -16.80 -8.84
N LEU B 28 -28.72 -15.85 -9.76
CA LEU B 28 -30.00 -15.45 -10.36
C LEU B 28 -30.16 -16.06 -11.73
N SER B 29 -31.40 -16.08 -12.21
CA SER B 29 -31.70 -16.52 -13.57
C SER B 29 -31.54 -15.37 -14.58
N SER B 30 -31.45 -14.14 -14.06
CA SER B 30 -31.23 -12.96 -14.90
C SER B 30 -30.53 -11.85 -14.15
N TYR B 31 -29.67 -11.12 -14.85
CA TYR B 31 -28.83 -10.09 -14.26
C TYR B 31 -29.13 -8.74 -14.91
N THR B 32 -30.42 -8.49 -15.09
CA THR B 32 -30.92 -7.23 -15.65
C THR B 32 -32.16 -6.80 -14.86
N ALA B 33 -32.19 -5.51 -14.53
CA ALA B 33 -33.30 -4.91 -13.79
C ALA B 33 -33.89 -3.80 -14.61
N GLN B 34 -35.21 -3.67 -14.55
CA GLN B 34 -35.90 -2.60 -15.24
C GLN B 34 -36.50 -1.60 -14.26
N LEU B 35 -36.29 -0.32 -14.56
CA LEU B 35 -36.92 0.74 -13.80
C LEU B 35 -38.23 1.04 -14.49
N ILE B 36 -39.31 0.90 -13.75
CA ILE B 36 -40.64 1.04 -14.30
C ILE B 36 -41.36 2.21 -13.63
N CYS B 37 -41.81 3.14 -14.46
CA CYS B 37 -42.69 4.22 -14.04
C CYS B 37 -43.96 3.66 -13.39
N ALA B 38 -44.31 4.14 -12.19
CA ALA B 38 -45.46 3.59 -11.45
C ALA B 38 -46.82 4.01 -12.01
N THR B 39 -46.87 5.14 -12.70
CA THR B 39 -48.09 5.62 -13.34
C THR B 39 -48.34 4.88 -14.67
N SER B 40 -47.41 5.03 -15.61
CA SER B 40 -47.59 4.55 -16.98
C SER B 40 -47.34 3.06 -17.15
N GLU B 41 -46.63 2.47 -16.18
CA GLU B 41 -46.17 1.07 -16.21
C GLU B 41 -45.17 0.75 -17.34
N GLN B 42 -44.70 1.79 -18.01
CA GLN B 42 -43.71 1.68 -19.08
C GLN B 42 -42.32 1.64 -18.47
N THR B 43 -41.49 0.69 -18.92
CA THR B 43 -40.07 0.63 -18.56
C THR B 43 -39.38 1.89 -19.06
N VAL B 44 -38.74 2.62 -18.15
CA VAL B 44 -38.11 3.88 -18.49
C VAL B 44 -36.58 3.76 -18.59
N ALA B 45 -36.02 2.73 -17.96
CA ALA B 45 -34.57 2.45 -18.02
C ALA B 45 -34.23 1.03 -17.57
N THR B 46 -33.00 0.62 -17.89
CA THR B 46 -32.52 -0.76 -17.67
C THR B 46 -31.14 -0.73 -17.01
N PHE B 47 -30.93 -1.61 -16.02
CA PHE B 47 -29.70 -1.59 -15.22
C PHE B 47 -29.11 -2.96 -14.96
N ALA B 48 -27.80 -2.99 -14.72
CA ALA B 48 -27.09 -4.23 -14.46
C ALA B 48 -27.30 -4.66 -13.03
N VAL B 49 -27.19 -5.95 -12.78
CA VAL B 49 -27.30 -6.52 -11.44
C VAL B 49 -25.98 -7.21 -11.13
N GLU B 50 -25.32 -6.79 -10.04
CA GLU B 50 -23.99 -7.28 -9.70
C GLU B 50 -24.03 -8.19 -8.48
N GLU B 51 -23.36 -9.35 -8.59
CA GLU B 51 -23.22 -10.26 -7.45
C GLU B 51 -22.35 -9.63 -6.36
N GLN B 52 -22.63 -9.99 -5.10
CA GLN B 52 -21.83 -9.53 -3.97
C GLN B 52 -21.50 -10.72 -3.09
N GLY B 53 -22.42 -11.67 -3.04
CA GLY B 53 -22.25 -12.85 -2.21
C GLY B 53 -22.77 -12.60 -0.81
N LYS B 54 -21.93 -12.91 0.18
CA LYS B 54 -22.36 -12.85 1.57
C LYS B 54 -21.63 -11.81 2.39
N VAL B 55 -22.36 -11.22 3.34
CA VAL B 55 -21.84 -10.19 4.21
C VAL B 55 -21.59 -10.79 5.58
N ALA B 56 -20.37 -10.60 6.08
CA ALA B 56 -19.95 -10.98 7.43
C ALA B 56 -20.49 -12.35 7.82
N ASN B 57 -21.39 -12.39 8.81
CA ASN B 57 -22.07 -13.61 9.16
C ASN B 57 -23.58 -13.41 9.23
N TRP B 58 -24.05 -12.43 8.47
CA TRP B 58 -25.46 -12.02 8.43
C TRP B 58 -26.32 -13.16 7.89
N HIS B 59 -27.45 -13.42 8.56
CA HIS B 59 -28.28 -14.58 8.24
C HIS B 59 -29.24 -14.43 7.07
N GLN B 60 -29.30 -13.27 6.42
CA GLN B 60 -30.25 -13.06 5.30
C GLN B 60 -29.87 -13.66 3.94
N GLY B 61 -28.65 -14.18 3.83
CA GLY B 61 -28.21 -14.85 2.60
C GLY B 61 -27.42 -14.00 1.62
N TYR B 62 -27.94 -13.88 0.41
CA TYR B 62 -27.17 -13.34 -0.72
C TYR B 62 -27.63 -11.97 -1.16
N PHE B 63 -26.68 -11.12 -1.54
CA PHE B 63 -27.02 -9.76 -1.95
C PHE B 63 -26.54 -9.47 -3.33
N TYR B 64 -27.32 -8.68 -4.05
CA TYR B 64 -27.03 -8.30 -5.42
C TYR B 64 -27.25 -6.80 -5.55
N LEU B 65 -26.35 -6.10 -6.23
CA LEU B 65 -26.34 -4.65 -6.24
C LEU B 65 -26.88 -4.10 -7.54
N ILE B 66 -27.82 -3.16 -7.45
CA ILE B 66 -28.31 -2.42 -8.61
C ILE B 66 -27.98 -0.95 -8.42
N ASP B 67 -27.14 -0.41 -9.29
CA ASP B 67 -26.74 1.00 -9.23
C ASP B 67 -27.44 1.77 -10.33
N PHE B 68 -28.45 2.54 -9.96
CA PHE B 68 -29.21 3.31 -10.95
C PHE B 68 -29.01 4.83 -10.86
N SER B 69 -27.82 5.24 -10.44
CA SER B 69 -27.47 6.64 -10.19
C SER B 69 -27.57 7.54 -11.42
N SER B 70 -27.31 6.96 -12.60
CA SER B 70 -27.28 7.71 -13.86
C SER B 70 -28.66 8.21 -14.28
N PHE B 71 -29.71 7.54 -13.81
CA PHE B 71 -31.08 7.97 -14.05
C PHE B 71 -31.35 9.28 -13.33
N THR B 72 -31.83 10.30 -14.04
CA THR B 72 -32.01 11.62 -13.44
C THR B 72 -33.36 12.24 -13.75
N ASP B 73 -34.40 11.41 -13.89
CA ASP B 73 -35.73 11.93 -14.21
C ASP B 73 -36.66 11.88 -12.99
N SER B 74 -37.32 13.00 -12.73
CA SER B 74 -38.27 13.10 -11.63
C SER B 74 -39.52 12.24 -11.81
N GLY B 75 -40.05 11.71 -10.70
CA GLY B 75 -41.30 10.95 -10.74
C GLY B 75 -41.31 9.76 -9.82
N ASP B 76 -42.37 8.95 -9.90
CA ASP B 76 -42.49 7.76 -9.07
C ASP B 76 -42.23 6.49 -9.87
N TYR B 77 -41.31 5.68 -9.38
CA TYR B 77 -40.88 4.49 -10.09
C TYR B 77 -40.82 3.33 -9.13
N PHE B 78 -40.61 2.13 -9.68
CA PHE B 78 -40.19 0.97 -8.90
C PHE B 78 -39.23 0.11 -9.71
N LEU B 79 -38.65 -0.90 -9.07
CA LEU B 79 -37.72 -1.76 -9.75
C LEU B 79 -38.23 -3.19 -9.90
N GLN B 80 -37.91 -3.80 -11.03
CA GLN B 80 -38.35 -5.16 -11.36
C GLN B 80 -37.18 -6.05 -11.80
N VAL B 81 -37.07 -7.21 -11.15
CA VAL B 81 -36.20 -8.26 -11.62
C VAL B 81 -37.03 -9.53 -11.65
N GLU B 82 -37.22 -10.10 -12.85
CA GLU B 82 -37.88 -11.40 -13.03
C GLU B 82 -39.16 -11.53 -12.20
N ASP B 83 -39.00 -12.18 -11.04
CA ASP B 83 -40.08 -12.40 -10.09
C ASP B 83 -40.28 -11.21 -9.13
N SER B 84 -39.16 -10.72 -8.58
CA SER B 84 -39.16 -9.72 -7.51
C SER B 84 -39.43 -8.29 -7.98
N ARG B 85 -40.13 -7.55 -7.13
CA ARG B 85 -40.60 -6.20 -7.41
C ARG B 85 -40.34 -5.32 -6.17
N SER B 86 -39.88 -4.09 -6.36
CA SER B 86 -39.65 -3.21 -5.21
C SER B 86 -40.89 -2.37 -4.99
N SER B 87 -41.08 -1.88 -3.77
CA SER B 87 -42.12 -0.89 -3.50
C SER B 87 -41.77 0.39 -4.26
N THR B 88 -42.78 1.22 -4.51
CA THR B 88 -42.56 2.40 -5.34
C THR B 88 -41.96 3.57 -4.56
N PHE B 89 -40.97 4.22 -5.15
CA PHE B 89 -40.26 5.32 -4.52
C PHE B 89 -40.31 6.53 -5.45
N THR B 90 -39.99 7.70 -4.89
CA THR B 90 -39.99 8.96 -5.62
C THR B 90 -38.56 9.35 -5.97
N VAL B 91 -38.37 9.98 -7.13
CA VAL B 91 -37.09 10.56 -7.48
C VAL B 91 -37.34 12.04 -7.67
N GLY B 92 -36.62 12.87 -6.92
CA GLY B 92 -36.84 14.32 -6.96
C GLY B 92 -35.78 15.13 -6.23
N GLU B 93 -35.93 16.45 -6.22
CA GLU B 93 -35.04 17.31 -5.46
C GLU B 93 -35.55 17.47 -4.03
N HIS B 94 -34.63 17.37 -3.08
CA HIS B 94 -34.91 17.58 -1.65
C HIS B 94 -35.94 16.64 -1.05
N ILE B 95 -35.97 15.40 -1.54
CA ILE B 95 -37.02 14.48 -1.18
C ILE B 95 -37.20 14.20 0.33
N LEU B 96 -36.15 13.83 1.07
CA LEU B 96 -36.33 13.55 2.50
C LEU B 96 -36.69 14.80 3.30
N LEU B 97 -36.13 15.95 2.89
CA LEU B 97 -36.51 17.23 3.47
C LEU B 97 -38.00 17.56 3.30
N ASN B 98 -38.45 17.63 2.04
CA ASN B 98 -39.86 17.84 1.68
C ASN B 98 -40.78 16.88 2.43
N GLN B 99 -40.45 15.59 2.36
CA GLN B 99 -41.32 14.52 2.81
C GLN B 99 -41.35 14.28 4.31
N THR B 100 -40.26 14.60 5.01
CA THR B 100 -40.13 14.11 6.39
C THR B 100 -39.81 15.12 7.51
N LEU B 101 -39.30 16.30 7.14
CA LEU B 101 -38.81 17.24 8.15
C LEU B 101 -39.91 17.66 9.13
N SER B 102 -41.03 18.10 8.58
CA SER B 102 -42.17 18.57 9.36
C SER B 102 -42.64 17.51 10.38
N ASP B 103 -42.62 16.25 9.97
CA ASP B 103 -42.97 15.15 10.86
C ASP B 103 -42.04 14.95 12.03
N VAL B 104 -40.75 15.15 11.81
CA VAL B 104 -39.74 15.05 12.86
C VAL B 104 -39.89 16.19 13.88
N ILE B 105 -40.17 17.40 13.38
CA ILE B 105 -40.45 18.56 14.24
C ILE B 105 -41.66 18.31 15.14
N HIS B 106 -42.77 17.83 14.57
CA HIS B 106 -43.97 17.44 15.32
C HIS B 106 -43.68 16.33 16.36
N TYR B 107 -42.74 15.45 16.04
CA TYR B 107 -42.30 14.41 16.97
C TYR B 107 -41.66 15.03 18.20
N PHE B 108 -40.79 16.01 18.00
CA PHE B 108 -40.16 16.68 19.12
C PHE B 108 -41.18 17.40 19.96
N LYS B 109 -42.06 18.16 19.30
CA LYS B 109 -43.12 18.85 19.99
C LYS B 109 -44.05 17.90 20.78
N SER B 110 -44.35 16.74 20.21
CA SER B 110 -45.13 15.72 20.93
C SER B 110 -44.40 15.07 22.12
N GLN B 111 -43.08 15.31 22.23
CA GLN B 111 -42.26 14.68 23.27
C GLN B 111 -41.81 15.65 24.34
N ARG B 112 -42.27 16.89 24.23
CA ARG B 112 -42.00 17.88 25.26
C ARG B 112 -42.52 17.42 26.60
N CYS B 113 -41.75 17.65 27.66
CA CYS B 113 -42.15 17.27 29.00
C CYS B 113 -43.43 18.00 29.40
N GLY B 114 -44.36 17.27 30.02
CA GLY B 114 -45.65 17.86 30.39
C GLY B 114 -46.33 17.21 31.58
N GLY B 115 -47.56 17.66 31.81
CA GLY B 115 -48.47 17.12 32.81
C GLY B 115 -47.85 16.98 34.16
N VAL B 116 -48.00 15.79 34.75
CA VAL B 116 -47.53 15.54 36.12
C VAL B 116 -46.01 15.54 36.19
N PHE B 117 -45.38 15.15 35.10
CA PHE B 117 -43.94 15.06 35.05
C PHE B 117 -43.31 16.44 35.08
N ASP B 118 -43.81 17.35 34.24
CA ASP B 118 -43.33 18.73 34.27
C ASP B 118 -43.68 19.46 35.55
N GLN B 119 -44.87 19.19 36.10
CA GLN B 119 -45.26 19.73 37.41
C GLN B 119 -44.27 19.34 38.50
N GLN B 120 -43.94 18.04 38.56
CA GLN B 120 -42.95 17.53 39.52
C GLN B 120 -41.57 18.14 39.30
N ASP B 121 -41.27 18.46 38.03
CA ASP B 121 -39.97 19.00 37.65
C ASP B 121 -39.69 20.43 38.05
N ARG B 122 -40.70 21.15 38.54
CA ARG B 122 -40.51 22.51 39.07
C ARG B 122 -39.97 22.47 40.50
N GLN B 123 -39.83 21.24 41.05
CA GLN B 123 -39.41 20.99 42.41
C GLN B 123 -38.75 19.61 42.48
N VAL B 124 -37.63 19.43 41.78
CA VAL B 124 -36.94 18.12 41.74
C VAL B 124 -35.84 18.05 42.81
N PRO B 125 -35.85 16.98 43.63
CA PRO B 125 -34.73 16.74 44.54
C PRO B 125 -33.38 16.60 43.81
N VAL B 126 -32.41 17.41 44.24
CA VAL B 126 -31.02 17.26 43.84
C VAL B 126 -30.37 16.31 44.82
N LEU B 127 -29.89 15.18 44.33
CA LEU B 127 -29.50 14.05 45.17
C LEU B 127 -28.38 14.39 46.15
N ASN B 128 -28.59 14.03 47.41
CA ASN B 128 -27.69 14.29 48.56
C ASN B 128 -27.31 15.73 48.83
N ALA B 129 -28.15 16.67 48.37
CA ALA B 129 -27.84 18.09 48.47
C ALA B 129 -28.90 18.84 49.27
N ASN B 130 -29.86 18.09 49.83
CA ASN B 130 -30.94 18.65 50.67
C ASN B 130 -31.51 19.98 50.15
N GLN B 131 -31.86 19.97 48.86
CA GLN B 131 -32.42 21.11 48.16
C GLN B 131 -33.09 20.63 46.88
N THR B 132 -33.82 21.55 46.25
CA THR B 132 -34.74 21.21 45.20
C THR B 132 -34.46 22.16 44.02
N ALA B 133 -34.81 21.77 42.80
CA ALA B 133 -34.52 22.62 41.64
C ALA B 133 -35.68 22.67 40.64
N ASP B 134 -35.89 23.85 40.05
CA ASP B 134 -36.85 24.01 38.96
C ASP B 134 -36.21 23.71 37.60
N VAL B 135 -36.40 22.47 37.14
CA VAL B 135 -35.87 22.04 35.84
C VAL B 135 -36.97 21.54 34.89
N HIS B 136 -38.10 22.25 34.90
CA HIS B 136 -39.22 21.95 34.00
C HIS B 136 -38.79 22.27 32.57
N GLY B 137 -39.46 21.65 31.59
CA GLY B 137 -39.13 21.82 30.18
C GLY B 137 -38.36 20.65 29.61
N GLY B 138 -37.83 20.84 28.40
CA GLY B 138 -37.11 19.78 27.70
C GLY B 138 -38.01 18.69 27.15
N TRP B 139 -37.39 17.67 26.54
CA TRP B 139 -38.10 16.53 25.99
C TRP B 139 -37.83 15.27 26.79
N TYR B 140 -38.80 14.35 26.81
CA TYR B 140 -38.57 12.98 27.31
C TYR B 140 -37.51 12.29 26.46
N ASP B 141 -36.66 11.51 27.14
CA ASP B 141 -35.51 10.96 26.46
C ASP B 141 -35.85 9.91 25.39
N ALA B 142 -36.86 9.10 25.66
CA ALA B 142 -37.14 7.92 24.86
C ALA B 142 -38.63 7.63 24.86
N SER B 143 -39.09 6.73 23.98
CA SER B 143 -40.49 6.27 24.01
C SER B 143 -40.87 5.47 25.26
N GLY B 144 -39.86 4.94 25.94
CA GLY B 144 -40.13 4.27 27.21
C GLY B 144 -39.41 4.90 28.38
N ASP B 145 -39.09 6.20 28.30
CA ASP B 145 -38.40 6.88 29.40
C ASP B 145 -38.80 8.35 29.47
N VAL B 146 -39.52 8.72 30.52
CA VAL B 146 -39.87 10.13 30.77
C VAL B 146 -38.78 10.93 31.49
N SER B 147 -37.60 10.33 31.65
CA SER B 147 -36.45 11.03 32.23
C SER B 147 -35.85 11.96 31.20
N LYS B 148 -35.09 12.94 31.67
CA LYS B 148 -34.48 13.91 30.77
C LYS B 148 -32.97 13.95 31.03
N TYR B 149 -32.19 14.06 29.96
CA TYR B 149 -30.75 13.79 30.00
C TYR B 149 -29.98 14.84 29.24
N LEU B 150 -28.90 15.33 29.84
CA LEU B 150 -27.81 15.92 29.07
C LEU B 150 -26.98 14.83 28.42
N SER B 151 -26.79 13.74 29.18
CA SER B 151 -26.02 12.56 28.79
C SER B 151 -26.23 11.45 29.83
N HIS B 152 -25.68 10.27 29.56
CA HIS B 152 -25.50 9.23 30.57
C HIS B 152 -24.34 8.31 30.23
N LEU B 153 -24.21 7.21 30.96
CA LEU B 153 -23.11 6.23 30.83
C LEU B 153 -21.74 6.83 31.13
N SER B 154 -21.72 7.86 31.99
CA SER B 154 -20.50 8.57 32.37
C SER B 154 -19.44 7.67 33.00
N TYR B 155 -19.91 6.64 33.73
CA TYR B 155 -19.06 5.71 34.46
C TYR B 155 -18.26 4.81 33.54
N ALA B 156 -18.67 4.73 32.27
CA ALA B 156 -17.96 3.94 31.26
C ALA B 156 -16.93 4.79 30.51
N ASN B 157 -16.95 6.10 30.78
CA ASN B 157 -15.96 7.06 30.28
C ASN B 157 -15.89 7.34 28.78
N TYR B 158 -16.04 6.31 27.95
CA TYR B 158 -15.91 6.44 26.48
C TYR B 158 -17.24 6.34 25.72
N LEU B 159 -18.35 6.38 26.45
CA LEU B 159 -19.63 6.08 25.85
C LEU B 159 -20.63 7.24 25.84
N ASN B 160 -20.28 8.32 26.53
CA ASN B 160 -21.14 9.47 26.74
C ASN B 160 -21.81 9.98 25.47
N PRO B 161 -23.13 9.78 25.36
CA PRO B 161 -23.82 10.36 24.21
C PRO B 161 -24.35 11.74 24.56
N GLN B 162 -24.30 12.65 23.60
CA GLN B 162 -24.88 13.99 23.83
C GLN B 162 -26.36 13.85 23.53
N GLN B 163 -27.22 14.29 24.45
CA GLN B 163 -28.63 14.00 24.32
C GLN B 163 -29.45 15.27 24.11
N THR B 164 -30.09 15.80 25.16
CA THR B 164 -30.88 17.03 25.04
C THR B 164 -30.12 18.16 24.31
N PRO B 165 -28.86 18.48 24.72
CA PRO B 165 -28.28 19.62 24.04
C PRO B 165 -27.95 19.39 22.57
N MET B 166 -27.75 18.14 22.18
CA MET B 166 -27.53 17.82 20.77
C MET B 166 -28.74 18.22 19.91
N VAL B 167 -29.93 17.92 20.42
CA VAL B 167 -31.19 18.31 19.77
C VAL B 167 -31.21 19.81 19.45
N VAL B 168 -30.88 20.65 20.44
CA VAL B 168 -30.89 22.10 20.27
C VAL B 168 -29.83 22.55 19.23
N TRP B 169 -28.61 22.04 19.40
CA TRP B 169 -27.50 22.39 18.52
C TRP B 169 -27.79 21.97 17.08
N ASN B 170 -28.22 20.72 16.92
CA ASN B 170 -28.63 20.17 15.61
C ASN B 170 -29.68 21.03 14.91
N ILE B 171 -30.74 21.40 15.62
CA ILE B 171 -31.80 22.22 15.04
C ILE B 171 -31.26 23.59 14.59
N LEU B 172 -30.50 24.24 15.46
CA LEU B 172 -29.87 25.52 15.17
C LEU B 172 -28.87 25.45 14.03
N LYS B 173 -28.06 24.39 13.99
CA LYS B 173 -27.14 24.12 12.90
C LYS B 173 -27.88 23.91 11.57
N GLY B 174 -28.95 23.12 11.59
CA GLY B 174 -29.80 22.94 10.42
C GLY B 174 -30.41 24.25 9.93
N LEU B 175 -30.87 25.06 10.88
CA LEU B 175 -31.43 26.38 10.60
C LEU B 175 -30.44 27.26 9.83
N SER B 176 -29.21 27.33 10.32
CA SER B 176 -28.20 28.20 9.72
C SER B 176 -27.73 27.70 8.36
N LEU B 177 -27.73 26.37 8.17
CA LEU B 177 -27.43 25.83 6.85
C LEU B 177 -28.42 26.28 5.77
N LEU B 178 -29.71 26.26 6.08
CA LEU B 178 -30.73 26.59 5.06
C LEU B 178 -31.15 28.04 5.08
N GLU B 179 -30.60 28.81 6.03
CA GLU B 179 -30.89 30.22 6.19
C GLU B 179 -30.59 31.02 4.92
N GLY B 180 -31.60 31.73 4.42
CA GLY B 180 -31.44 32.53 3.21
C GLY B 180 -31.76 31.80 1.91
N SER B 181 -32.08 30.51 2.00
CA SER B 181 -32.54 29.76 0.84
C SER B 181 -34.04 29.51 0.97
N GLU B 182 -34.64 28.99 -0.11
CA GLU B 182 -36.06 28.64 -0.07
C GLU B 182 -36.29 27.15 0.05
N ASP B 183 -35.32 26.44 0.63
CA ASP B 183 -35.41 25.00 0.78
C ASP B 183 -36.49 24.62 1.78
N ILE B 184 -36.67 25.47 2.79
CA ILE B 184 -37.80 25.35 3.70
C ILE B 184 -38.62 26.63 3.74
N ALA B 185 -39.88 26.50 4.12
CA ALA B 185 -40.80 27.62 4.17
C ALA B 185 -40.59 28.42 5.43
N ALA B 186 -41.06 29.68 5.40
CA ALA B 186 -40.98 30.59 6.53
C ALA B 186 -41.54 29.98 7.82
N PHE B 187 -42.75 29.39 7.72
CA PHE B 187 -43.43 28.75 8.85
C PHE B 187 -42.65 27.55 9.42
N THR B 188 -41.97 26.82 8.52
CA THR B 188 -41.10 25.71 8.93
C THR B 188 -39.95 26.24 9.77
N ARG B 189 -39.34 27.33 9.31
CA ARG B 189 -38.27 28.00 10.04
C ARG B 189 -38.74 28.49 11.42
N THR B 190 -39.92 29.12 11.47
CA THR B 190 -40.53 29.52 12.74
C THR B 190 -40.68 28.31 13.70
N ARG B 191 -41.09 27.17 13.16
CA ARG B 191 -41.35 25.98 13.95
C ARG B 191 -40.07 25.36 14.52
N LEU B 192 -39.00 25.39 13.73
CA LEU B 192 -37.70 24.88 14.15
C LEU B 192 -37.11 25.76 15.24
N ILE B 193 -37.18 27.08 15.02
CA ILE B 193 -36.76 28.05 16.04
C ILE B 193 -37.46 27.83 17.39
N GLU B 194 -38.77 27.60 17.37
CA GLU B 194 -39.54 27.40 18.59
C GLU B 194 -39.06 26.19 19.37
N GLU B 195 -38.83 25.10 18.65
CA GLU B 195 -38.37 23.83 19.26
C GLU B 195 -36.98 23.95 19.87
N ALA B 196 -36.09 24.69 19.19
CA ALA B 196 -34.74 24.91 19.66
C ALA B 196 -34.76 25.74 20.95
N LEU B 197 -35.52 26.83 20.92
CA LEU B 197 -35.59 27.74 22.06
C LEU B 197 -36.29 27.10 23.24
N PHE B 198 -37.28 26.26 22.97
CA PHE B 198 -37.86 25.43 24.01
C PHE B 198 -36.77 24.64 24.76
N GLY B 199 -35.85 24.03 24.00
CA GLY B 199 -34.71 23.31 24.57
C GLY B 199 -33.71 24.21 25.26
N ALA B 200 -33.41 25.37 24.66
CA ALA B 200 -32.47 26.33 25.23
C ALA B 200 -32.89 26.79 26.63
N ASP B 201 -34.20 27.01 26.82
CA ASP B 201 -34.77 27.36 28.11
C ASP B 201 -34.54 26.30 29.17
N PHE B 202 -34.73 25.05 28.79
CA PHE B 202 -34.46 23.93 29.67
C PHE B 202 -32.98 23.91 30.06
N LEU B 203 -32.10 24.16 29.09
CA LEU B 203 -30.66 24.17 29.36
C LEU B 203 -30.28 25.23 30.40
N VAL B 204 -30.78 26.45 30.22
CA VAL B 204 -30.66 27.53 31.22
C VAL B 204 -31.08 27.06 32.63
N ARG B 205 -32.23 26.41 32.72
CA ARG B 205 -32.75 25.92 33.98
C ARG B 205 -31.92 24.78 34.55
N MET B 206 -31.26 24.03 33.68
CA MET B 206 -30.43 22.90 34.10
C MET B 206 -29.05 23.33 34.64
N GLN B 207 -28.71 24.61 34.50
CA GLN B 207 -27.47 25.13 35.06
C GLN B 207 -27.57 25.54 36.53
N ASN B 208 -26.72 24.91 37.35
CA ASN B 208 -26.57 25.28 38.74
C ASN B 208 -25.90 26.64 38.83
N GLU B 209 -26.18 27.38 39.91
CA GLU B 209 -25.59 28.70 40.14
C GLU B 209 -24.06 28.73 40.16
N LYS B 210 -23.43 27.59 40.48
CA LYS B 210 -21.96 27.48 40.44
C LYS B 210 -21.40 27.50 39.00
N GLY B 211 -22.22 27.12 38.03
CA GLY B 211 -21.83 27.20 36.62
C GLY B 211 -22.02 25.88 35.89
N PHE B 212 -22.06 24.78 36.65
CA PHE B 212 -22.23 23.47 36.03
C PHE B 212 -23.69 23.20 35.69
N PHE B 213 -23.89 22.33 34.68
CA PHE B 213 -25.21 21.85 34.33
C PHE B 213 -25.46 20.49 34.98
N TYR B 214 -26.71 20.24 35.38
CA TYR B 214 -27.10 18.94 35.91
C TYR B 214 -27.15 17.92 34.78
N MET B 215 -26.79 16.67 35.05
CA MET B 215 -26.64 15.72 33.95
C MET B 215 -27.98 15.06 33.59
N THR B 216 -28.87 14.95 34.57
CA THR B 216 -30.03 14.08 34.44
C THR B 216 -31.11 14.41 35.45
N VAL B 217 -32.35 14.34 34.98
CA VAL B 217 -33.51 14.13 35.84
C VAL B 217 -33.89 12.66 35.62
N PHE B 218 -33.68 11.82 36.63
CA PHE B 218 -33.84 10.37 36.45
C PHE B 218 -34.80 9.72 37.44
N ASP B 219 -35.61 8.79 36.93
CA ASP B 219 -36.71 8.25 37.68
C ASP B 219 -36.57 6.74 37.84
N LYS B 220 -35.41 6.21 37.47
CA LYS B 220 -35.15 4.75 37.42
C LYS B 220 -36.11 3.98 36.49
N TRP B 221 -36.52 4.63 35.40
CA TRP B 221 -37.46 4.09 34.39
C TRP B 221 -38.84 3.71 34.93
N SER B 222 -39.24 4.34 36.03
CA SER B 222 -40.40 3.88 36.83
C SER B 222 -41.69 4.55 36.41
N LYS B 223 -41.55 5.75 35.87
CA LYS B 223 -42.68 6.64 35.53
C LYS B 223 -43.43 7.15 36.76
N ASP B 224 -42.82 6.95 37.93
CA ASP B 224 -43.29 7.51 39.17
C ASP B 224 -42.67 8.90 39.27
N THR B 225 -43.52 9.91 39.50
CA THR B 225 -43.04 11.30 39.63
C THR B 225 -42.25 11.49 40.91
N ALA B 226 -42.59 10.72 41.93
CA ALA B 226 -41.90 10.80 43.22
C ALA B 226 -40.45 10.29 43.16
N GLN B 227 -40.12 9.55 42.09
CA GLN B 227 -38.76 9.02 41.93
C GLN B 227 -37.86 9.90 41.06
N ARG B 228 -38.38 11.02 40.58
CA ARG B 228 -37.61 11.92 39.73
C ARG B 228 -36.60 12.69 40.55
N GLU B 229 -35.32 12.38 40.34
CA GLU B 229 -34.22 13.05 41.03
C GLU B 229 -33.13 13.51 40.08
N ILE B 230 -32.52 14.63 40.42
CA ILE B 230 -31.31 15.05 39.76
C ILE B 230 -30.12 14.23 40.30
N CYS B 231 -29.55 13.41 39.41
CA CYS B 231 -28.43 12.55 39.73
C CYS B 231 -27.69 12.14 38.47
N ALA B 232 -26.71 11.27 38.65
CA ALA B 232 -26.11 10.49 37.57
C ALA B 232 -26.37 9.06 37.98
N TYR B 233 -26.26 8.14 37.04
CA TYR B 233 -26.49 6.74 37.37
C TYR B 233 -25.57 5.78 36.68
N GLU B 234 -25.55 4.55 37.19
CA GLU B 234 -24.63 3.53 36.72
C GLU B 234 -25.32 2.18 36.60
N THR B 235 -24.83 1.36 35.66
CA THR B 235 -25.29 -0.01 35.38
C THR B 235 -26.70 -0.07 34.78
N GLN B 236 -27.13 -1.27 34.39
CA GLN B 236 -28.44 -1.48 33.77
C GLN B 236 -29.57 -1.33 34.79
N LEU B 237 -29.21 -1.34 36.08
CA LEU B 237 -30.16 -1.25 37.17
C LEU B 237 -30.40 0.20 37.63
N GLY B 238 -29.58 1.11 37.17
CA GLY B 238 -29.81 2.53 37.35
C GLY B 238 -29.57 3.01 38.76
N HIS B 239 -28.48 2.53 39.39
CA HIS B 239 -28.09 2.98 40.72
C HIS B 239 -27.73 4.44 40.65
N LYS B 240 -28.32 5.26 41.52
CA LYS B 240 -28.15 6.70 41.44
C LYS B 240 -27.02 7.19 42.32
N PHE B 241 -26.26 8.14 41.79
CA PHE B 241 -25.14 8.74 42.50
C PHE B 241 -25.16 10.25 42.30
N ASP B 242 -24.53 10.97 43.23
CA ASP B 242 -24.59 12.43 43.28
C ASP B 242 -23.53 13.17 42.46
N ASP B 243 -22.92 12.49 41.48
CA ASP B 243 -22.03 13.17 40.54
C ASP B 243 -22.82 13.62 39.31
N TYR B 244 -23.73 14.56 39.53
CA TYR B 244 -24.65 15.05 38.51
C TYR B 244 -24.05 16.20 37.70
N GLN B 245 -22.85 16.60 38.05
CA GLN B 245 -22.19 17.70 37.36
C GLN B 245 -21.74 17.22 35.98
N ALA B 246 -22.24 17.89 34.94
CA ALA B 246 -21.92 17.47 33.58
C ALA B 246 -20.54 17.96 33.18
N GLY B 247 -19.66 17.03 32.83
CA GLY B 247 -18.36 17.37 32.27
C GLY B 247 -18.51 17.90 30.84
N PHE B 248 -17.39 18.22 30.22
CA PHE B 248 -17.40 18.58 28.81
C PHE B 248 -18.01 17.43 28.00
N ARG B 249 -17.58 16.19 28.26
CA ARG B 249 -18.08 15.00 27.52
C ARG B 249 -19.45 14.49 27.96
N GLN B 250 -19.97 15.01 29.06
CA GLN B 250 -21.18 14.50 29.65
C GLN B 250 -22.35 15.46 29.39
N GLY B 251 -22.36 16.09 28.22
CA GLY B 251 -23.46 16.95 27.86
C GLY B 251 -23.19 18.42 28.03
N GLY B 252 -22.24 18.75 28.91
CA GLY B 252 -21.93 20.14 29.27
C GLY B 252 -21.39 20.98 28.13
N GLY B 253 -20.50 20.40 27.33
CA GLY B 253 -19.89 21.09 26.19
C GLY B 253 -20.93 21.50 25.16
N VAL B 254 -21.73 20.53 24.73
CA VAL B 254 -22.79 20.79 23.77
C VAL B 254 -23.88 21.72 24.34
N ALA B 255 -24.13 21.65 25.65
CA ALA B 255 -25.04 22.60 26.33
C ALA B 255 -24.58 24.05 26.17
N ILE B 256 -23.29 24.29 26.42
CA ILE B 256 -22.67 25.60 26.20
C ILE B 256 -22.81 26.02 24.74
N ALA B 257 -22.45 25.10 23.83
CA ALA B 257 -22.52 25.34 22.38
C ALA B 257 -23.95 25.72 21.92
N ALA B 258 -24.92 24.93 22.36
CA ALA B 258 -26.33 25.16 22.05
C ALA B 258 -26.86 26.50 22.59
N LEU B 259 -26.47 26.88 23.80
CA LEU B 259 -26.87 28.17 24.37
C LEU B 259 -26.24 29.37 23.67
N ALA B 260 -24.98 29.21 23.28
CA ALA B 260 -24.25 30.23 22.57
C ALA B 260 -24.85 30.41 21.19
N ALA B 261 -25.21 29.30 20.54
CA ALA B 261 -25.87 29.34 19.24
C ALA B 261 -27.27 29.93 19.34
N ALA B 262 -27.99 29.59 20.40
CA ALA B 262 -29.33 30.14 20.61
C ALA B 262 -29.31 31.66 20.79
N SER B 263 -28.24 32.16 21.40
CA SER B 263 -28.08 33.58 21.69
C SER B 263 -27.87 34.44 20.42
N ARG B 264 -27.66 33.77 19.30
CA ARG B 264 -27.45 34.48 18.05
C ARG B 264 -28.72 34.74 17.26
N LEU B 265 -29.85 34.23 17.75
CA LEU B 265 -31.13 34.40 17.07
C LEU B 265 -31.82 35.73 17.35
N GLY B 266 -32.61 36.18 16.39
CA GLY B 266 -33.32 37.46 16.49
C GLY B 266 -34.50 37.39 17.44
N VAL B 267 -34.97 36.17 17.72
CA VAL B 267 -36.04 35.93 18.69
C VAL B 267 -35.53 35.05 19.83
N HIS B 268 -36.22 35.08 20.96
CA HIS B 268 -35.80 34.30 22.11
C HIS B 268 -36.97 33.58 22.77
N GLY B 269 -36.67 32.62 23.63
CA GLY B 269 -37.68 31.89 24.40
C GLY B 269 -38.05 32.64 25.66
N GLU B 270 -38.30 31.91 26.74
CA GLU B 270 -38.62 32.53 28.02
C GLU B 270 -37.48 33.45 28.45
N TYR B 271 -36.23 33.03 28.19
CA TYR B 271 -35.06 33.81 28.53
C TYR B 271 -34.50 34.50 27.30
N ASP B 272 -33.88 35.67 27.49
CA ASP B 272 -33.35 36.44 26.36
C ASP B 272 -31.97 35.97 25.89
N GLN B 273 -31.48 36.59 24.82
CA GLN B 273 -30.22 36.19 24.21
C GLN B 273 -29.03 36.35 25.16
N GLN B 274 -29.08 37.40 25.98
CA GLN B 274 -28.04 37.67 26.96
C GLN B 274 -28.00 36.59 28.06
N LYS B 275 -29.16 36.09 28.50
CA LYS B 275 -29.20 34.99 29.48
C LYS B 275 -28.57 33.75 28.89
N TYR B 276 -28.89 33.47 27.62
CA TYR B 276 -28.34 32.32 26.90
C TYR B 276 -26.82 32.41 26.82
N ARG B 277 -26.34 33.57 26.36
CA ARG B 277 -24.92 33.86 26.24
C ARG B 277 -24.18 33.80 27.59
N ASN B 278 -24.75 34.37 28.64
CA ASN B 278 -24.09 34.39 29.94
C ASN B 278 -24.01 32.99 30.53
N ALA B 279 -25.10 32.23 30.40
CA ALA B 279 -25.14 30.85 30.87
C ALA B 279 -24.06 30.04 30.16
N ALA B 280 -23.88 30.31 28.85
CA ALA B 280 -22.89 29.63 28.02
C ALA B 280 -21.45 29.98 28.41
N GLU B 281 -21.20 31.28 28.61
CA GLU B 281 -19.89 31.79 29.04
C GLU B 281 -19.49 31.24 30.40
N ASN B 282 -20.37 31.39 31.38
CA ASN B 282 -20.13 30.90 32.73
C ASN B 282 -19.89 29.43 32.75
N GLY B 283 -20.73 28.68 32.03
CA GLY B 283 -20.61 27.23 31.92
C GLY B 283 -19.27 26.78 31.36
N TYR B 284 -18.78 27.52 30.35
CA TYR B 284 -17.51 27.23 29.70
C TYR B 284 -16.28 27.42 30.60
N TRP B 285 -16.19 28.58 31.23
CA TRP B 285 -15.05 28.86 32.08
C TRP B 285 -15.11 28.03 33.37
N HIS B 286 -16.32 27.66 33.80
CA HIS B 286 -16.50 26.74 34.91
C HIS B 286 -15.84 25.41 34.58
N LEU B 287 -16.14 24.86 33.41
CA LEU B 287 -15.60 23.56 33.02
C LEU B 287 -14.13 23.62 32.68
N LYS B 288 -13.68 24.73 32.06
CA LYS B 288 -12.24 25.00 31.90
C LYS B 288 -11.48 24.81 33.22
N GLU B 289 -12.03 25.39 34.28
CA GLU B 289 -11.50 25.23 35.63
C GLU B 289 -11.66 23.82 36.23
N HIS B 290 -12.84 23.22 36.08
CA HIS B 290 -13.25 22.09 36.92
C HIS B 290 -13.42 20.75 36.24
N ASN B 291 -13.34 20.71 34.90
CA ASN B 291 -13.77 19.52 34.14
C ASN B 291 -13.38 18.17 34.70
N THR B 292 -12.08 17.99 34.95
CA THR B 292 -11.52 16.68 35.32
C THR B 292 -12.02 16.15 36.66
N GLN B 293 -12.58 17.06 37.47
CA GLN B 293 -13.23 16.71 38.74
C GLN B 293 -14.57 16.04 38.50
N TYR B 294 -15.13 16.23 37.31
CA TYR B 294 -16.45 15.69 37.01
C TYR B 294 -16.40 14.42 36.18
N LEU B 295 -15.20 14.07 35.72
CA LEU B 295 -14.99 12.90 34.88
C LEU B 295 -14.67 11.72 35.77
N ASN B 296 -15.27 10.57 35.47
CA ASN B 296 -15.21 9.39 36.35
C ASN B 296 -13.82 8.80 36.45
N ASP B 297 -13.08 8.80 35.34
CA ASP B 297 -11.68 8.37 35.37
C ASP B 297 -10.69 9.53 35.54
N GLY B 298 -11.21 10.74 35.69
CA GLY B 298 -10.40 11.94 35.89
C GLY B 298 -9.60 12.41 34.68
N GLU B 299 -9.83 11.80 33.52
CA GLU B 299 -9.00 12.03 32.34
C GLU B 299 -9.84 12.45 31.14
N GLU B 300 -9.57 13.62 30.59
CA GLU B 300 -10.27 14.08 29.39
C GLU B 300 -9.96 13.20 28.20
N ASN B 301 -10.98 12.87 27.40
CA ASN B 301 -10.76 12.13 26.17
C ASN B 301 -11.27 12.84 24.92
N ILE B 302 -11.36 12.08 23.83
CA ILE B 302 -11.82 12.59 22.54
C ILE B 302 -13.19 13.28 22.63
N ILE B 303 -14.09 12.71 23.44
CA ILE B 303 -15.46 13.20 23.55
C ILE B 303 -15.46 14.57 24.18
N ASP B 304 -14.62 14.76 25.20
CA ASP B 304 -14.44 16.07 25.81
C ASP B 304 -14.01 17.09 24.77
N GLU B 305 -13.03 16.70 23.95
CA GLU B 305 -12.36 17.58 23.03
C GLU B 305 -13.27 18.08 21.94
N TYR B 306 -14.01 17.18 21.29
CA TYR B 306 -15.01 17.63 20.32
C TYR B 306 -16.19 18.42 20.89
N CYS B 307 -16.61 18.10 22.11
CA CYS B 307 -17.69 18.86 22.76
C CYS B 307 -17.27 20.28 23.15
N ALA B 308 -16.07 20.39 23.72
CA ALA B 308 -15.51 21.66 24.11
C ALA B 308 -15.14 22.54 22.90
N LEU B 309 -14.77 21.90 21.79
CA LEU B 309 -14.47 22.60 20.56
C LEU B 309 -15.74 23.20 19.96
N LEU B 310 -16.84 22.45 20.02
CA LEU B 310 -18.15 22.98 19.65
C LEU B 310 -18.51 24.19 20.48
N ALA B 311 -18.29 24.05 21.80
CA ALA B 311 -18.56 25.10 22.77
C ALA B 311 -17.78 26.38 22.46
N SER B 312 -16.48 26.24 22.22
CA SER B 312 -15.64 27.42 22.06
C SER B 312 -15.87 28.10 20.71
N VAL B 313 -16.11 27.29 19.66
CA VAL B 313 -16.43 27.81 18.35
C VAL B 313 -17.71 28.66 18.39
N GLU B 314 -18.77 28.10 18.99
CA GLU B 314 -20.04 28.81 19.10
C GLU B 314 -19.91 30.08 19.98
N LEU B 315 -19.13 29.98 21.05
CA LEU B 315 -18.83 31.15 21.88
C LEU B 315 -18.12 32.26 21.13
N PHE B 316 -17.17 31.89 20.27
CA PHE B 316 -16.51 32.87 19.40
C PHE B 316 -17.48 33.54 18.45
N LYS B 317 -18.36 32.75 17.84
CA LYS B 317 -19.35 33.28 16.90
C LYS B 317 -20.32 34.22 17.59
N ALA B 318 -20.69 33.86 18.82
CA ALA B 318 -21.65 34.61 19.62
C ALA B 318 -21.10 35.93 20.16
N THR B 319 -19.84 35.88 20.64
CA THR B 319 -19.26 37.00 21.38
C THR B 319 -18.25 37.81 20.59
N LYS B 320 -17.61 37.18 19.61
CA LYS B 320 -16.49 37.76 18.84
C LYS B 320 -15.18 37.95 19.64
N GLU B 321 -15.21 37.59 20.92
CA GLU B 321 -14.03 37.64 21.78
C GLU B 321 -12.94 36.69 21.30
N THR B 322 -11.75 37.25 21.08
CA THR B 322 -10.60 36.55 20.51
C THR B 322 -10.14 35.36 21.36
N ARG B 323 -10.33 35.47 22.68
CA ARG B 323 -10.00 34.36 23.58
C ARG B 323 -10.69 33.03 23.24
N TYR B 324 -11.89 33.10 22.68
CA TYR B 324 -12.64 31.90 22.30
C TYR B 324 -12.09 31.24 21.03
N LEU B 325 -11.46 32.05 20.18
CA LEU B 325 -10.73 31.54 19.01
C LEU B 325 -9.47 30.84 19.48
N GLU B 326 -8.83 31.43 20.49
CA GLU B 326 -7.67 30.82 21.12
C GLU B 326 -8.05 29.52 21.82
N GLU B 327 -9.21 29.50 22.48
CA GLU B 327 -9.75 28.27 23.07
C GLU B 327 -10.04 27.23 21.99
N SER B 328 -10.55 27.67 20.83
CA SER B 328 -10.88 26.77 19.73
C SER B 328 -9.63 26.10 19.20
N ARG B 329 -8.59 26.91 19.02
CA ARG B 329 -7.28 26.42 18.62
CA ARG B 329 -7.28 26.42 18.62
C ARG B 329 -6.73 25.35 19.59
N LEU B 330 -6.92 25.56 20.89
CA LEU B 330 -6.52 24.58 21.89
C LEU B 330 -7.22 23.24 21.68
N TRP B 331 -8.54 23.28 21.56
CA TRP B 331 -9.33 22.08 21.38
C TRP B 331 -9.11 21.40 20.04
N ALA B 332 -8.92 22.19 18.99
CA ALA B 332 -8.64 21.63 17.67
C ALA B 332 -7.33 20.84 17.68
N GLN B 333 -6.29 21.39 18.33
CA GLN B 333 -4.99 20.72 18.46
C GLN B 333 -5.04 19.42 19.23
N ARG B 334 -5.89 19.39 20.24
CA ARG B 334 -6.08 18.23 21.07
C ARG B 334 -6.84 17.17 20.31
N LEU B 335 -7.81 17.63 19.53
CA LEU B 335 -8.66 16.73 18.80
C LEU B 335 -7.89 16.10 17.66
N VAL B 336 -7.16 16.90 16.88
CA VAL B 336 -6.39 16.36 15.74
C VAL B 336 -5.39 15.29 16.17
N ALA B 337 -4.90 15.42 17.39
CA ALA B 337 -3.98 14.45 17.97
C ALA B 337 -4.60 13.07 18.23
N ARG B 338 -5.94 12.98 18.17
CA ARG B 338 -6.62 11.71 18.45
C ARG B 338 -6.60 10.79 17.22
N GLN B 339 -6.33 11.39 16.06
CA GLN B 339 -6.17 10.65 14.82
C GLN B 339 -4.82 9.97 14.80
N MET B 340 -4.84 8.64 14.80
CA MET B 340 -3.64 7.85 15.01
C MET B 340 -3.70 6.68 14.05
N SER B 341 -2.54 6.05 13.81
CA SER B 341 -2.48 4.84 12.99
C SER B 341 -1.92 3.71 13.85
N ASP B 342 -2.28 2.48 13.51
CA ASP B 342 -1.63 1.33 14.13
C ASP B 342 -1.29 0.28 13.05
N GLU B 343 -1.10 -0.97 13.47
CA GLU B 343 -0.76 -2.04 12.53
C GLU B 343 -1.91 -2.48 11.62
N GLN B 344 -3.15 -2.22 12.03
CA GLN B 344 -4.33 -2.59 11.25
C GLN B 344 -4.86 -1.45 10.38
N ILE B 345 -5.08 -0.29 10.99
CA ILE B 345 -5.78 0.83 10.36
C ILE B 345 -4.93 2.10 10.38
N GLN B 346 -4.96 2.82 9.26
CA GLN B 346 -4.36 4.14 9.17
C GLN B 346 -5.43 5.19 9.46
N HIS B 347 -5.07 6.16 10.29
CA HIS B 347 -5.89 7.35 10.59
C HIS B 347 -7.25 7.04 11.24
N PHE B 348 -7.28 6.08 12.17
CA PHE B 348 -8.48 5.87 12.99
C PHE B 348 -8.59 6.97 14.05
N TRP B 349 -9.73 7.06 14.72
CA TRP B 349 -9.86 7.99 15.84
C TRP B 349 -9.66 7.19 17.11
N SER B 350 -8.78 7.67 17.98
CA SER B 350 -8.54 7.05 19.27
CA SER B 350 -8.55 7.03 19.27
C SER B 350 -9.34 7.74 20.37
N ALA B 351 -9.90 6.94 21.27
CA ALA B 351 -10.62 7.46 22.41
C ALA B 351 -9.65 7.93 23.49
N ASN B 352 -8.74 7.05 23.90
CA ASN B 352 -7.66 7.40 24.82
C ASN B 352 -6.39 7.88 24.11
N GLN B 353 -5.33 8.14 24.86
CA GLN B 353 -4.17 8.86 24.31
C GLN B 353 -3.26 8.02 23.42
N ASP B 354 -3.10 6.74 23.77
CA ASP B 354 -2.12 5.92 23.09
C ASP B 354 -2.68 5.07 21.95
N GLY B 355 -3.98 5.14 21.72
CA GLY B 355 -4.59 4.42 20.61
C GLY B 355 -5.01 3.00 20.94
N SER B 356 -4.81 2.59 22.18
CA SER B 356 -5.18 1.22 22.59
C SER B 356 -6.70 1.02 22.65
N ARG B 357 -7.44 2.11 22.89
CA ARG B 357 -8.91 2.10 22.81
C ARG B 357 -9.40 3.07 21.75
N PRO B 358 -9.92 2.54 20.62
CA PRO B 358 -10.33 3.41 19.53
C PRO B 358 -11.70 4.04 19.78
N TYR B 359 -11.91 5.20 19.18
CA TYR B 359 -13.19 5.85 19.23
C TYR B 359 -14.15 5.10 18.33
N PHE B 360 -15.26 4.68 18.94
CA PHE B 360 -16.46 4.23 18.24
C PHE B 360 -17.65 4.70 19.06
N HIS B 361 -18.71 5.12 18.38
CA HIS B 361 -19.83 5.75 19.08
C HIS B 361 -21.17 5.52 18.39
N ALA B 362 -22.03 4.77 19.08
CA ALA B 362 -23.38 4.41 18.61
C ALA B 362 -24.33 5.60 18.34
N ALA B 363 -23.99 6.77 18.88
CA ALA B 363 -24.84 7.95 18.78
C ALA B 363 -24.27 9.07 17.92
N GLU B 364 -22.95 9.21 17.84
CA GLU B 364 -22.38 10.44 17.29
C GLU B 364 -20.97 10.34 16.67
N ALA B 365 -20.71 9.29 15.89
CA ALA B 365 -19.38 9.08 15.31
C ALA B 365 -18.87 10.20 14.34
N GLY B 366 -19.79 10.95 13.73
CA GLY B 366 -19.41 12.06 12.85
C GLY B 366 -18.95 13.33 13.54
N LEU B 367 -19.05 13.35 14.87
CA LEU B 367 -18.80 14.55 15.66
C LEU B 367 -17.35 15.07 15.69
N PRO B 368 -16.33 14.18 15.79
CA PRO B 368 -14.95 14.68 15.60
C PRO B 368 -14.72 15.53 14.32
N THR B 369 -15.11 15.04 13.15
CA THR B 369 -14.99 15.83 11.90
C THR B 369 -15.92 17.04 11.87
N ILE B 370 -17.17 16.85 12.28
CA ILE B 370 -18.13 17.97 12.38
C ILE B 370 -17.54 19.13 13.18
N ALA B 371 -17.01 18.83 14.38
CA ALA B 371 -16.45 19.88 15.24
C ALA B 371 -15.21 20.54 14.60
N LEU B 372 -14.41 19.73 13.89
CA LEU B 372 -13.27 20.25 13.15
C LEU B 372 -13.69 21.21 12.03
N CYS B 373 -14.78 20.89 11.33
CA CYS B 373 -15.33 21.76 10.27
C CYS B 373 -15.99 23.04 10.79
N GLU B 374 -16.54 22.96 12.00
CA GLU B 374 -17.04 24.16 12.68
C GLU B 374 -15.89 25.10 12.93
N TYR B 375 -14.77 24.55 13.42
CA TYR B 375 -13.55 25.30 13.64
C TYR B 375 -12.98 25.92 12.37
N LEU B 376 -12.99 25.17 11.27
CA LEU B 376 -12.44 25.66 10.01
C LEU B 376 -13.16 26.89 9.51
N ALA B 377 -14.43 27.03 9.91
CA ALA B 377 -15.28 28.13 9.49
C ALA B 377 -15.00 29.42 10.26
N ILE B 378 -14.33 29.31 11.41
CA ILE B 378 -13.98 30.51 12.17
C ILE B 378 -12.49 30.86 12.10
N GLU B 379 -11.68 29.94 11.61
CA GLU B 379 -10.23 30.12 11.56
C GLU B 379 -9.82 30.88 10.32
N ASP B 380 -9.23 32.05 10.51
CA ASP B 380 -8.77 32.89 9.40
C ASP B 380 -7.28 32.67 9.05
N ASP B 381 -6.49 32.18 10.01
CA ASP B 381 -5.08 31.84 9.80
C ASP B 381 -4.90 30.63 8.85
N SER B 382 -4.29 30.91 7.70
CA SER B 382 -4.15 29.94 6.60
C SER B 382 -3.38 28.66 6.94
N VAL B 383 -2.36 28.80 7.77
CA VAL B 383 -1.49 27.68 8.16
C VAL B 383 -2.24 26.62 8.99
N GLN B 384 -2.94 27.06 10.03
CA GLN B 384 -3.74 26.17 10.86
C GLN B 384 -5.01 25.66 10.17
N THR B 385 -5.57 26.45 9.26
CA THR B 385 -6.65 25.99 8.39
C THR B 385 -6.18 24.77 7.59
N GLU B 386 -5.02 24.90 6.95
CA GLU B 386 -4.49 23.85 6.09
C GLU B 386 -4.15 22.55 6.85
N SER B 387 -3.61 22.69 8.06
CA SER B 387 -3.22 21.55 8.87
CA SER B 387 -3.22 21.57 8.89
C SER B 387 -4.42 20.73 9.33
N VAL B 388 -5.48 21.41 9.76
CA VAL B 388 -6.74 20.77 10.15
C VAL B 388 -7.46 20.19 8.94
N LYS B 389 -7.38 20.90 7.80
CA LYS B 389 -8.02 20.48 6.55
C LYS B 389 -7.53 19.11 6.08
N CYS B 390 -6.29 18.78 6.43
CA CYS B 390 -5.78 17.49 5.99
C CYS B 390 -5.99 16.39 7.02
N ILE B 391 -6.36 16.76 8.23
CA ILE B 391 -6.85 15.77 9.22
C ILE B 391 -8.27 15.33 8.84
N VAL B 392 -9.08 16.32 8.47
CA VAL B 392 -10.44 16.09 7.98
C VAL B 392 -10.43 15.14 6.79
N ASN B 393 -9.55 15.41 5.83
CA ASN B 393 -9.39 14.57 4.64
C ASN B 393 -9.03 13.14 4.98
N ARG B 394 -8.07 12.96 5.89
CA ARG B 394 -7.70 11.64 6.39
C ARG B 394 -8.84 10.94 7.11
N ALA B 395 -9.61 11.71 7.88
CA ALA B 395 -10.75 11.19 8.62
C ALA B 395 -11.83 10.66 7.70
N CYS B 396 -12.18 11.44 6.69
CA CYS B 396 -13.22 11.05 5.74
C CYS B 396 -12.78 9.83 4.97
N GLU B 397 -11.52 9.82 4.53
CA GLU B 397 -10.94 8.69 3.81
C GLU B 397 -10.88 7.43 4.66
N PHE B 398 -10.59 7.58 5.95
CA PHE B 398 -10.63 6.45 6.88
C PHE B 398 -12.03 5.81 6.94
N GLU B 399 -13.07 6.66 7.02
CA GLU B 399 -14.46 6.23 7.11
C GLU B 399 -14.85 5.44 5.88
N ILE B 400 -14.48 5.99 4.72
CA ILE B 400 -14.71 5.34 3.43
C ILE B 400 -13.98 4.01 3.34
N LYS B 401 -12.70 3.99 3.73
CA LYS B 401 -11.87 2.79 3.59
C LYS B 401 -12.26 1.64 4.50
N ILE B 402 -12.57 1.94 5.76
CA ILE B 402 -13.04 0.91 6.69
C ILE B 402 -14.40 0.35 6.28
N SER B 403 -15.20 1.17 5.59
CA SER B 403 -16.49 0.70 5.08
C SER B 403 -16.35 -0.16 3.83
N ASN B 404 -15.29 0.06 3.06
CA ASN B 404 -15.03 -0.64 1.80
C ASN B 404 -14.12 -1.85 2.00
N LYS B 405 -13.70 -2.07 3.24
CA LYS B 405 -12.70 -3.08 3.60
C LYS B 405 -13.18 -4.51 3.36
N VAL B 406 -14.47 -4.72 3.51
CA VAL B 406 -15.11 -6.02 3.33
C VAL B 406 -16.32 -5.85 2.43
N THR B 407 -17.00 -6.95 2.09
CA THR B 407 -18.24 -6.90 1.32
C THR B 407 -19.28 -6.12 2.10
N ASN B 408 -19.82 -5.08 1.47
CA ASN B 408 -20.70 -4.15 2.15
C ASN B 408 -21.58 -3.46 1.11
N PRO B 409 -22.53 -4.23 0.52
CA PRO B 409 -23.38 -3.70 -0.56
C PRO B 409 -24.29 -2.57 -0.08
N PHE B 410 -24.71 -2.64 1.18
CA PHE B 410 -25.52 -1.59 1.77
C PHE B 410 -24.74 -0.29 1.98
N GLY B 411 -23.42 -0.41 2.11
CA GLY B 411 -22.56 0.71 2.40
C GLY B 411 -22.80 1.21 3.81
N TYR B 412 -23.09 0.28 4.71
CA TYR B 412 -23.24 0.61 6.12
C TYR B 412 -21.90 1.09 6.60
N PRO B 413 -21.87 2.27 7.25
CA PRO B 413 -20.62 2.83 7.75
C PRO B 413 -20.01 1.96 8.85
N ARG B 414 -18.89 1.33 8.52
CA ARG B 414 -18.20 0.43 9.44
C ARG B 414 -17.32 1.22 10.40
N GLN B 415 -16.78 0.51 11.40
CA GLN B 415 -16.11 1.19 12.49
C GLN B 415 -15.00 0.33 13.11
N TYR B 416 -14.15 0.97 13.90
CA TYR B 416 -13.00 0.32 14.52
C TYR B 416 -13.30 0.22 16.00
N VAL B 417 -13.61 -0.99 16.45
CA VAL B 417 -14.11 -1.22 17.80
C VAL B 417 -13.15 -2.01 18.69
N LYS B 418 -13.43 -2.03 19.98
CA LYS B 418 -12.71 -2.87 20.92
C LYS B 418 -13.59 -3.24 22.09
N GLY B 419 -13.78 -4.53 22.28
CA GLY B 419 -14.41 -5.03 23.50
C GLY B 419 -13.37 -5.05 24.60
N VAL B 420 -13.81 -4.98 25.85
CA VAL B 420 -12.89 -5.15 26.98
C VAL B 420 -12.32 -6.58 26.95
N ASN B 421 -11.01 -6.68 27.17
CA ASN B 421 -10.26 -7.95 27.11
C ASN B 421 -10.28 -8.68 25.76
N GLU B 422 -10.75 -7.97 24.73
CA GLU B 422 -10.62 -8.40 23.34
C GLU B 422 -9.65 -7.43 22.71
N SER B 423 -9.18 -7.72 21.52
CA SER B 423 -8.30 -6.79 20.84
C SER B 423 -9.09 -6.06 19.76
N LYS B 424 -8.49 -4.99 19.24
CA LYS B 424 -9.12 -4.13 18.24
C LYS B 424 -9.45 -4.86 16.94
N ARG B 425 -10.58 -4.46 16.35
CA ARG B 425 -11.08 -5.06 15.12
C ARG B 425 -11.99 -4.08 14.40
N ASP B 426 -11.98 -4.16 13.08
CA ASP B 426 -12.99 -3.47 12.31
C ASP B 426 -14.31 -4.28 12.37
N ALA B 427 -15.42 -3.57 12.55
CA ALA B 427 -16.74 -4.17 12.64
C ALA B 427 -17.75 -3.35 11.86
N PHE B 428 -18.94 -3.89 11.69
CA PHE B 428 -20.07 -3.13 11.20
C PHE B 428 -20.67 -2.36 12.36
N PHE B 429 -20.85 -3.05 13.48
CA PHE B 429 -21.61 -2.53 14.62
C PHE B 429 -20.74 -2.31 15.85
N VAL B 430 -21.22 -1.52 16.80
CA VAL B 430 -20.48 -1.30 18.06
C VAL B 430 -20.23 -2.60 18.85
N ALA B 431 -19.14 -2.61 19.60
CA ALA B 431 -18.78 -3.73 20.46
C ALA B 431 -19.75 -3.87 21.63
N HIS B 432 -20.21 -5.09 21.85
CA HIS B 432 -21.20 -5.39 22.89
C HIS B 432 -20.61 -5.43 24.29
N ASN B 433 -19.43 -6.04 24.42
CA ASN B 433 -18.75 -6.17 25.71
CA ASN B 433 -18.78 -6.16 25.71
C ASN B 433 -17.82 -4.99 25.97
N ASN B 434 -18.40 -3.87 26.38
CA ASN B 434 -17.64 -2.66 26.58
C ASN B 434 -17.69 -2.20 28.02
N GLU B 435 -17.06 -1.07 28.29
CA GLU B 435 -16.85 -0.52 29.63
C GLU B 435 -18.12 -0.33 30.46
N SER B 436 -19.27 -0.32 29.80
CA SER B 436 -20.57 -0.14 30.47
C SER B 436 -21.05 -1.44 31.11
N GLY B 437 -20.58 -2.58 30.58
CA GLY B 437 -21.00 -3.88 31.06
C GLY B 437 -22.40 -4.32 30.63
N TYR B 438 -23.04 -3.55 29.76
CA TYR B 438 -24.39 -3.90 29.25
C TYR B 438 -24.81 -3.16 27.97
N TRP B 439 -24.31 -1.95 27.78
CA TRP B 439 -24.94 -1.06 26.81
C TRP B 439 -24.46 -1.25 25.38
N TRP B 440 -25.45 -1.41 24.51
CA TRP B 440 -25.33 -1.33 23.04
C TRP B 440 -26.75 -1.43 22.52
N GLN B 441 -26.95 -0.87 21.34
CA GLN B 441 -28.26 -0.73 20.72
C GLN B 441 -28.06 -0.23 19.28
N GLY B 442 -29.15 -0.16 18.51
CA GLY B 442 -29.08 0.32 17.13
C GLY B 442 -28.43 1.70 17.00
N GLU B 443 -27.90 1.98 15.82
CA GLU B 443 -27.02 3.13 15.65
C GLU B 443 -27.58 4.20 14.70
N ASN B 444 -28.88 4.40 14.71
CA ASN B 444 -29.48 5.34 13.79
C ASN B 444 -29.00 6.79 13.91
N ALA B 445 -28.81 7.26 15.14
CA ALA B 445 -28.19 8.55 15.39
C ALA B 445 -26.76 8.61 14.85
N ARG B 446 -25.99 7.53 15.01
CA ARG B 446 -24.60 7.48 14.52
C ARG B 446 -24.54 7.70 13.01
N LEU B 447 -25.44 7.02 12.32
CA LEU B 447 -25.62 7.07 10.87
C LEU B 447 -26.02 8.48 10.43
N GLY B 448 -26.92 9.08 11.19
CA GLY B 448 -27.35 10.44 10.95
C GLY B 448 -26.20 11.40 11.12
N SER B 449 -25.36 11.13 12.13
CA SER B 449 -24.20 11.97 12.42
C SER B 449 -23.10 11.81 11.38
N LEU B 450 -22.98 10.59 10.83
CA LEU B 450 -21.94 10.31 9.86
C LEU B 450 -22.32 10.88 8.48
N ALA B 451 -23.63 10.88 8.18
CA ALA B 451 -24.16 11.46 6.95
C ALA B 451 -24.02 12.95 6.96
N THR B 452 -24.32 13.57 8.10
CA THR B 452 -24.14 15.00 8.31
C THR B 452 -22.68 15.40 8.08
N MET B 453 -21.77 14.63 8.68
CA MET B 453 -20.32 14.79 8.54
C MET B 453 -19.92 14.76 7.08
N ALA B 454 -20.41 13.76 6.37
CA ALA B 454 -20.08 13.59 4.97
C ALA B 454 -20.57 14.78 4.12
N TYR B 455 -21.74 15.36 4.41
CA TYR B 455 -22.15 16.58 3.69
C TYR B 455 -21.35 17.80 4.10
N LEU B 456 -21.08 17.92 5.40
CA LEU B 456 -20.48 19.13 5.95
C LEU B 456 -19.00 19.24 5.66
N ALA B 457 -18.34 18.09 5.47
CA ALA B 457 -16.90 18.05 5.20
C ALA B 457 -16.58 18.39 3.76
N GLN B 458 -17.55 18.23 2.89
CA GLN B 458 -17.33 18.34 1.45
C GLN B 458 -16.68 19.61 0.91
N PRO B 459 -17.10 20.81 1.40
CA PRO B 459 -16.32 22.02 1.04
C PRO B 459 -14.81 21.92 1.27
N HIS B 460 -14.41 21.21 2.31
CA HIS B 460 -13.00 21.15 2.70
C HIS B 460 -12.20 20.01 2.08
N ILE B 461 -12.87 19.15 1.32
CA ILE B 461 -12.20 18.02 0.69
C ILE B 461 -11.51 18.43 -0.61
N ALA B 462 -10.23 18.11 -0.72
CA ALA B 462 -9.43 18.42 -1.91
C ALA B 462 -9.95 17.68 -3.15
N SER B 463 -9.82 16.36 -3.09
CA SER B 463 -10.14 15.47 -4.21
C SER B 463 -11.64 15.36 -4.49
N GLN B 464 -12.03 15.64 -5.74
CA GLN B 464 -13.42 15.57 -6.18
C GLN B 464 -13.97 14.14 -6.18
N GLU B 465 -13.07 13.17 -6.30
CA GLU B 465 -13.43 11.76 -6.21
C GLU B 465 -13.87 11.39 -4.79
N ILE B 466 -13.18 11.92 -3.79
CA ILE B 466 -13.57 11.68 -2.39
C ILE B 466 -14.88 12.40 -2.09
N GLN B 467 -15.04 13.60 -2.65
CA GLN B 467 -16.30 14.34 -2.52
C GLN B 467 -17.51 13.55 -2.97
N GLN B 468 -17.36 12.86 -4.11
CA GLN B 468 -18.45 12.06 -4.65
C GLN B 468 -18.64 10.76 -3.87
N GLN B 469 -17.54 10.19 -3.39
CA GLN B 469 -17.61 9.00 -2.53
C GLN B 469 -18.31 9.31 -1.21
N LEU B 470 -18.14 10.54 -0.72
CA LEU B 470 -18.80 10.96 0.51
C LEU B 470 -20.30 11.09 0.35
N SER B 471 -20.73 11.53 -0.83
CA SER B 471 -22.15 11.57 -1.18
C SER B 471 -22.78 10.17 -1.19
N VAL B 472 -22.06 9.19 -1.70
CA VAL B 472 -22.54 7.80 -1.67
C VAL B 472 -22.63 7.34 -0.22
N PHE B 473 -21.57 7.62 0.54
CA PHE B 473 -21.45 7.29 1.96
C PHE B 473 -22.64 7.82 2.76
N ALA B 474 -22.92 9.11 2.57
CA ALA B 474 -24.00 9.80 3.26
C ALA B 474 -25.37 9.26 2.87
N GLN B 475 -25.60 9.09 1.57
CA GLN B 475 -26.86 8.53 1.06
C GLN B 475 -27.06 7.08 1.49
N ASP B 476 -25.98 6.32 1.59
CA ASP B 476 -26.04 4.95 2.10
C ASP B 476 -26.57 4.89 3.52
N ALA B 477 -26.11 5.82 4.35
CA ALA B 477 -26.51 5.94 5.74
C ALA B 477 -27.98 6.32 5.84
N LEU B 478 -28.39 7.31 5.05
CA LEU B 478 -29.78 7.74 5.02
C LEU B 478 -30.71 6.69 4.45
N ASN B 479 -30.28 6.02 3.38
CA ASN B 479 -31.05 4.92 2.80
C ASN B 479 -31.37 3.84 3.82
N TRP B 480 -30.40 3.54 4.68
CA TRP B 480 -30.54 2.48 5.66
C TRP B 480 -31.64 2.81 6.67
N ILE B 481 -31.65 4.04 7.16
CA ILE B 481 -32.62 4.46 8.18
C ILE B 481 -34.03 4.44 7.60
N VAL B 482 -34.15 4.83 6.33
CA VAL B 482 -35.48 4.81 5.74
C VAL B 482 -35.82 3.58 4.89
N GLY B 483 -35.23 2.42 5.24
CA GLY B 483 -35.74 1.14 4.77
C GLY B 483 -34.89 0.25 3.88
N LEU B 484 -33.81 0.81 3.33
CA LEU B 484 -32.88 0.03 2.52
C LEU B 484 -31.92 -0.73 3.44
N ASN B 485 -32.43 -1.82 4.01
CA ASN B 485 -31.72 -2.61 5.01
C ASN B 485 -32.24 -4.05 4.98
N PRO B 486 -31.49 -5.01 5.55
CA PRO B 486 -31.93 -6.42 5.50
C PRO B 486 -33.30 -6.75 6.05
N TYR B 487 -33.93 -5.80 6.75
CA TYR B 487 -35.21 -6.07 7.39
C TYR B 487 -36.36 -5.38 6.66
N ASP B 488 -36.03 -4.69 5.55
CA ASP B 488 -37.01 -3.97 4.73
C ASP B 488 -37.90 -3.10 5.61
N MET B 489 -37.26 -2.33 6.50
CA MET B 489 -37.95 -1.66 7.59
C MET B 489 -37.58 -0.21 7.61
N CYS B 490 -38.55 0.67 7.39
CA CYS B 490 -38.31 2.10 7.59
C CYS B 490 -38.38 2.41 9.08
N MET B 491 -37.29 2.97 9.61
CA MET B 491 -37.20 3.18 11.05
C MET B 491 -37.65 4.60 11.50
N LEU B 492 -38.00 5.44 10.52
CA LEU B 492 -38.72 6.70 10.77
C LEU B 492 -40.22 6.40 10.82
N ASP B 493 -40.86 6.68 11.95
CA ASP B 493 -42.24 6.26 12.21
C ASP B 493 -43.24 7.15 11.45
N GLY B 494 -44.15 6.53 10.71
CA GLY B 494 -45.16 7.24 9.91
C GLY B 494 -44.81 7.29 8.43
N HIS B 495 -43.68 6.68 8.08
CA HIS B 495 -43.19 6.69 6.70
C HIS B 495 -42.78 5.29 6.33
N GLY B 496 -42.86 5.00 5.04
CA GLY B 496 -42.49 3.69 4.50
C GLY B 496 -43.26 2.56 5.16
N ARG B 497 -42.64 1.39 5.26
CA ARG B 497 -43.36 0.29 5.90
C ARG B 497 -42.54 -0.52 6.89
N ASN B 498 -43.24 -1.38 7.63
CA ASN B 498 -42.65 -2.19 8.71
C ASN B 498 -42.11 -1.41 9.90
N ASN B 499 -42.62 -0.18 10.09
CA ASN B 499 -42.35 0.61 11.28
C ASN B 499 -42.47 -0.29 12.51
N PRO B 500 -41.38 -0.37 13.33
CA PRO B 500 -41.44 -1.14 14.57
C PRO B 500 -42.10 -0.37 15.72
N ASP B 501 -42.68 -1.10 16.67
CA ASP B 501 -43.16 -0.44 17.89
C ASP B 501 -42.27 -0.87 19.06
N TYR B 502 -42.42 -0.21 20.20
CA TYR B 502 -41.62 -0.54 21.38
C TYR B 502 -42.47 -1.40 22.33
N LEU B 503 -43.18 -0.81 23.28
CA LEU B 503 -44.10 -1.58 24.14
C LEU B 503 -45.50 -1.00 24.20
N PRO B 504 -46.27 -1.15 23.10
CA PRO B 504 -47.67 -0.68 23.04
C PRO B 504 -48.55 -1.27 24.16
N GLN B 505 -48.32 -2.53 24.49
CA GLN B 505 -49.05 -3.23 25.56
C GLN B 505 -48.94 -2.59 26.95
N TYR B 506 -47.86 -1.87 27.21
CA TYR B 506 -47.72 -1.12 28.45
C TYR B 506 -47.93 0.38 28.27
N GLY B 507 -48.33 0.79 27.06
CA GLY B 507 -48.58 2.20 26.80
C GLY B 507 -47.37 2.98 26.33
N PHE B 508 -46.29 2.27 25.99
CA PHE B 508 -45.07 2.94 25.55
C PHE B 508 -44.97 2.81 24.03
N PHE B 509 -45.65 3.74 23.36
CA PHE B 509 -45.82 3.72 21.92
C PHE B 509 -44.74 4.57 21.29
N ASN B 510 -44.21 4.08 20.17
CA ASN B 510 -43.37 4.90 19.35
C ASN B 510 -44.20 6.05 18.74
N ALA B 511 -43.58 7.22 18.66
CA ALA B 511 -44.25 8.42 18.18
C ALA B 511 -44.00 8.57 16.70
N LYS B 512 -45.06 8.84 15.94
CA LYS B 512 -44.92 9.32 14.55
C LYS B 512 -43.86 10.44 14.42
N GLY B 513 -43.01 10.34 13.39
CA GLY B 513 -41.95 11.33 13.15
C GLY B 513 -40.67 11.03 13.90
N GLY B 514 -40.70 10.04 14.79
CA GLY B 514 -39.54 9.66 15.56
C GLY B 514 -38.73 8.62 14.83
N VAL B 515 -37.53 8.35 15.36
CA VAL B 515 -36.63 7.33 14.80
C VAL B 515 -36.18 6.42 15.94
N CYS B 516 -36.31 5.11 15.74
CA CYS B 516 -35.92 4.13 16.77
C CYS B 516 -34.43 3.85 16.74
N ASN B 517 -33.94 3.18 17.78
CA ASN B 517 -32.53 2.74 17.88
C ASN B 517 -32.06 2.10 16.59
N GLY B 518 -32.70 0.99 16.21
CA GLY B 518 -32.36 0.33 14.97
C GLY B 518 -31.63 -1.00 15.08
N ILE B 519 -30.91 -1.31 14.01
CA ILE B 519 -30.32 -2.63 13.77
C ILE B 519 -28.95 -2.80 14.49
N THR B 520 -28.74 -3.96 15.09
CA THR B 520 -27.48 -4.22 15.78
C THR B 520 -26.75 -5.43 15.19
N GLY B 521 -25.55 -5.70 15.70
CA GLY B 521 -24.90 -6.98 15.46
C GLY B 521 -25.62 -7.99 16.34
N GLY B 522 -25.52 -9.26 15.99
CA GLY B 522 -26.29 -10.31 16.68
C GLY B 522 -26.01 -10.43 18.17
N PHE B 523 -26.99 -10.93 18.93
CA PHE B 523 -26.86 -11.02 20.39
C PHE B 523 -25.80 -12.02 20.83
N GLU B 524 -25.71 -13.15 20.12
CA GLU B 524 -24.75 -14.21 20.43
C GLU B 524 -23.50 -14.11 19.57
N ASP B 525 -23.67 -13.60 18.35
CA ASP B 525 -22.58 -13.44 17.40
C ASP B 525 -22.64 -12.04 16.78
N GLU B 526 -21.64 -11.22 17.07
CA GLU B 526 -21.62 -9.83 16.61
C GLU B 526 -21.35 -9.69 15.12
N GLU B 527 -20.87 -10.77 14.51
CA GLU B 527 -20.65 -10.84 13.07
C GLU B 527 -21.95 -11.09 12.32
N ASP B 528 -22.93 -11.59 13.06
CA ASP B 528 -24.31 -11.75 12.57
C ASP B 528 -25.04 -10.43 12.80
N ILE B 529 -26.31 -10.38 12.42
CA ILE B 529 -27.11 -9.16 12.49
C ILE B 529 -28.42 -9.40 13.25
N ALA B 530 -28.86 -8.43 14.04
CA ALA B 530 -30.13 -8.56 14.77
C ALA B 530 -31.08 -7.35 14.68
N PHE B 531 -32.37 -7.66 14.60
CA PHE B 531 -33.44 -6.75 14.97
C PHE B 531 -34.57 -7.59 15.55
N ASN B 532 -34.84 -7.35 16.84
CA ASN B 532 -35.79 -8.15 17.64
C ASN B 532 -35.62 -9.66 17.43
N PRO B 533 -34.40 -10.19 17.64
CA PRO B 533 -34.25 -11.61 17.39
C PRO B 533 -35.11 -12.41 18.37
N PRO B 534 -35.67 -13.56 17.92
CA PRO B 534 -36.59 -14.41 18.68
C PRO B 534 -36.22 -14.61 20.14
N ALA B 535 -34.93 -14.83 20.41
CA ALA B 535 -34.47 -15.17 21.75
C ALA B 535 -34.52 -14.01 22.74
N GLN B 536 -34.63 -12.78 22.25
CA GLN B 536 -34.62 -11.59 23.11
C GLN B 536 -35.80 -10.65 22.89
N LYS B 537 -36.46 -10.82 21.73
CA LYS B 537 -37.68 -10.13 21.32
C LYS B 537 -38.64 -9.76 22.45
N ASP B 538 -38.90 -10.71 23.35
CA ASP B 538 -39.90 -10.58 24.41
C ASP B 538 -39.30 -10.36 25.79
N ASP B 539 -38.00 -10.12 25.84
CA ASP B 539 -37.34 -9.87 27.11
C ASP B 539 -37.29 -8.35 27.33
N MET B 540 -38.00 -7.87 28.35
CA MET B 540 -38.07 -6.44 28.70
C MET B 540 -36.70 -5.90 29.00
N LEU B 541 -35.79 -6.77 29.39
CA LEU B 541 -34.45 -6.33 29.75
C LEU B 541 -33.57 -6.07 28.52
N GLN B 542 -33.98 -6.60 27.38
CA GLN B 542 -33.20 -6.52 26.15
C GLN B 542 -33.89 -5.83 24.98
N ASN B 543 -35.23 -5.82 24.95
CA ASN B 543 -35.95 -5.45 23.73
C ASN B 543 -36.02 -3.96 23.46
N TRP B 544 -35.30 -3.19 24.26
CA TRP B 544 -35.18 -1.76 24.11
C TRP B 544 -34.12 -1.42 23.09
N ARG B 545 -33.21 -2.36 22.86
CA ARG B 545 -32.03 -2.13 22.03
C ARG B 545 -32.37 -1.86 20.57
N TRP B 546 -33.52 -2.35 20.13
CA TRP B 546 -33.88 -2.30 18.73
C TRP B 546 -35.00 -1.30 18.45
N GLY B 547 -36.17 -1.57 19.05
CA GLY B 547 -37.41 -0.86 18.71
C GLY B 547 -37.74 0.41 19.46
N GLU B 548 -37.01 0.74 20.52
CA GLU B 548 -37.28 1.97 21.27
C GLU B 548 -36.79 3.22 20.56
N GLN B 549 -37.59 4.28 20.62
CA GLN B 549 -37.20 5.56 20.04
C GLN B 549 -36.42 6.36 21.08
N TRP B 550 -35.39 7.06 20.63
CA TRP B 550 -34.52 7.81 21.52
C TRP B 550 -34.27 9.14 20.80
N ILE B 551 -34.35 10.27 21.52
CA ILE B 551 -34.27 11.60 20.86
C ILE B 551 -33.04 11.90 19.97
N PRO B 552 -31.83 11.37 20.31
CA PRO B 552 -30.70 11.60 19.40
C PRO B 552 -30.90 11.09 17.98
N HIS B 553 -31.62 9.97 17.83
CA HIS B 553 -31.88 9.42 16.50
C HIS B 553 -32.64 10.42 15.62
N GLY B 554 -33.70 11.03 16.15
CA GLY B 554 -34.49 12.03 15.44
C GLY B 554 -33.70 13.29 15.14
N ALA B 555 -32.94 13.74 16.12
CA ALA B 555 -32.13 14.97 16.01
C ALA B 555 -31.06 14.83 14.95
N TRP B 556 -30.42 13.66 14.91
CA TRP B 556 -29.39 13.42 13.91
C TRP B 556 -29.95 13.21 12.52
N TYR B 557 -31.07 12.48 12.43
CA TYR B 557 -31.80 12.36 11.17
C TYR B 557 -32.14 13.76 10.62
N LEU B 558 -32.76 14.60 11.45
CA LEU B 558 -33.15 15.96 11.05
C LEU B 558 -31.98 16.81 10.52
N LEU B 559 -30.84 16.74 11.21
CA LEU B 559 -29.63 17.42 10.76
C LEU B 559 -29.11 16.87 9.43
N ALA B 560 -29.17 15.55 9.26
CA ALA B 560 -28.69 14.93 8.04
C ALA B 560 -29.52 15.33 6.82
N ILE B 561 -30.84 15.40 6.97
CA ILE B 561 -31.69 15.76 5.84
C ILE B 561 -31.59 17.24 5.50
N MET B 562 -31.28 18.07 6.50
CA MET B 562 -31.08 19.49 6.29
C MET B 562 -29.68 19.70 5.69
N SER B 563 -28.72 18.85 6.10
CA SER B 563 -27.37 18.85 5.51
C SER B 563 -27.33 18.41 4.06
N GLN B 564 -28.08 17.36 3.76
CA GLN B 564 -28.30 16.90 2.39
C GLN B 564 -28.89 17.99 1.49
N ALA B 565 -29.88 18.70 2.01
CA ALA B 565 -30.63 19.67 1.23
C ALA B 565 -29.73 20.82 0.83
N GLN B 566 -28.92 21.27 1.78
CA GLN B 566 -27.99 22.35 1.57
C GLN B 566 -26.92 21.94 0.55
N HIS B 567 -26.43 20.71 0.69
CA HIS B 567 -25.49 20.13 -0.25
C HIS B 567 -26.05 20.08 -1.68
N ILE B 568 -27.25 19.51 -1.83
CA ILE B 568 -27.91 19.36 -3.13
C ILE B 568 -28.19 20.73 -3.77
N SER B 569 -28.57 21.70 -2.95
CA SER B 569 -28.78 23.08 -3.42
C SER B 569 -27.50 23.74 -3.91
N GLN B 570 -26.39 23.42 -3.27
CA GLN B 570 -25.11 24.03 -3.59
C GLN B 570 -24.57 23.58 -4.94
N LEU B 571 -24.74 22.31 -5.25
CA LEU B 571 -24.29 21.72 -6.52
C LEU B 571 -25.02 22.32 -7.73
N ALA B 572 -26.32 22.57 -7.55
CA ALA B 572 -27.17 23.10 -8.61
C ALA B 572 -26.96 24.60 -8.88
N THR B 573 -26.54 25.34 -7.85
CA THR B 573 -26.21 26.77 -7.98
C THR B 573 -24.90 26.96 -8.76
N SER B 574 -23.96 26.03 -8.56
CA SER B 574 -22.68 25.99 -9.28
C SER B 574 -22.84 25.65 -10.77
N LYS B 575 -23.88 24.88 -11.10
CA LYS B 575 -24.15 24.46 -12.48
C LYS B 575 -24.76 25.55 -13.38
N ASN B 576 -25.18 26.67 -12.77
CA ASN B 576 -25.84 27.74 -13.51
C ASN B 576 -24.95 28.96 -13.79
N SER C 2 10.06 20.85 31.65
CA SER C 2 9.53 21.49 30.41
C SER C 2 10.61 22.24 29.62
N LEU C 3 11.01 21.68 28.49
CA LEU C 3 12.09 22.21 27.68
C LEU C 3 11.59 22.57 26.30
N LEU C 4 11.94 23.75 25.83
CA LEU C 4 11.65 24.13 24.46
C LEU C 4 12.93 23.95 23.64
N LEU C 5 13.03 22.80 22.98
CA LEU C 5 14.24 22.36 22.28
C LEU C 5 14.40 22.98 20.90
N THR C 6 15.62 23.47 20.62
CA THR C 6 15.98 24.09 19.35
C THR C 6 17.39 23.68 19.00
N ASN C 7 17.76 23.95 17.75
CA ASN C 7 19.13 23.97 17.33
C ASN C 7 19.80 25.05 18.19
N HIS C 8 20.84 24.66 18.93
CA HIS C 8 21.53 25.56 19.86
C HIS C 8 22.29 26.68 19.11
N ILE C 9 22.60 26.44 17.84
CA ILE C 9 23.38 27.38 17.06
C ILE C 9 22.47 28.23 16.16
N GLY C 10 21.79 27.60 15.21
CA GLY C 10 20.89 28.35 14.35
C GLY C 10 20.34 27.62 13.14
N TYR C 11 19.56 28.37 12.35
CA TYR C 11 18.83 27.82 11.22
C TYR C 11 19.11 28.62 9.95
N GLU C 12 19.04 27.93 8.81
CA GLU C 12 19.21 28.58 7.52
C GLU C 12 18.03 29.49 7.27
N ARG C 13 18.32 30.71 6.83
CA ARG C 13 17.32 31.73 6.51
C ARG C 13 16.21 31.19 5.61
N LEU C 14 16.59 30.51 4.53
CA LEU C 14 15.67 29.86 3.62
C LEU C 14 15.72 28.33 3.76
N GLY C 15 15.44 27.81 4.95
CA GLY C 15 15.41 26.37 5.18
C GLY C 15 14.47 25.99 6.30
N PRO C 16 14.30 24.68 6.55
CA PRO C 16 13.41 24.11 7.59
C PRO C 16 13.78 24.63 8.96
N LYS C 17 12.78 24.99 9.75
CA LYS C 17 12.99 25.52 11.09
C LYS C 17 11.98 24.87 12.02
N LYS C 18 12.50 24.13 12.99
CA LYS C 18 11.71 23.33 13.91
C LYS C 18 12.13 23.56 15.36
N ALA C 19 11.16 23.69 16.25
CA ALA C 19 11.41 23.57 17.69
C ALA C 19 10.48 22.51 18.26
N ILE C 20 10.86 21.94 19.40
CA ILE C 20 10.08 20.89 20.03
C ILE C 20 9.92 21.14 21.54
N ILE C 21 8.67 21.19 22.03
CA ILE C 21 8.44 21.21 23.47
C ILE C 21 8.49 19.78 23.99
N GLN C 22 9.23 19.58 25.06
CA GLN C 22 9.30 18.28 25.69
C GLN C 22 8.92 18.46 27.14
N THR C 23 7.97 17.65 27.60
CA THR C 23 7.39 17.75 28.94
C THR C 23 6.67 16.47 29.30
N GLU C 24 6.47 16.26 30.61
CA GLU C 24 5.73 15.11 31.08
C GLU C 24 4.22 15.38 31.15
N GLN C 25 3.83 16.62 30.89
CA GLN C 25 2.42 17.01 30.72
C GLN C 25 1.84 16.43 29.43
N PRO C 26 0.66 15.77 29.53
CA PRO C 26 0.05 15.18 28.34
C PRO C 26 -0.70 16.20 27.45
N HIS C 27 -0.99 17.39 27.98
CA HIS C 27 -1.52 18.51 27.17
C HIS C 27 -0.91 19.84 27.60
N LEU C 28 -1.05 20.87 26.77
CA LEU C 28 -0.63 22.24 27.14
C LEU C 28 -1.82 23.15 27.46
N SER C 29 -1.52 24.28 28.08
CA SER C 29 -2.54 25.28 28.37
C SER C 29 -2.63 26.30 27.24
N SER C 30 -1.58 26.39 26.43
CA SER C 30 -1.58 27.28 25.29
C SER C 30 -0.96 26.55 24.11
N TYR C 31 -1.52 26.80 22.93
CA TYR C 31 -1.03 26.12 21.74
C TYR C 31 -0.46 27.10 20.72
N THR C 32 0.03 28.23 21.22
CA THR C 32 0.66 29.25 20.39
C THR C 32 2.06 29.52 20.92
N ALA C 33 3.01 29.56 19.99
CA ALA C 33 4.38 29.94 20.29
C ALA C 33 4.68 31.30 19.69
N GLN C 34 5.42 32.12 20.42
CA GLN C 34 5.89 33.38 19.85
C GLN C 34 7.38 33.32 19.58
N LEU C 35 7.74 33.80 18.39
CA LEU C 35 9.12 34.01 18.06
C LEU C 35 9.42 35.46 18.42
N ILE C 36 10.40 35.62 19.29
CA ILE C 36 10.75 36.89 19.89
C ILE C 36 12.17 37.26 19.49
N CYS C 37 12.34 38.50 19.06
CA CYS C 37 13.65 39.07 18.75
C CYS C 37 14.50 39.12 20.01
N ALA C 38 15.73 38.63 19.93
CA ALA C 38 16.60 38.53 21.11
C ALA C 38 17.08 39.90 21.62
N THR C 39 17.23 40.85 20.70
CA THR C 39 17.65 42.22 21.02
C THR C 39 16.52 43.01 21.68
N SER C 40 15.49 43.33 20.89
CA SER C 40 14.41 44.24 21.32
C SER C 40 13.39 43.60 22.24
N GLU C 41 13.36 42.26 22.25
CA GLU C 41 12.40 41.45 23.02
C GLU C 41 10.95 41.62 22.53
N GLN C 42 10.86 42.03 21.26
CA GLN C 42 9.60 42.18 20.55
C GLN C 42 9.27 40.89 19.82
N THR C 43 8.02 40.47 19.93
CA THR C 43 7.50 39.35 19.15
C THR C 43 7.44 39.74 17.68
N VAL C 44 8.06 38.93 16.83
CA VAL C 44 8.08 39.18 15.40
C VAL C 44 7.13 38.26 14.61
N ALA C 45 6.72 37.15 15.22
CA ALA C 45 5.81 36.19 14.59
C ALA C 45 5.25 35.22 15.61
N THR C 46 4.14 34.56 15.28
CA THR C 46 3.57 33.51 16.13
C THR C 46 3.32 32.25 15.31
N PHE C 47 3.34 31.11 15.98
CA PHE C 47 3.26 29.81 15.32
C PHE C 47 2.44 28.83 16.14
N ALA C 48 1.83 27.86 15.46
CA ALA C 48 1.04 26.83 16.11
C ALA C 48 1.90 25.78 16.77
N VAL C 49 1.40 25.22 17.85
CA VAL C 49 2.04 24.12 18.54
C VAL C 49 1.18 22.87 18.29
N GLU C 50 1.75 21.85 17.66
CA GLU C 50 1.01 20.60 17.39
C GLU C 50 1.47 19.46 18.29
N GLU C 51 0.51 18.76 18.92
CA GLU C 51 0.79 17.60 19.76
C GLU C 51 1.32 16.43 18.93
N GLN C 52 2.35 15.76 19.43
CA GLN C 52 2.91 14.60 18.73
C GLN C 52 2.69 13.30 19.53
N GLY C 53 2.50 13.46 20.83
CA GLY C 53 2.35 12.32 21.69
C GLY C 53 3.72 11.83 22.11
N LYS C 54 3.77 10.54 22.43
CA LYS C 54 4.98 9.85 22.89
C LYS C 54 5.74 9.24 21.73
N VAL C 55 7.04 9.02 21.96
CA VAL C 55 7.95 8.44 20.97
C VAL C 55 8.46 7.12 21.51
N ALA C 56 8.17 6.05 20.76
CA ALA C 56 8.68 4.72 21.07
C ALA C 56 8.49 4.45 22.56
N ASN C 57 9.58 4.19 23.26
CA ASN C 57 9.55 3.98 24.70
C ASN C 57 10.42 5.01 25.43
N TRP C 58 10.62 6.17 24.81
CA TRP C 58 11.47 7.23 25.36
C TRP C 58 10.88 7.80 26.65
N HIS C 59 11.72 7.89 27.69
CA HIS C 59 11.29 8.26 29.04
C HIS C 59 11.05 9.78 29.27
N GLN C 60 11.31 10.61 28.26
CA GLN C 60 11.18 12.07 28.44
C GLN C 60 9.73 12.54 28.44
N GLY C 61 8.82 11.73 27.92
CA GLY C 61 7.39 12.04 27.95
C GLY C 61 6.74 12.43 26.62
N TYR C 62 6.23 13.66 26.56
CA TYR C 62 5.40 14.10 25.45
C TYR C 62 6.08 15.18 24.63
N PHE C 63 5.88 15.12 23.33
CA PHE C 63 6.56 16.04 22.43
C PHE C 63 5.55 16.85 21.65
N TYR C 64 5.90 18.11 21.40
CA TYR C 64 5.02 19.06 20.76
C TYR C 64 5.86 19.80 19.73
N LEU C 65 5.32 19.94 18.52
CA LEU C 65 6.08 20.43 17.39
C LEU C 65 5.73 21.87 17.05
N ILE C 66 6.76 22.70 16.90
CA ILE C 66 6.60 24.04 16.34
C ILE C 66 7.38 24.13 15.04
N ASP C 67 6.67 24.43 13.95
CA ASP C 67 7.27 24.57 12.63
C ASP C 67 7.29 26.06 12.27
N PHE C 68 8.48 26.64 12.26
CA PHE C 68 8.59 28.06 11.92
C PHE C 68 9.40 28.32 10.66
N SER C 69 9.42 27.34 9.76
CA SER C 69 10.17 27.42 8.49
C SER C 69 9.81 28.62 7.62
N SER C 70 8.57 29.10 7.70
CA SER C 70 8.09 30.20 6.86
C SER C 70 8.75 31.54 7.20
N PHE C 71 9.34 31.60 8.40
CA PHE C 71 10.03 32.81 8.83
C PHE C 71 11.37 32.93 8.15
N THR C 72 11.65 34.07 7.51
CA THR C 72 12.89 34.22 6.73
C THR C 72 13.65 35.51 6.96
N ASP C 73 13.53 36.10 8.14
CA ASP C 73 14.32 37.31 8.46
C ASP C 73 15.51 36.97 9.33
N SER C 74 16.67 37.52 8.97
CA SER C 74 17.90 37.29 9.71
C SER C 74 17.98 37.99 11.06
N GLY C 75 18.68 37.35 11.99
CA GLY C 75 18.90 37.88 13.32
C GLY C 75 18.96 36.78 14.36
N ASP C 76 19.00 37.15 15.63
CA ASP C 76 18.93 36.21 16.73
C ASP C 76 17.56 36.27 17.35
N TYR C 77 17.03 35.11 17.71
CA TYR C 77 15.67 35.01 18.21
C TYR C 77 15.62 33.95 19.26
N PHE C 78 14.55 33.95 20.04
CA PHE C 78 14.19 32.79 20.85
C PHE C 78 12.70 32.50 20.75
N LEU C 79 12.30 31.32 21.21
CA LEU C 79 10.92 30.91 21.16
C LEU C 79 10.35 30.82 22.56
N GLN C 80 9.08 31.17 22.69
CA GLN C 80 8.42 31.14 23.99
C GLN C 80 7.00 30.58 23.90
N VAL C 81 6.69 29.65 24.80
CA VAL C 81 5.33 29.16 24.97
C VAL C 81 5.04 29.21 26.45
N GLU C 82 4.13 30.10 26.83
CA GLU C 82 3.60 30.20 28.19
C GLU C 82 4.73 30.35 29.21
N ASP C 83 5.04 29.26 29.92
CA ASP C 83 6.08 29.22 30.94
C ASP C 83 7.24 28.30 30.51
N SER C 84 7.77 28.58 29.33
CA SER C 84 8.89 27.84 28.75
C SER C 84 9.49 28.63 27.60
N ARG C 85 10.81 28.71 27.60
CA ARG C 85 11.57 29.58 26.73
C ARG C 85 12.76 28.79 26.19
N SER C 86 12.99 28.84 24.89
CA SER C 86 14.21 28.26 24.31
C SER C 86 15.40 29.20 24.49
N SER C 87 16.61 28.70 24.23
CA SER C 87 17.77 29.57 24.20
C SER C 87 17.77 30.35 22.89
N THR C 88 18.53 31.44 22.81
CA THR C 88 18.54 32.23 21.57
C THR C 88 19.41 31.58 20.48
N PHE C 89 18.87 31.53 19.27
CA PHE C 89 19.55 30.93 18.15
C PHE C 89 19.59 31.96 17.01
N THR C 90 20.38 31.72 15.97
CA THR C 90 20.48 32.65 14.83
C THR C 90 19.75 32.14 13.58
N VAL C 91 19.08 33.04 12.87
CA VAL C 91 18.59 32.77 11.52
C VAL C 91 19.49 33.54 10.54
N GLY C 92 20.16 32.82 9.64
CA GLY C 92 21.06 33.43 8.66
C GLY C 92 21.58 32.47 7.61
N GLU C 93 22.20 33.02 6.56
CA GLU C 93 22.82 32.24 5.49
C GLU C 93 24.06 31.53 5.98
N HIS C 94 24.18 30.25 5.62
CA HIS C 94 25.36 29.43 5.90
C HIS C 94 25.78 29.38 7.36
N ILE C 95 24.80 29.26 8.25
CA ILE C 95 25.03 29.48 9.68
C ILE C 95 25.96 28.44 10.32
N LEU C 96 25.72 27.15 10.13
CA LEU C 96 26.61 26.12 10.65
C LEU C 96 27.99 26.17 10.01
N LEU C 97 28.04 26.45 8.70
CA LEU C 97 29.32 26.62 8.03
C LEU C 97 30.12 27.78 8.61
N ASN C 98 29.56 28.99 8.64
CA ASN C 98 30.35 30.08 9.22
C ASN C 98 30.53 30.11 10.75
N GLN C 99 29.58 29.56 11.49
CA GLN C 99 29.75 29.41 12.94
C GLN C 99 30.73 28.31 13.35
N THR C 100 30.81 27.21 12.60
CA THR C 100 31.49 25.99 13.15
C THR C 100 32.61 25.32 12.35
N LEU C 101 32.78 25.69 11.08
CA LEU C 101 33.76 24.94 10.27
C LEU C 101 35.19 25.06 10.79
N SER C 102 35.63 26.29 11.02
CA SER C 102 36.98 26.55 11.52
C SER C 102 37.34 25.74 12.78
N ASP C 103 36.42 25.69 13.72
CA ASP C 103 36.63 24.97 14.99
C ASP C 103 36.83 23.48 14.79
N VAL C 104 36.07 22.91 13.84
CA VAL C 104 36.25 21.53 13.43
C VAL C 104 37.63 21.32 12.80
N ILE C 105 38.10 22.27 11.99
CA ILE C 105 39.44 22.13 11.40
C ILE C 105 40.52 22.15 12.49
N HIS C 106 40.44 23.12 13.41
CA HIS C 106 41.32 23.16 14.57
C HIS C 106 41.25 21.89 15.42
N TYR C 107 40.06 21.30 15.49
CA TYR C 107 39.91 20.03 16.19
C TYR C 107 40.79 18.97 15.57
N PHE C 108 40.74 18.85 14.24
CA PHE C 108 41.56 17.87 13.54
C PHE C 108 43.06 18.12 13.76
N LYS C 109 43.48 19.38 13.63
CA LYS C 109 44.89 19.71 13.87
C LYS C 109 45.34 19.42 15.32
N SER C 110 44.44 19.62 16.28
CA SER C 110 44.72 19.31 17.68
C SER C 110 44.87 17.80 17.96
N GLN C 111 44.37 16.98 17.05
CA GLN C 111 44.33 15.53 17.23
C GLN C 111 45.37 14.82 16.39
N ARG C 112 46.21 15.59 15.70
CA ARG C 112 47.38 15.03 15.01
C ARG C 112 48.27 14.23 15.95
N CYS C 113 48.78 13.11 15.45
CA CYS C 113 49.64 12.26 16.25
C CYS C 113 50.95 13.01 16.43
N GLY C 114 51.47 12.99 17.65
CA GLY C 114 52.66 13.75 17.96
C GLY C 114 53.43 13.20 19.14
N GLY C 115 54.49 13.92 19.52
CA GLY C 115 55.25 13.61 20.73
C GLY C 115 55.75 12.17 20.78
N VAL C 116 55.64 11.56 21.96
CA VAL C 116 56.17 10.19 22.17
C VAL C 116 55.54 9.14 21.27
N PHE C 117 54.24 9.31 21.01
CA PHE C 117 53.46 8.35 20.23
C PHE C 117 53.90 8.36 18.79
N ASP C 118 54.01 9.55 18.20
CA ASP C 118 54.48 9.66 16.82
C ASP C 118 55.95 9.26 16.70
N GLN C 119 56.75 9.49 17.74
CA GLN C 119 58.13 9.03 17.76
C GLN C 119 58.20 7.51 17.65
N GLN C 120 57.42 6.81 18.48
CA GLN C 120 57.35 5.33 18.42
C GLN C 120 56.85 4.79 17.07
N ASP C 121 55.98 5.56 16.41
CA ASP C 121 55.33 5.16 15.15
C ASP C 121 56.24 5.19 13.92
N ARG C 122 57.42 5.78 14.09
CA ARG C 122 58.46 5.72 13.08
C ARG C 122 59.15 4.34 13.06
N GLN C 123 59.01 3.56 14.14
CA GLN C 123 59.51 2.17 14.19
CA GLN C 123 59.51 2.17 14.19
C GLN C 123 58.56 1.28 14.99
N VAL C 124 57.35 1.09 14.48
CA VAL C 124 56.36 0.26 15.19
C VAL C 124 56.37 -1.18 14.68
N PRO C 125 56.41 -2.18 15.60
CA PRO C 125 56.44 -3.59 15.20
C PRO C 125 55.19 -4.02 14.46
N VAL C 126 55.37 -4.74 13.36
CA VAL C 126 54.30 -5.38 12.65
C VAL C 126 54.13 -6.79 13.25
N LEU C 127 52.93 -7.08 13.73
CA LEU C 127 52.70 -8.27 14.57
C LEU C 127 53.00 -9.57 13.82
N ASN C 128 53.84 -10.40 14.44
CA ASN C 128 54.32 -11.68 13.90
C ASN C 128 55.10 -11.60 12.59
N ALA C 129 55.70 -10.45 12.30
CA ALA C 129 56.35 -10.26 11.01
C ALA C 129 57.84 -10.06 11.17
N ASN C 130 58.29 -10.07 12.42
CA ASN C 130 59.68 -9.76 12.80
C ASN C 130 60.29 -8.64 11.98
N GLN C 131 59.55 -7.54 11.90
CA GLN C 131 59.96 -6.33 11.20
C GLN C 131 59.19 -5.15 11.77
N THR C 132 59.59 -3.96 11.38
CA THR C 132 59.13 -2.75 11.99
C THR C 132 58.66 -1.86 10.84
N ALA C 133 57.73 -0.93 11.10
CA ALA C 133 57.31 0.00 10.06
C ALA C 133 57.26 1.44 10.54
N ASP C 134 57.48 2.37 9.60
CA ASP C 134 57.39 3.81 9.85
C ASP C 134 56.03 4.25 9.37
N VAL C 135 55.13 4.47 10.31
CA VAL C 135 53.76 4.89 10.01
C VAL C 135 53.39 6.09 10.86
N HIS C 136 54.36 6.97 11.10
CA HIS C 136 54.13 8.22 11.79
C HIS C 136 53.13 9.08 11.01
N GLY C 137 52.47 10.00 11.71
CA GLY C 137 51.44 10.83 11.11
C GLY C 137 50.04 10.39 11.50
N GLY C 138 49.07 10.94 10.77
CA GLY C 138 47.65 10.68 11.03
C GLY C 138 47.14 11.29 12.32
N TRP C 139 45.90 10.97 12.64
CA TRP C 139 45.25 11.48 13.82
C TRP C 139 45.01 10.34 14.81
N TYR C 140 45.06 10.67 16.11
CA TYR C 140 44.51 9.81 17.14
C TYR C 140 43.04 9.53 16.86
N ASP C 141 42.59 8.32 17.22
CA ASP C 141 41.27 7.90 16.81
C ASP C 141 40.13 8.52 17.60
N ALA C 142 40.38 8.78 18.87
CA ALA C 142 39.30 9.14 19.78
C ALA C 142 39.91 9.95 20.90
N SER C 143 39.08 10.65 21.67
CA SER C 143 39.54 11.36 22.89
C SER C 143 40.11 10.43 24.00
N GLY C 144 39.90 9.13 23.88
CA GLY C 144 40.47 8.20 24.85
C GLY C 144 41.27 7.09 24.22
N ASP C 145 41.76 7.32 23.00
CA ASP C 145 42.52 6.31 22.26
C ASP C 145 43.53 6.97 21.34
N VAL C 146 44.81 6.69 21.58
CA VAL C 146 45.90 7.23 20.78
C VAL C 146 46.28 6.30 19.61
N SER C 147 45.44 5.30 19.36
CA SER C 147 45.67 4.38 18.27
C SER C 147 45.18 5.01 16.98
N LYS C 148 45.63 4.48 15.85
CA LYS C 148 45.27 5.05 14.56
C LYS C 148 44.74 3.91 13.74
N TYR C 149 43.65 4.19 13.02
CA TYR C 149 42.83 3.16 12.43
C TYR C 149 42.44 3.54 11.02
N LEU C 150 42.48 2.56 10.13
CA LEU C 150 41.78 2.66 8.86
C LEU C 150 40.35 2.17 9.09
N SER C 151 40.24 1.13 9.92
CA SER C 151 38.97 0.55 10.37
C SER C 151 39.23 -0.36 11.57
N HIS C 152 38.16 -0.96 12.10
CA HIS C 152 38.23 -2.10 13.01
C HIS C 152 36.88 -2.81 12.98
N LEU C 153 36.68 -3.69 13.98
CA LEU C 153 35.51 -4.57 14.08
C LEU C 153 35.35 -5.51 12.90
N SER C 154 36.48 -5.86 12.26
CA SER C 154 36.44 -6.66 11.01
C SER C 154 35.88 -8.05 11.24
N TYR C 155 36.15 -8.61 12.41
CA TYR C 155 35.64 -9.91 12.81
C TYR C 155 34.11 -9.99 12.85
N ALA C 156 33.43 -8.84 12.93
CA ALA C 156 31.97 -8.82 12.90
C ALA C 156 31.43 -8.74 11.48
N ASN C 157 32.33 -8.57 10.52
CA ASN C 157 32.06 -8.55 9.08
C ASN C 157 31.17 -7.44 8.52
N TYR C 158 30.11 -7.12 9.23
CA TYR C 158 29.12 -6.16 8.78
C TYR C 158 29.22 -4.80 9.49
N LEU C 159 30.27 -4.62 10.29
CA LEU C 159 30.37 -3.47 11.17
C LEU C 159 31.47 -2.47 10.84
N ASN C 160 32.38 -2.83 9.94
CA ASN C 160 33.52 -1.97 9.54
C ASN C 160 33.19 -0.49 9.30
N PRO C 161 33.68 0.41 10.19
CA PRO C 161 33.57 1.82 9.92
C PRO C 161 34.78 2.32 9.17
N GLN C 162 34.60 3.31 8.31
CA GLN C 162 35.73 3.94 7.64
C GLN C 162 36.19 5.06 8.56
N GLN C 163 37.45 4.99 8.97
CA GLN C 163 37.99 5.94 9.94
C GLN C 163 38.94 6.95 9.33
N THR C 164 40.25 6.81 9.57
CA THR C 164 41.25 7.76 9.03
C THR C 164 41.04 8.12 7.54
N PRO C 165 40.88 7.11 6.65
CA PRO C 165 40.68 7.45 5.24
C PRO C 165 39.41 8.25 4.97
N MET C 166 38.39 8.08 5.81
CA MET C 166 37.13 8.79 5.59
C MET C 166 37.33 10.26 5.87
N VAL C 167 38.19 10.57 6.82
CA VAL C 167 38.48 11.94 7.19
C VAL C 167 39.04 12.67 5.97
N VAL C 168 40.06 12.08 5.35
CA VAL C 168 40.75 12.65 4.19
C VAL C 168 39.78 12.79 3.01
N TRP C 169 39.05 11.71 2.71
CA TRP C 169 38.09 11.78 1.62
C TRP C 169 37.05 12.89 1.85
N ASN C 170 36.51 12.97 3.08
CA ASN C 170 35.51 13.98 3.42
C ASN C 170 36.01 15.41 3.23
N ILE C 171 37.24 15.70 3.63
CA ILE C 171 37.81 17.03 3.47
C ILE C 171 37.84 17.39 1.99
N LEU C 172 38.45 16.50 1.21
CA LEU C 172 38.66 16.73 -0.22
C LEU C 172 37.34 16.86 -0.97
N LYS C 173 36.34 16.09 -0.54
CA LYS C 173 35.00 16.16 -1.08
C LYS C 173 34.35 17.52 -0.79
N GLY C 174 34.40 17.94 0.48
CA GLY C 174 33.89 19.26 0.88
C GLY C 174 34.61 20.38 0.16
N LEU C 175 35.92 20.23 0.05
CA LEU C 175 36.78 21.16 -0.65
C LEU C 175 36.36 21.32 -2.12
N SER C 176 36.07 20.21 -2.80
CA SER C 176 35.66 20.26 -4.19
C SER C 176 34.23 20.80 -4.39
N LEU C 177 33.34 20.54 -3.42
CA LEU C 177 31.99 21.09 -3.43
C LEU C 177 31.97 22.61 -3.36
N LEU C 178 32.84 23.17 -2.54
CA LEU C 178 32.84 24.62 -2.35
C LEU C 178 33.86 25.36 -3.22
N GLU C 179 34.61 24.61 -4.03
CA GLU C 179 35.58 25.19 -4.96
C GLU C 179 34.91 26.13 -5.96
N GLY C 180 35.51 27.29 -6.13
CA GLY C 180 35.01 28.29 -7.08
C GLY C 180 34.08 29.28 -6.42
N SER C 181 33.51 28.91 -5.28
CA SER C 181 32.57 29.77 -4.56
C SER C 181 33.26 30.68 -3.54
N GLU C 182 32.44 31.50 -2.87
CA GLU C 182 32.94 32.42 -1.87
C GLU C 182 32.40 32.06 -0.49
N ASP C 183 31.86 30.84 -0.39
CA ASP C 183 31.29 30.33 0.86
C ASP C 183 32.33 30.15 1.96
N ILE C 184 33.56 29.78 1.58
CA ILE C 184 34.70 29.83 2.48
C ILE C 184 35.78 30.76 1.97
N ALA C 185 36.56 31.29 2.90
CA ALA C 185 37.67 32.19 2.58
C ALA C 185 38.85 31.41 2.04
N ALA C 186 39.75 32.11 1.36
CA ALA C 186 40.96 31.49 0.81
C ALA C 186 41.79 30.79 1.87
N PHE C 187 41.91 31.44 3.04
CA PHE C 187 42.69 30.91 4.14
C PHE C 187 42.08 29.63 4.72
N THR C 188 40.77 29.53 4.63
CA THR C 188 40.05 28.36 5.11
C THR C 188 40.33 27.17 4.21
N ARG C 189 40.30 27.41 2.88
CA ARG C 189 40.65 26.37 1.92
CA ARG C 189 40.66 26.39 1.91
C ARG C 189 42.07 25.87 2.16
N THR C 190 43.00 26.80 2.36
CA THR C 190 44.39 26.47 2.65
C THR C 190 44.51 25.52 3.87
N ARG C 191 43.78 25.85 4.93
CA ARG C 191 43.80 25.07 6.15
C ARG C 191 43.24 23.68 5.92
N LEU C 192 42.15 23.59 5.16
CA LEU C 192 41.54 22.30 4.82
C LEU C 192 42.46 21.42 3.99
N ILE C 193 43.11 22.03 2.99
CA ILE C 193 44.07 21.35 2.15
C ILE C 193 45.24 20.83 2.97
N GLU C 194 45.72 21.65 3.90
CA GLU C 194 46.78 21.23 4.83
C GLU C 194 46.38 19.96 5.58
N GLU C 195 45.15 19.93 6.09
CA GLU C 195 44.64 18.82 6.88
C GLU C 195 44.40 17.56 6.07
N ALA C 196 43.92 17.71 4.84
CA ALA C 196 43.74 16.56 3.94
C ALA C 196 45.07 15.90 3.53
N LEU C 197 46.07 16.72 3.15
CA LEU C 197 47.38 16.22 2.77
C LEU C 197 48.15 15.58 3.92
N PHE C 198 47.90 16.06 5.14
CA PHE C 198 48.48 15.45 6.35
C PHE C 198 48.07 13.98 6.44
N GLY C 199 46.78 13.71 6.23
CA GLY C 199 46.26 12.36 6.26
C GLY C 199 46.64 11.55 5.04
N ALA C 200 46.71 12.21 3.88
CA ALA C 200 47.15 11.54 2.66
C ALA C 200 48.54 10.92 2.84
N ASP C 201 49.46 11.68 3.43
CA ASP C 201 50.83 11.25 3.72
C ASP C 201 50.86 10.03 4.62
N PHE C 202 49.95 10.02 5.60
CA PHE C 202 49.86 8.92 6.53
C PHE C 202 49.36 7.66 5.82
N LEU C 203 48.47 7.84 4.85
CA LEU C 203 47.92 6.70 4.12
C LEU C 203 48.98 6.07 3.25
N VAL C 204 49.81 6.91 2.62
CA VAL C 204 50.96 6.45 1.86
C VAL C 204 51.88 5.58 2.74
N ARG C 205 52.12 6.03 3.96
CA ARG C 205 52.98 5.31 4.89
C ARG C 205 52.35 4.03 5.38
N MET C 206 51.02 3.98 5.39
CA MET C 206 50.31 2.80 5.89
C MET C 206 50.28 1.69 4.86
N GLN C 207 50.67 2.01 3.62
CA GLN C 207 50.77 0.98 2.57
C GLN C 207 52.06 0.16 2.61
N ASN C 208 51.89 -1.15 2.80
CA ASN C 208 52.98 -2.11 2.62
C ASN C 208 53.43 -2.17 1.14
N GLU C 209 54.68 -2.57 0.91
N GLU C 209 54.68 -2.58 0.93
CA GLU C 209 55.26 -2.67 -0.44
CA GLU C 209 55.28 -2.72 -0.40
C GLU C 209 54.49 -3.66 -1.35
C GLU C 209 54.53 -3.67 -1.34
N LYS C 210 53.89 -4.70 -0.75
CA LYS C 210 53.07 -5.66 -1.51
C LYS C 210 51.81 -5.03 -2.11
N GLY C 211 51.33 -3.93 -1.50
CA GLY C 211 50.23 -3.13 -2.06
C GLY C 211 49.04 -2.94 -1.14
N PHE C 212 48.97 -3.74 -0.07
CA PHE C 212 47.91 -3.59 0.92
C PHE C 212 48.23 -2.47 1.91
N PHE C 213 47.19 -1.97 2.57
CA PHE C 213 47.34 -1.04 3.69
C PHE C 213 47.20 -1.78 5.01
N TYR C 214 47.94 -1.33 6.02
CA TYR C 214 47.78 -1.81 7.39
C TYR C 214 46.48 -1.24 7.96
N MET C 215 45.78 -2.03 8.79
CA MET C 215 44.45 -1.62 9.29
C MET C 215 44.49 -0.75 10.55
N THR C 216 45.47 -1.02 11.42
CA THR C 216 45.56 -0.36 12.71
C THR C 216 47.00 -0.24 13.19
N VAL C 217 47.29 0.84 13.92
CA VAL C 217 48.35 0.85 14.93
C VAL C 217 47.63 0.86 16.27
N PHE C 218 47.74 -0.20 17.06
CA PHE C 218 46.86 -0.40 18.23
C PHE C 218 47.66 -0.74 19.50
N ASP C 219 47.29 -0.08 20.60
CA ASP C 219 48.04 -0.17 21.84
C ASP C 219 47.26 -0.78 22.99
N LYS C 220 46.20 -1.53 22.69
CA LYS C 220 45.27 -2.08 23.72
C LYS C 220 44.67 -1.02 24.66
N TRP C 221 44.46 0.18 24.11
CA TRP C 221 43.96 1.36 24.85
C TRP C 221 44.81 1.73 26.07
N SER C 222 46.09 1.38 26.06
CA SER C 222 46.91 1.45 27.28
C SER C 222 47.63 2.78 27.42
N LYS C 223 47.85 3.46 26.30
CA LYS C 223 48.62 4.71 26.22
C LYS C 223 50.12 4.48 26.45
N ASP C 224 50.52 3.22 26.39
CA ASP C 224 51.90 2.79 26.55
C ASP C 224 52.44 2.67 25.12
N THR C 225 53.56 3.34 24.85
CA THR C 225 54.17 3.31 23.51
C THR C 225 54.75 1.94 23.17
N ALA C 226 55.25 1.23 24.18
CA ALA C 226 55.78 -0.12 24.01
C ALA C 226 54.72 -1.10 23.50
N GLN C 227 53.46 -0.73 23.66
CA GLN C 227 52.33 -1.57 23.23
C GLN C 227 51.78 -1.26 21.82
N ARG C 228 52.29 -0.20 21.18
CA ARG C 228 51.84 0.12 19.83
C ARG C 228 52.33 -0.92 18.83
N GLU C 229 51.38 -1.59 18.18
CA GLU C 229 51.68 -2.67 17.24
C GLU C 229 50.77 -2.52 16.04
N ILE C 230 51.30 -2.85 14.86
CA ILE C 230 50.44 -3.00 13.70
C ILE C 230 49.73 -4.36 13.74
N CYS C 231 48.40 -4.32 13.74
CA CYS C 231 47.59 -5.53 13.85
C CYS C 231 46.13 -5.29 13.53
N ALA C 232 45.36 -6.37 13.64
CA ALA C 232 43.92 -6.32 13.76
C ALA C 232 43.63 -6.69 15.20
N TYR C 233 42.40 -6.47 15.65
CA TYR C 233 42.01 -6.94 16.99
C TYR C 233 40.56 -7.32 17.10
N GLU C 234 40.26 -8.12 18.12
CA GLU C 234 38.93 -8.70 18.26
C GLU C 234 38.44 -8.64 19.70
N THR C 235 37.12 -8.54 19.83
CA THR C 235 36.38 -8.38 21.11
C THR C 235 36.64 -7.04 21.80
N GLN C 236 35.91 -6.82 22.89
CA GLN C 236 36.08 -5.61 23.71
C GLN C 236 37.41 -5.66 24.48
N LEU C 237 38.00 -6.84 24.57
CA LEU C 237 39.26 -7.03 25.27
C LEU C 237 40.47 -6.64 24.41
N GLY C 238 40.26 -6.52 23.11
CA GLY C 238 41.29 -6.06 22.18
C GLY C 238 42.38 -7.07 21.91
N HIS C 239 41.97 -8.32 21.69
CA HIS C 239 42.91 -9.40 21.40
C HIS C 239 43.51 -9.19 20.02
N LYS C 240 44.83 -9.13 19.94
CA LYS C 240 45.52 -8.79 18.71
C LYS C 240 45.78 -10.00 17.82
N PHE C 241 45.66 -9.79 16.52
CA PHE C 241 45.85 -10.83 15.52
C PHE C 241 46.57 -10.22 14.33
N ASP C 242 47.25 -11.06 13.54
CA ASP C 242 48.08 -10.57 12.44
C ASP C 242 47.40 -10.48 11.07
N ASP C 243 46.07 -10.35 11.06
CA ASP C 243 45.34 -10.10 9.83
C ASP C 243 45.15 -8.59 9.60
N TYR C 244 46.28 -7.88 9.50
CA TYR C 244 46.28 -6.41 9.44
C TYR C 244 46.02 -5.85 8.06
N GLN C 245 45.89 -6.73 7.07
CA GLN C 245 45.71 -6.33 5.69
C GLN C 245 44.31 -5.78 5.50
N ALA C 246 44.22 -4.51 5.10
CA ALA C 246 42.92 -3.86 4.97
C ALA C 246 42.21 -4.24 3.67
N GLY C 247 41.18 -5.08 3.79
CA GLY C 247 40.26 -5.37 2.70
C GLY C 247 39.48 -4.13 2.31
N PHE C 248 38.77 -4.19 1.19
CA PHE C 248 38.03 -3.04 0.65
C PHE C 248 37.11 -2.38 1.67
N ARG C 249 36.44 -3.19 2.50
CA ARG C 249 35.51 -2.69 3.52
C ARG C 249 36.24 -2.29 4.81
N GLN C 250 37.48 -2.76 4.94
CA GLN C 250 38.25 -2.59 6.15
C GLN C 250 39.15 -1.35 6.07
N GLY C 251 38.69 -0.32 5.36
CA GLY C 251 39.47 0.92 5.25
C GLY C 251 40.24 1.04 3.94
N GLY C 252 40.46 -0.10 3.29
CA GLY C 252 41.28 -0.18 2.08
C GLY C 252 40.71 0.63 0.94
N GLY C 253 39.42 0.47 0.69
CA GLY C 253 38.74 1.12 -0.42
C GLY C 253 38.73 2.63 -0.33
N VAL C 254 38.49 3.15 0.88
CA VAL C 254 38.44 4.59 1.07
C VAL C 254 39.85 5.19 1.14
N ALA C 255 40.83 4.39 1.59
CA ALA C 255 42.24 4.81 1.50
C ALA C 255 42.65 5.08 0.06
N ILE C 256 42.20 4.23 -0.85
CA ILE C 256 42.52 4.37 -2.25
C ILE C 256 41.76 5.59 -2.79
N ALA C 257 40.49 5.69 -2.40
CA ALA C 257 39.61 6.78 -2.81
C ALA C 257 40.20 8.14 -2.40
N ALA C 258 40.61 8.25 -1.13
CA ALA C 258 41.25 9.45 -0.58
C ALA C 258 42.56 9.81 -1.29
N LEU C 259 43.41 8.80 -1.47
CA LEU C 259 44.69 9.00 -2.14
C LEU C 259 44.52 9.47 -3.57
N ALA C 260 43.58 8.85 -4.28
CA ALA C 260 43.25 9.22 -5.66
C ALA C 260 42.71 10.66 -5.77
N ALA C 261 41.88 11.06 -4.82
CA ALA C 261 41.34 12.42 -4.72
C ALA C 261 42.40 13.46 -4.36
N ALA C 262 43.33 13.09 -3.48
CA ALA C 262 44.44 13.96 -3.08
C ALA C 262 45.41 14.25 -4.24
N SER C 263 45.56 13.28 -5.14
CA SER C 263 46.47 13.41 -6.26
C SER C 263 45.95 14.38 -7.34
N ARG C 264 44.69 14.79 -7.22
CA ARG C 264 44.12 15.71 -8.18
C ARG C 264 44.35 17.17 -7.82
N LEU C 265 44.91 17.41 -6.64
CA LEU C 265 45.10 18.76 -6.12
C LEU C 265 46.32 19.45 -6.73
N GLY C 266 46.35 20.79 -6.63
CA GLY C 266 47.42 21.60 -7.19
C GLY C 266 48.70 21.60 -6.38
N VAL C 267 48.60 21.29 -5.09
CA VAL C 267 49.74 21.19 -4.18
C VAL C 267 49.77 19.81 -3.52
N HIS C 268 50.85 19.50 -2.80
CA HIS C 268 50.99 18.18 -2.20
C HIS C 268 51.65 18.25 -0.85
N GLY C 269 51.72 17.11 -0.16
CA GLY C 269 52.32 17.04 1.17
C GLY C 269 53.75 16.57 1.08
N GLU C 270 54.18 15.74 2.04
CA GLU C 270 55.53 15.19 2.06
C GLU C 270 55.76 14.31 0.83
N TYR C 271 54.70 13.73 0.32
CA TYR C 271 54.75 12.99 -0.95
C TYR C 271 54.01 13.75 -2.03
N ASP C 272 54.39 13.55 -3.30
CA ASP C 272 53.77 14.28 -4.41
C ASP C 272 52.53 13.59 -4.96
N GLN C 273 51.86 14.24 -5.91
CA GLN C 273 50.63 13.72 -6.50
C GLN C 273 50.80 12.38 -7.18
N GLN C 274 51.97 12.18 -7.80
CA GLN C 274 52.26 10.92 -8.48
C GLN C 274 52.40 9.78 -7.47
N LYS C 275 53.01 10.05 -6.32
CA LYS C 275 53.09 9.07 -5.23
C LYS C 275 51.70 8.72 -4.67
N TYR C 276 50.83 9.73 -4.55
CA TYR C 276 49.46 9.51 -4.10
C TYR C 276 48.70 8.66 -5.14
N ARG C 277 48.84 9.02 -6.43
CA ARG C 277 48.17 8.30 -7.49
C ARG C 277 48.62 6.85 -7.59
N ASN C 278 49.93 6.63 -7.55
CA ASN C 278 50.47 5.29 -7.70
C ASN C 278 50.14 4.38 -6.52
N ALA C 279 50.11 4.95 -5.32
CA ALA C 279 49.75 4.20 -4.13
C ALA C 279 48.30 3.72 -4.22
N ALA C 280 47.44 4.59 -4.78
CA ALA C 280 46.04 4.31 -4.95
C ALA C 280 45.87 3.22 -6.00
N GLU C 281 46.47 3.44 -7.17
CA GLU C 281 46.47 2.46 -8.25
C GLU C 281 47.00 1.09 -7.81
N ASN C 282 48.13 1.07 -7.10
CA ASN C 282 48.71 -0.20 -6.66
C ASN C 282 47.80 -0.90 -5.66
N GLY C 283 47.25 -0.10 -4.74
CA GLY C 283 46.31 -0.57 -3.73
C GLY C 283 45.05 -1.19 -4.29
N TYR C 284 44.48 -0.55 -5.30
CA TYR C 284 43.27 -1.05 -5.98
C TYR C 284 43.43 -2.42 -6.62
N TRP C 285 44.40 -2.52 -7.53
CA TRP C 285 44.60 -3.78 -8.25
C TRP C 285 45.11 -4.89 -7.35
N HIS C 286 45.79 -4.54 -6.26
CA HIS C 286 46.16 -5.51 -5.26
C HIS C 286 44.90 -6.13 -4.64
N LEU C 287 43.93 -5.28 -4.32
CA LEU C 287 42.71 -5.73 -3.65
C LEU C 287 41.74 -6.48 -4.57
N LYS C 288 41.74 -6.09 -5.85
CA LYS C 288 41.02 -6.82 -6.89
C LYS C 288 41.45 -8.27 -6.95
N GLU C 289 42.74 -8.50 -6.72
CA GLU C 289 43.31 -9.83 -6.62
C GLU C 289 43.02 -10.50 -5.29
N HIS C 290 43.29 -9.80 -4.19
CA HIS C 290 43.46 -10.46 -2.87
C HIS C 290 42.34 -10.24 -1.85
N ASN C 291 41.36 -9.38 -2.16
CA ASN C 291 40.37 -8.94 -1.16
C ASN C 291 39.82 -10.02 -0.23
N THR C 292 39.26 -11.08 -0.80
CA THR C 292 38.57 -12.12 -0.01
C THR C 292 39.51 -12.87 0.97
N GLN C 293 40.81 -12.85 0.69
CA GLN C 293 41.79 -13.42 1.61
C GLN C 293 41.86 -12.62 2.89
N TYR C 294 41.49 -11.36 2.79
CA TYR C 294 41.61 -10.41 3.89
C TYR C 294 40.32 -10.27 4.70
N LEU C 295 39.19 -10.62 4.08
CA LEU C 295 37.87 -10.54 4.71
C LEU C 295 37.65 -11.75 5.62
N ASN C 296 37.16 -11.49 6.84
CA ASN C 296 37.15 -12.50 7.89
C ASN C 296 36.29 -13.72 7.60
N ASP C 297 35.15 -13.50 6.93
CA ASP C 297 34.26 -14.59 6.53
C ASP C 297 34.46 -14.93 5.05
N GLY C 298 35.52 -14.38 4.45
CA GLY C 298 35.83 -14.58 3.04
C GLY C 298 34.81 -14.09 2.03
N GLU C 299 33.82 -13.33 2.48
CA GLU C 299 32.74 -12.92 1.59
C GLU C 299 32.56 -11.40 1.58
N GLU C 300 32.65 -10.84 0.36
CA GLU C 300 32.43 -9.41 0.12
C GLU C 300 30.99 -9.03 0.36
N ASN C 301 30.79 -7.92 1.05
CA ASN C 301 29.43 -7.45 1.30
C ASN C 301 29.22 -6.02 0.76
N ILE C 302 28.12 -5.39 1.19
CA ILE C 302 27.75 -4.06 0.74
C ILE C 302 28.86 -3.05 1.03
N ILE C 303 29.53 -3.21 2.18
CA ILE C 303 30.56 -2.29 2.61
C ILE C 303 31.77 -2.35 1.67
N ASP C 304 32.16 -3.55 1.23
CA ASP C 304 33.20 -3.64 0.20
C ASP C 304 32.78 -2.89 -1.06
N GLU C 305 31.50 -3.01 -1.39
CA GLU C 305 30.98 -2.56 -2.67
C GLU C 305 30.91 -1.04 -2.79
N TYR C 306 30.37 -0.36 -1.78
CA TYR C 306 30.42 1.11 -1.77
C TYR C 306 31.84 1.69 -1.57
N CYS C 307 32.69 1.02 -0.79
CA CYS C 307 34.07 1.49 -0.62
C CYS C 307 34.88 1.37 -1.91
N ALA C 308 34.76 0.23 -2.59
CA ALA C 308 35.45 0.03 -3.86
C ALA C 308 34.89 0.89 -4.98
N LEU C 309 33.62 1.27 -4.88
CA LEU C 309 33.01 2.16 -5.86
C LEU C 309 33.63 3.56 -5.75
N LEU C 310 33.81 4.02 -4.50
CA LEU C 310 34.53 5.26 -4.24
C LEU C 310 35.94 5.19 -4.79
N ALA C 311 36.65 4.11 -4.44
CA ALA C 311 38.00 3.86 -4.97
C ALA C 311 38.04 4.03 -6.48
N SER C 312 37.23 3.25 -7.20
CA SER C 312 37.23 3.23 -8.65
C SER C 312 36.78 4.56 -9.29
N VAL C 313 35.78 5.21 -8.70
CA VAL C 313 35.33 6.50 -9.19
C VAL C 313 36.45 7.54 -9.09
N GLU C 314 37.17 7.53 -7.97
CA GLU C 314 38.20 8.54 -7.75
C GLU C 314 39.42 8.24 -8.62
N LEU C 315 39.66 6.95 -8.84
CA LEU C 315 40.69 6.50 -9.79
C LEU C 315 40.36 6.88 -11.22
N PHE C 316 39.09 6.83 -11.59
CA PHE C 316 38.68 7.30 -12.91
C PHE C 316 38.92 8.78 -13.10
N LYS C 317 38.54 9.58 -12.11
CA LYS C 317 38.71 11.03 -12.18
C LYS C 317 40.18 11.45 -12.24
N ALA C 318 41.02 10.69 -11.53
CA ALA C 318 42.46 10.97 -11.45
C ALA C 318 43.22 10.51 -12.69
N THR C 319 42.88 9.33 -13.22
CA THR C 319 43.66 8.75 -14.31
C THR C 319 43.05 9.01 -15.67
N LYS C 320 41.72 9.05 -15.74
CA LYS C 320 40.95 9.11 -17.00
C LYS C 320 41.04 7.79 -17.80
N GLU C 321 41.57 6.75 -17.16
CA GLU C 321 41.70 5.44 -17.76
C GLU C 321 40.34 4.76 -17.74
N THR C 322 39.87 4.42 -18.93
CA THR C 322 38.54 3.86 -19.14
C THR C 322 38.29 2.59 -18.31
N ARG C 323 39.36 1.82 -18.06
CA ARG C 323 39.25 0.62 -17.22
C ARG C 323 38.67 0.86 -15.81
N TYR C 324 38.84 2.08 -15.28
CA TYR C 324 38.29 2.46 -13.98
C TYR C 324 36.79 2.75 -14.04
N LEU C 325 36.34 3.36 -15.14
CA LEU C 325 34.91 3.48 -15.42
C LEU C 325 34.21 2.11 -15.49
N GLU C 326 34.87 1.12 -16.10
CA GLU C 326 34.34 -0.23 -16.17
C GLU C 326 34.33 -0.89 -14.79
N GLU C 327 35.37 -0.61 -14.00
CA GLU C 327 35.41 -1.02 -12.60
C GLU C 327 34.28 -0.38 -11.79
N SER C 328 33.97 0.88 -12.11
CA SER C 328 32.93 1.61 -11.40
C SER C 328 31.56 1.04 -11.69
N ARG C 329 31.32 0.69 -12.95
CA ARG C 329 30.07 0.07 -13.37
C ARG C 329 29.86 -1.28 -12.65
N LEU C 330 30.93 -2.05 -12.50
CA LEU C 330 30.93 -3.33 -11.78
C LEU C 330 30.44 -3.16 -10.33
N TRP C 331 31.13 -2.29 -9.61
CA TRP C 331 30.82 -2.02 -8.23
C TRP C 331 29.44 -1.39 -8.06
N ALA C 332 29.07 -0.47 -8.97
CA ALA C 332 27.74 0.16 -8.91
C ALA C 332 26.62 -0.86 -9.01
N GLN C 333 26.75 -1.79 -9.96
CA GLN C 333 25.71 -2.79 -10.21
C GLN C 333 25.65 -3.85 -9.14
N ARG C 334 26.80 -4.15 -8.54
CA ARG C 334 26.83 -5.03 -7.37
C ARG C 334 26.18 -4.36 -6.18
N LEU C 335 26.41 -3.05 -6.05
CA LEU C 335 25.82 -2.25 -4.98
C LEU C 335 24.30 -2.11 -5.18
N VAL C 336 23.89 -1.95 -6.43
CA VAL C 336 22.48 -1.79 -6.79
C VAL C 336 21.65 -3.00 -6.36
N ALA C 337 22.25 -4.18 -6.44
CA ALA C 337 21.58 -5.41 -6.09
C ALA C 337 21.36 -5.60 -4.59
N ARG C 338 21.97 -4.74 -3.77
CA ARG C 338 21.81 -4.82 -2.31
C ARG C 338 20.47 -4.26 -1.85
N GLN C 339 19.84 -3.43 -2.69
CA GLN C 339 18.52 -2.93 -2.42
C GLN C 339 17.47 -4.01 -2.64
N MET C 340 16.69 -4.30 -1.60
CA MET C 340 15.78 -5.43 -1.61
C MET C 340 14.48 -5.05 -0.91
N SER C 341 13.47 -5.91 -1.02
CA SER C 341 12.21 -5.73 -0.30
C SER C 341 11.85 -7.00 0.45
N ASP C 342 11.09 -6.86 1.53
CA ASP C 342 10.58 -8.03 2.23
C ASP C 342 9.15 -7.78 2.66
N GLU C 343 8.67 -8.58 3.62
CA GLU C 343 7.33 -8.44 4.18
C GLU C 343 7.12 -7.10 4.88
N GLN C 344 8.16 -6.64 5.58
CA GLN C 344 8.08 -5.42 6.38
C GLN C 344 8.43 -4.14 5.61
N ILE C 345 9.56 -4.13 4.92
CA ILE C 345 10.13 -2.90 4.36
C ILE C 345 10.34 -2.98 2.85
N GLN C 346 9.98 -1.90 2.16
CA GLN C 346 10.27 -1.74 0.74
C GLN C 346 11.59 -1.02 0.58
N HIS C 347 12.44 -1.59 -0.26
CA HIS C 347 13.69 -0.96 -0.72
C HIS C 347 14.77 -0.69 0.33
N PHE C 348 14.89 -1.58 1.31
CA PHE C 348 15.99 -1.49 2.28
C PHE C 348 17.31 -1.94 1.65
N TRP C 349 18.43 -1.54 2.26
CA TRP C 349 19.74 -2.05 1.88
C TRP C 349 20.03 -3.33 2.64
N SER C 350 20.42 -4.37 1.93
CA SER C 350 20.88 -5.61 2.56
CA SER C 350 20.87 -5.60 2.58
C SER C 350 22.39 -5.62 2.69
N ALA C 351 22.88 -6.09 3.84
CA ALA C 351 24.31 -6.23 4.07
C ALA C 351 24.86 -7.52 3.45
N ASN C 352 24.13 -8.64 3.62
CA ASN C 352 24.42 -9.90 2.90
C ASN C 352 23.60 -10.09 1.61
N GLN C 353 23.75 -11.26 0.98
CA GLN C 353 23.16 -11.54 -0.34
C GLN C 353 21.62 -11.58 -0.36
N ASP C 354 21.02 -12.29 0.61
CA ASP C 354 19.60 -12.68 0.53
C ASP C 354 18.64 -11.82 1.35
N GLY C 355 19.10 -10.66 1.81
CA GLY C 355 18.24 -9.79 2.59
C GLY C 355 18.01 -10.15 4.03
N SER C 356 18.54 -11.30 4.47
CA SER C 356 18.30 -11.77 5.83
C SER C 356 19.02 -10.95 6.91
N ARG C 357 20.06 -10.23 6.51
CA ARG C 357 20.77 -9.28 7.38
C ARG C 357 20.78 -7.90 6.70
N PRO C 358 19.98 -6.96 7.24
CA PRO C 358 19.88 -5.65 6.61
C PRO C 358 21.09 -4.79 6.94
N TYR C 359 21.40 -3.85 6.04
CA TYR C 359 22.44 -2.87 6.29
C TYR C 359 21.94 -1.81 7.26
N PHE C 360 22.68 -1.64 8.34
CA PHE C 360 22.51 -0.52 9.27
C PHE C 360 23.90 -0.22 9.79
N HIS C 361 24.25 1.06 9.88
CA HIS C 361 25.63 1.39 10.21
C HIS C 361 25.71 2.68 11.01
N ALA C 362 26.26 2.59 12.23
CA ALA C 362 26.37 3.77 13.13
C ALA C 362 27.31 4.92 12.68
N ALA C 363 28.12 4.67 11.65
CA ALA C 363 29.10 5.65 11.22
C ALA C 363 28.85 6.21 9.83
N GLU C 364 28.25 5.41 8.94
CA GLU C 364 28.26 5.79 7.51
C GLU C 364 27.06 5.32 6.66
N ALA C 365 25.85 5.39 7.22
CA ALA C 365 24.68 4.82 6.56
C ALA C 365 24.29 5.55 5.26
N GLY C 366 24.79 6.76 5.09
CA GLY C 366 24.57 7.50 3.86
C GLY C 366 25.52 7.14 2.75
N LEU C 367 26.49 6.28 3.03
CA LEU C 367 27.54 5.96 2.06
C LEU C 367 27.10 5.22 0.78
N PRO C 368 26.18 4.22 0.88
CA PRO C 368 25.67 3.59 -0.36
C PRO C 368 25.12 4.58 -1.42
N THR C 369 24.23 5.49 -1.01
CA THR C 369 23.75 6.50 -1.94
C THR C 369 24.83 7.49 -2.40
N ILE C 370 25.67 7.96 -1.46
CA ILE C 370 26.76 8.90 -1.78
C ILE C 370 27.67 8.28 -2.85
N ALA C 371 28.07 7.03 -2.63
CA ALA C 371 28.94 6.35 -3.61
C ALA C 371 28.27 6.20 -4.97
N LEU C 372 26.96 5.96 -4.96
CA LEU C 372 26.20 5.83 -6.20
C LEU C 372 26.12 7.15 -6.95
N CYS C 373 25.96 8.24 -6.22
CA CYS C 373 25.93 9.56 -6.86
C CYS C 373 27.31 9.99 -7.38
N GLU C 374 28.37 9.54 -6.73
CA GLU C 374 29.73 9.76 -7.20
C GLU C 374 29.88 9.11 -8.58
N TYR C 375 29.46 7.84 -8.64
CA TYR C 375 29.36 7.09 -9.90
C TYR C 375 28.51 7.79 -10.97
N LEU C 376 27.37 8.34 -10.58
CA LEU C 376 26.48 9.03 -11.52
C LEU C 376 27.14 10.24 -12.16
N ALA C 377 27.97 10.93 -11.39
CA ALA C 377 28.68 12.10 -11.88
C ALA C 377 29.70 11.81 -12.98
N ILE C 378 30.33 10.64 -12.94
CA ILE C 378 31.35 10.27 -13.94
C ILE C 378 30.80 9.50 -15.16
N GLU C 379 29.51 9.19 -15.13
CA GLU C 379 28.90 8.35 -16.15
C GLU C 379 28.39 9.22 -17.29
N ASP C 380 28.73 8.80 -18.51
CA ASP C 380 28.45 9.59 -19.72
C ASP C 380 27.11 9.28 -20.38
N ASP C 381 26.77 7.99 -20.51
CA ASP C 381 25.55 7.60 -21.24
C ASP C 381 24.35 7.30 -20.34
N SER C 382 23.17 7.68 -20.82
CA SER C 382 21.94 7.73 -20.04
C SER C 382 21.33 6.38 -19.68
N VAL C 383 21.55 5.38 -20.53
CA VAL C 383 20.90 4.07 -20.37
C VAL C 383 21.62 3.20 -19.34
N GLN C 384 22.91 3.47 -19.12
CA GLN C 384 23.66 2.74 -18.10
C GLN C 384 23.33 3.27 -16.70
N THR C 385 23.07 4.58 -16.59
CA THR C 385 22.67 5.22 -15.33
C THR C 385 21.27 4.79 -14.88
N GLU C 386 20.52 4.17 -15.80
CA GLU C 386 19.08 3.92 -15.65
C GLU C 386 18.69 3.16 -14.39
N SER C 387 19.24 1.95 -14.22
CA SER C 387 18.95 1.17 -13.01
C SER C 387 19.45 1.88 -11.76
N VAL C 388 20.62 2.52 -11.87
CA VAL C 388 21.27 3.18 -10.73
C VAL C 388 20.43 4.36 -10.22
N LYS C 389 20.00 5.22 -11.15
CA LYS C 389 19.27 6.43 -10.81
C LYS C 389 17.97 6.15 -10.06
N CYS C 390 17.25 5.10 -10.47
CA CYS C 390 16.02 4.74 -9.79
C CYS C 390 16.25 3.98 -8.47
N ILE C 391 17.42 3.37 -8.33
CA ILE C 391 17.82 2.73 -7.06
C ILE C 391 18.11 3.81 -6.00
N VAL C 392 18.78 4.88 -6.43
CA VAL C 392 19.03 6.09 -5.64
C VAL C 392 17.73 6.71 -5.15
N ASN C 393 16.76 6.89 -6.06
CA ASN C 393 15.45 7.44 -5.70
C ASN C 393 14.73 6.57 -4.63
N ARG C 394 14.77 5.26 -4.82
CA ARG C 394 14.19 4.31 -3.89
C ARG C 394 14.88 4.34 -2.54
N ALA C 395 16.20 4.48 -2.57
CA ALA C 395 17.02 4.56 -1.36
C ALA C 395 16.66 5.79 -0.55
N CYS C 396 16.46 6.91 -1.23
CA CYS C 396 16.16 8.17 -0.54
C CYS C 396 14.77 8.13 0.05
N GLU C 397 13.84 7.54 -0.69
CA GLU C 397 12.48 7.36 -0.20
C GLU C 397 12.44 6.35 0.94
N PHE C 398 13.30 5.33 0.89
CA PHE C 398 13.42 4.37 1.99
C PHE C 398 13.80 5.09 3.29
N GLU C 399 14.80 5.95 3.22
CA GLU C 399 15.25 6.73 4.37
C GLU C 399 14.12 7.58 4.94
N ILE C 400 13.45 8.31 4.07
CA ILE C 400 12.33 9.16 4.44
C ILE C 400 11.16 8.38 5.07
N LYS C 401 10.73 7.31 4.39
CA LYS C 401 9.54 6.54 4.83
C LYS C 401 9.75 5.74 6.11
N ILE C 402 10.95 5.21 6.30
CA ILE C 402 11.22 4.46 7.53
C ILE C 402 11.31 5.38 8.75
N SER C 403 11.63 6.64 8.49
CA SER C 403 11.67 7.65 9.53
C SER C 403 10.27 8.18 9.84
N ASN C 404 9.35 8.10 8.88
CA ASN C 404 7.96 8.51 9.08
C ASN C 404 7.04 7.38 9.52
N LYS C 405 7.61 6.19 9.68
CA LYS C 405 6.85 4.97 9.93
C LYS C 405 6.14 5.02 11.29
N VAL C 406 6.75 5.74 12.22
CA VAL C 406 6.22 5.91 13.58
C VAL C 406 6.29 7.39 13.92
N THR C 407 5.72 7.75 15.06
CA THR C 407 5.84 9.08 15.64
C THR C 407 7.32 9.40 15.84
N ASN C 408 7.76 10.49 15.21
CA ASN C 408 9.15 10.89 15.19
C ASN C 408 9.26 12.41 14.99
N PRO C 409 8.92 13.20 16.04
CA PRO C 409 8.91 14.67 15.95
C PRO C 409 10.28 15.27 15.66
N PHE C 410 11.34 14.64 16.16
CA PHE C 410 12.70 15.09 15.90
C PHE C 410 13.15 14.85 14.46
N GLY C 411 12.59 13.82 13.85
CA GLY C 411 13.02 13.39 12.54
C GLY C 411 14.39 12.76 12.60
N TYR C 412 14.66 12.04 13.70
CA TYR C 412 15.86 11.22 13.82
C TYR C 412 15.79 10.19 12.69
N PRO C 413 16.82 10.14 11.83
CA PRO C 413 16.76 9.14 10.76
C PRO C 413 16.77 7.72 11.32
N ARG C 414 15.72 6.97 10.98
CA ARG C 414 15.51 5.63 11.53
C ARG C 414 16.13 4.62 10.58
N GLN C 415 16.08 3.35 10.96
CA GLN C 415 16.82 2.34 10.24
C GLN C 415 16.23 0.96 10.43
N TYR C 416 16.59 0.08 9.49
CA TYR C 416 16.15 -1.29 9.50
C TYR C 416 17.29 -2.13 10.08
N VAL C 417 17.11 -2.58 11.32
CA VAL C 417 18.19 -3.24 12.07
C VAL C 417 17.88 -4.73 12.28
N LYS C 418 18.82 -5.48 12.85
CA LYS C 418 18.61 -6.89 13.21
C LYS C 418 19.66 -7.33 14.20
N GLY C 419 19.22 -7.79 15.36
CA GLY C 419 20.11 -8.44 16.30
C GLY C 419 20.40 -9.89 15.93
N VAL C 420 21.57 -10.37 16.33
CA VAL C 420 21.92 -11.80 16.27
C VAL C 420 20.85 -12.66 16.96
N ASN C 421 20.27 -13.60 16.20
CA ASN C 421 19.15 -14.46 16.65
C ASN C 421 17.86 -13.72 17.05
N GLU C 422 17.67 -12.54 16.50
CA GLU C 422 16.44 -11.80 16.64
C GLU C 422 15.95 -11.53 15.25
N SER C 423 14.69 -11.11 15.11
CA SER C 423 14.13 -10.83 13.80
CA SER C 423 14.10 -10.83 13.81
C SER C 423 14.32 -9.36 13.40
N LYS C 424 14.31 -9.12 12.09
CA LYS C 424 14.49 -7.77 11.54
C LYS C 424 13.38 -6.83 12.03
N ARG C 425 13.78 -5.61 12.35
CA ARG C 425 12.86 -4.60 12.82
C ARG C 425 13.35 -3.22 12.41
N ASP C 426 12.40 -2.34 12.14
CA ASP C 426 12.68 -0.91 12.04
C ASP C 426 12.88 -0.39 13.46
N ALA C 427 13.83 0.53 13.61
CA ALA C 427 14.18 1.09 14.91
C ALA C 427 14.81 2.46 14.71
N PHE C 428 14.92 3.23 15.79
CA PHE C 428 15.63 4.52 15.74
C PHE C 428 17.13 4.31 15.68
N PHE C 429 17.62 3.49 16.61
CA PHE C 429 19.04 3.30 16.85
C PHE C 429 19.50 1.90 16.49
N VAL C 430 20.81 1.75 16.31
CA VAL C 430 21.42 0.46 15.91
C VAL C 430 21.23 -0.65 16.96
N ALA C 431 21.21 -1.90 16.49
CA ALA C 431 20.98 -3.07 17.34
C ALA C 431 22.16 -3.32 18.27
N HIS C 432 21.87 -3.42 19.55
CA HIS C 432 22.89 -3.65 20.58
C HIS C 432 23.50 -5.03 20.55
N ASN C 433 22.72 -6.02 20.17
CA ASN C 433 23.21 -7.39 20.15
C ASN C 433 23.56 -7.86 18.74
N ASN C 434 24.79 -7.57 18.33
CA ASN C 434 25.21 -7.84 16.96
C ASN C 434 26.41 -8.79 16.91
N GLU C 435 27.02 -8.90 15.74
CA GLU C 435 28.07 -9.88 15.48
C GLU C 435 29.39 -9.58 16.22
N SER C 436 29.57 -8.34 16.68
CA SER C 436 30.76 -7.97 17.47
C SER C 436 30.69 -8.47 18.89
N GLY C 437 29.47 -8.67 19.38
CA GLY C 437 29.27 -9.19 20.72
C GLY C 437 29.48 -8.18 21.83
N TYR C 438 29.52 -6.89 21.49
CA TYR C 438 29.63 -5.79 22.47
C TYR C 438 29.37 -4.38 21.89
N TRP C 439 29.62 -4.19 20.60
CA TRP C 439 29.76 -2.83 20.08
C TRP C 439 28.46 -2.14 19.67
N TRP C 440 28.23 -0.97 20.27
CA TRP C 440 27.21 -0.01 19.84
C TRP C 440 27.52 1.33 20.52
N GLN C 441 27.10 2.43 19.90
CA GLN C 441 27.41 3.77 20.39
C GLN C 441 26.60 4.87 19.68
N GLY C 442 26.76 6.10 20.13
CA GLY C 442 26.12 7.23 19.46
C GLY C 442 26.40 7.30 17.97
N GLU C 443 25.42 7.75 17.20
CA GLU C 443 25.49 7.61 15.75
C GLU C 443 25.59 8.95 15.08
N ASN C 444 26.39 9.85 15.66
CA ASN C 444 26.47 11.22 15.15
C ASN C 444 27.07 11.28 13.75
N ALA C 445 28.13 10.48 13.56
CA ALA C 445 28.74 10.19 12.26
C ALA C 445 27.71 9.70 11.24
N ARG C 446 26.93 8.68 11.61
CA ARG C 446 25.82 8.22 10.77
C ARG C 446 24.90 9.37 10.31
N LEU C 447 24.55 10.23 11.26
CA LEU C 447 23.65 11.35 11.01
C LEU C 447 24.28 12.36 10.08
N GLY C 448 25.59 12.57 10.21
CA GLY C 448 26.32 13.47 9.33
C GLY C 448 26.37 12.88 7.93
N SER C 449 26.56 11.55 7.89
CA SER C 449 26.64 10.82 6.63
C SER C 449 25.31 10.82 5.90
N LEU C 450 24.21 10.72 6.64
CA LEU C 450 22.86 10.76 6.05
C LEU C 450 22.45 12.18 5.64
N ALA C 451 22.86 13.17 6.43
CA ALA C 451 22.61 14.56 6.07
C ALA C 451 23.35 14.90 4.78
N THR C 452 24.62 14.51 4.70
CA THR C 452 25.42 14.65 3.48
C THR C 452 24.75 13.96 2.28
N MET C 453 24.40 12.69 2.46
CA MET C 453 23.63 11.93 1.48
C MET C 453 22.43 12.71 0.98
N ALA C 454 21.66 13.30 1.89
CA ALA C 454 20.44 14.01 1.52
C ALA C 454 20.68 15.31 0.74
N TYR C 455 21.86 15.89 0.80
CA TYR C 455 22.15 17.07 -0.02
C TYR C 455 22.72 16.63 -1.35
N LEU C 456 23.63 15.66 -1.32
CA LEU C 456 24.34 15.22 -2.51
C LEU C 456 23.48 14.41 -3.48
N ALA C 457 22.48 13.71 -2.96
CA ALA C 457 21.58 12.92 -3.79
C ALA C 457 20.61 13.78 -4.58
N GLN C 458 20.36 15.00 -4.09
CA GLN C 458 19.32 15.87 -4.64
C GLN C 458 19.39 16.24 -6.12
N PRO C 459 20.59 16.54 -6.67
CA PRO C 459 20.67 16.68 -8.13
C PRO C 459 20.04 15.52 -8.91
N HIS C 460 20.08 14.32 -8.36
CA HIS C 460 19.64 13.12 -9.07
C HIS C 460 18.21 12.72 -8.77
N ILE C 461 17.48 13.53 -8.00
CA ILE C 461 16.12 13.18 -7.62
C ILE C 461 15.15 13.89 -8.57
N ALA C 462 14.32 13.08 -9.23
CA ALA C 462 13.38 13.58 -10.22
C ALA C 462 12.35 14.49 -9.56
N SER C 463 11.67 13.94 -8.56
CA SER C 463 10.62 14.64 -7.82
C SER C 463 11.17 15.82 -7.00
N GLN C 464 10.66 17.02 -7.30
CA GLN C 464 10.96 18.22 -6.52
C GLN C 464 10.33 18.15 -5.11
N GLU C 465 9.33 17.27 -4.98
CA GLU C 465 8.68 17.00 -3.71
C GLU C 465 9.63 16.28 -2.77
N ILE C 466 10.29 15.22 -3.27
CA ILE C 466 11.24 14.44 -2.48
C ILE C 466 12.49 15.25 -2.15
N GLN C 467 12.90 16.12 -3.09
CA GLN C 467 14.00 17.06 -2.85
C GLN C 467 13.81 17.90 -1.60
N GLN C 468 12.59 18.43 -1.42
CA GLN C 468 12.30 19.25 -0.25
C GLN C 468 12.22 18.43 1.03
N GLN C 469 11.74 17.20 0.94
CA GLN C 469 11.71 16.26 2.08
C GLN C 469 13.14 15.93 2.51
N LEU C 470 14.03 15.81 1.52
CA LEU C 470 15.42 15.49 1.77
C LEU C 470 16.16 16.62 2.48
N SER C 471 15.81 17.86 2.14
CA SER C 471 16.28 19.05 2.83
C SER C 471 15.86 19.07 4.30
N VAL C 472 14.61 18.65 4.57
CA VAL C 472 14.12 18.56 5.94
C VAL C 472 14.86 17.44 6.68
N PHE C 473 14.97 16.28 6.02
CA PHE C 473 15.65 15.10 6.55
C PHE C 473 17.07 15.47 7.01
N ALA C 474 17.76 16.22 6.16
CA ALA C 474 19.16 16.57 6.37
C ALA C 474 19.27 17.53 7.55
N GLN C 475 18.47 18.58 7.49
CA GLN C 475 18.39 19.55 8.57
C GLN C 475 18.06 18.91 9.95
N ASP C 476 17.15 17.95 9.94
CA ASP C 476 16.77 17.22 11.15
C ASP C 476 17.97 16.52 11.78
N ALA C 477 18.74 15.85 10.94
CA ALA C 477 19.93 15.12 11.36
C ALA C 477 20.94 16.08 11.98
N LEU C 478 21.19 17.20 11.28
CA LEU C 478 22.07 18.28 11.75
C LEU C 478 21.60 18.91 13.07
N ASN C 479 20.34 19.33 13.15
CA ASN C 479 19.73 19.84 14.40
C ASN C 479 20.03 18.94 15.63
N TRP C 480 19.88 17.63 15.45
CA TRP C 480 20.07 16.66 16.54
C TRP C 480 21.48 16.77 17.14
N ILE C 481 22.49 16.65 16.28
CA ILE C 481 23.91 16.85 16.65
C ILE C 481 24.16 18.15 17.42
N VAL C 482 23.52 19.25 17.00
CA VAL C 482 23.80 20.54 17.64
C VAL C 482 22.68 21.04 18.57
N GLY C 483 22.07 20.10 19.30
CA GLY C 483 21.27 20.42 20.48
C GLY C 483 19.79 20.17 20.47
N LEU C 484 19.22 19.90 19.30
CA LEU C 484 17.80 19.63 19.23
C LEU C 484 17.60 18.15 19.43
N ASN C 485 17.61 17.74 20.69
CA ASN C 485 17.47 16.33 21.04
C ASN C 485 16.89 16.27 22.45
N PRO C 486 16.41 15.09 22.91
CA PRO C 486 15.85 15.06 24.27
C PRO C 486 16.78 15.46 25.42
N TYR C 487 18.07 15.58 25.15
CA TYR C 487 19.01 15.91 26.21
C TYR C 487 19.43 17.40 26.22
N ASP C 488 18.86 18.16 25.29
CA ASP C 488 19.14 19.61 25.16
C ASP C 488 20.66 19.81 25.18
N MET C 489 21.34 18.97 24.40
CA MET C 489 22.78 18.87 24.43
C MET C 489 23.37 19.04 23.05
N CYS C 490 24.23 20.05 22.93
CA CYS C 490 24.98 20.20 21.72
C CYS C 490 26.21 19.32 21.79
N MET C 491 26.34 18.42 20.82
CA MET C 491 27.39 17.42 20.83
C MET C 491 28.67 17.84 20.09
N LEU C 492 28.63 19.00 19.44
CA LEU C 492 29.80 19.70 18.92
C LEU C 492 30.43 20.52 20.05
N ASP C 493 31.69 20.22 20.40
CA ASP C 493 32.29 20.77 21.62
C ASP C 493 32.78 22.20 21.40
N GLY C 494 32.40 23.11 22.30
CA GLY C 494 32.71 24.53 22.18
C GLY C 494 31.56 25.37 21.67
N HIS C 495 30.48 24.70 21.26
CA HIS C 495 29.29 25.38 20.78
C HIS C 495 28.09 24.92 21.57
N GLY C 496 27.07 25.78 21.65
CA GLY C 496 25.84 25.50 22.40
C GLY C 496 26.05 25.17 23.87
N ARG C 497 25.22 24.30 24.45
CA ARG C 497 25.29 24.01 25.89
C ARG C 497 25.25 22.53 26.22
N ASN C 498 25.60 22.21 27.46
CA ASN C 498 25.67 20.84 27.97
C ASN C 498 26.59 19.96 27.14
N ASN C 499 27.75 20.49 26.74
CA ASN C 499 28.73 19.68 26.04
C ASN C 499 29.19 18.56 26.99
N PRO C 500 29.17 17.30 26.53
CA PRO C 500 29.62 16.21 27.43
C PRO C 500 31.14 16.10 27.50
N ASP C 501 31.70 15.80 28.67
CA ASP C 501 33.11 15.42 28.69
C ASP C 501 33.21 13.90 28.64
N TYR C 502 34.42 13.35 28.53
CA TYR C 502 34.57 11.91 28.48
C TYR C 502 35.13 11.37 29.82
N LEU C 503 36.45 11.32 29.95
CA LEU C 503 37.09 10.95 31.20
C LEU C 503 38.13 11.97 31.64
N PRO C 504 37.66 13.16 32.08
CA PRO C 504 38.55 14.23 32.53
C PRO C 504 39.47 13.87 33.70
N GLN C 505 39.01 12.99 34.58
CA GLN C 505 39.78 12.60 35.77
C GLN C 505 41.02 11.75 35.46
N TYR C 506 41.10 11.23 34.24
CA TYR C 506 42.27 10.51 33.73
C TYR C 506 42.97 11.29 32.62
N GLY C 507 42.51 12.50 32.36
CA GLY C 507 43.14 13.34 31.36
C GLY C 507 42.73 13.02 29.95
N PHE C 508 41.60 12.34 29.79
CA PHE C 508 41.06 12.06 28.45
C PHE C 508 39.91 13.01 28.21
N PHE C 509 40.28 14.24 27.91
CA PHE C 509 39.32 15.29 27.76
C PHE C 509 38.81 15.32 26.34
N ASN C 510 37.56 15.73 26.20
CA ASN C 510 37.05 16.03 24.88
C ASN C 510 37.70 17.31 24.33
N ALA C 511 37.81 17.37 23.01
CA ALA C 511 38.45 18.49 22.35
C ALA C 511 37.42 19.44 21.74
N LYS C 512 37.66 20.73 21.89
CA LYS C 512 36.88 21.76 21.20
C LYS C 512 36.85 21.49 19.71
N GLY C 513 35.69 21.70 19.10
CA GLY C 513 35.49 21.49 17.67
C GLY C 513 35.22 20.03 17.30
N GLY C 514 35.29 19.14 18.28
CA GLY C 514 35.04 17.73 18.05
C GLY C 514 33.62 17.34 18.37
N VAL C 515 33.17 16.25 17.77
CA VAL C 515 31.81 15.75 17.98
C VAL C 515 31.92 14.38 18.66
N CYS C 516 31.14 14.18 19.71
CA CYS C 516 31.19 12.92 20.47
C CYS C 516 30.30 11.88 19.82
N ASN C 517 30.29 10.66 20.37
CA ASN C 517 29.46 9.59 19.83
C ASN C 517 27.97 9.97 19.78
N GLY C 518 27.39 10.19 20.96
CA GLY C 518 26.02 10.64 21.06
C GLY C 518 25.02 9.71 21.71
N ILE C 519 23.76 9.92 21.34
CA ILE C 519 22.64 9.27 21.98
C ILE C 519 22.39 7.90 21.35
N THR C 520 22.04 6.92 22.19
CA THR C 520 21.77 5.56 21.73
C THR C 520 20.39 5.09 22.20
N GLY C 521 20.03 3.85 21.81
CA GLY C 521 18.90 3.17 22.44
C GLY C 521 19.26 2.86 23.89
N GLY C 522 18.26 2.55 24.72
CA GLY C 522 18.48 2.30 26.13
C GLY C 522 19.35 1.08 26.32
N PHE C 523 20.13 1.08 27.41
CA PHE C 523 20.99 -0.05 27.74
C PHE C 523 20.16 -1.32 27.90
N GLU C 524 19.10 -1.24 28.69
CA GLU C 524 18.24 -2.40 28.97
C GLU C 524 17.09 -2.54 27.97
N ASP C 525 16.65 -1.43 27.39
CA ASP C 525 15.51 -1.43 26.47
C ASP C 525 15.83 -0.51 25.30
N GLU C 526 16.02 -1.10 24.14
CA GLU C 526 16.46 -0.36 22.95
C GLU C 526 15.39 0.56 22.37
N GLU C 527 14.16 0.41 22.85
CA GLU C 527 13.05 1.26 22.45
C GLU C 527 13.02 2.54 23.29
N ASP C 528 13.65 2.48 24.46
CA ASP C 528 13.98 3.67 25.25
C ASP C 528 15.21 4.37 24.62
N ILE C 529 15.64 5.48 25.23
CA ILE C 529 16.71 6.32 24.73
C ILE C 529 17.73 6.56 25.87
N ALA C 530 19.00 6.72 25.52
CA ALA C 530 20.05 6.90 26.53
C ALA C 530 21.17 7.83 26.13
N PHE C 531 21.59 8.64 27.10
CA PHE C 531 22.88 9.28 27.09
C PHE C 531 23.35 9.31 28.53
N ASN C 532 24.48 8.67 28.79
CA ASN C 532 24.98 8.42 30.16
C ASN C 532 23.89 8.00 31.17
N PRO C 533 23.17 6.90 30.90
CA PRO C 533 22.20 6.45 31.90
C PRO C 533 22.90 6.18 33.24
N PRO C 534 22.26 6.55 34.37
CA PRO C 534 22.93 6.49 35.67
C PRO C 534 23.58 5.14 36.02
N ALA C 535 23.04 4.03 35.48
CA ALA C 535 23.54 2.70 35.81
C ALA C 535 24.88 2.43 35.14
N GLN C 536 25.16 3.13 34.04
CA GLN C 536 26.39 2.92 33.28
C GLN C 536 27.30 4.14 33.21
N LYS C 537 26.77 5.30 33.57
CA LYS C 537 27.46 6.59 33.60
C LYS C 537 28.90 6.55 34.13
N ASP C 538 29.12 5.79 35.20
CA ASP C 538 30.39 5.79 35.92
C ASP C 538 31.21 4.54 35.63
N ASP C 539 30.74 3.73 34.70
CA ASP C 539 31.38 2.46 34.40
C ASP C 539 32.26 2.63 33.17
N MET C 540 33.57 2.54 33.37
CA MET C 540 34.57 2.79 32.32
C MET C 540 34.51 1.82 31.14
N LEU C 541 33.87 0.67 31.33
CA LEU C 541 33.71 -0.33 30.29
C LEU C 541 32.50 -0.05 29.44
N GLN C 542 31.66 0.88 29.89
CA GLN C 542 30.46 1.24 29.16
C GLN C 542 30.42 2.72 28.74
N ASN C 543 30.94 3.63 29.56
CA ASN C 543 30.71 5.08 29.34
C ASN C 543 31.43 5.72 28.15
N TRP C 544 32.06 4.89 27.33
CA TRP C 544 32.63 5.35 26.07
C TRP C 544 31.58 5.52 24.99
N ARG C 545 30.43 4.87 25.17
CA ARG C 545 29.42 4.73 24.12
C ARG C 545 28.71 6.04 23.83
N TRP C 546 28.71 6.93 24.81
CA TRP C 546 27.99 8.20 24.73
C TRP C 546 28.93 9.41 24.54
N GLY C 547 29.80 9.62 25.54
CA GLY C 547 30.56 10.85 25.68
C GLY C 547 31.91 10.97 24.98
N GLU C 548 32.49 9.85 24.56
CA GLU C 548 33.78 9.88 23.87
C GLU C 548 33.68 10.47 22.47
N GLN C 549 34.69 11.24 22.05
CA GLN C 549 34.73 11.74 20.70
C GLN C 549 35.48 10.72 19.89
N TRP C 550 35.13 10.63 18.61
CA TRP C 550 35.73 9.68 17.70
C TRP C 550 35.84 10.42 16.40
N ILE C 551 36.98 10.34 15.72
CA ILE C 551 37.19 11.17 14.49
C ILE C 551 36.14 11.14 13.36
N PRO C 552 35.47 9.98 13.08
CA PRO C 552 34.47 10.01 12.01
C PRO C 552 33.32 10.97 12.20
N HIS C 553 32.89 11.14 13.45
CA HIS C 553 31.83 12.11 13.81
C HIS C 553 32.10 13.51 13.28
N GLY C 554 33.32 14.00 13.55
CA GLY C 554 33.79 15.30 13.13
C GLY C 554 33.95 15.39 11.61
N ALA C 555 34.44 14.30 11.02
CA ALA C 555 34.62 14.23 9.57
C ALA C 555 33.29 14.32 8.83
N TRP C 556 32.31 13.59 9.34
CA TRP C 556 31.00 13.57 8.74
C TRP C 556 30.22 14.83 8.97
N TYR C 557 30.39 15.42 10.15
CA TYR C 557 29.77 16.69 10.45
C TYR C 557 30.31 17.74 9.49
N LEU C 558 31.65 17.81 9.41
CA LEU C 558 32.34 18.73 8.51
C LEU C 558 31.80 18.61 7.08
N LEU C 559 31.65 17.37 6.60
CA LEU C 559 31.16 17.17 5.25
C LEU C 559 29.69 17.56 5.15
N ALA C 560 28.90 17.18 6.15
CA ALA C 560 27.49 17.57 6.23
C ALA C 560 27.25 19.08 6.09
N ILE C 561 28.06 19.89 6.76
CA ILE C 561 27.84 21.35 6.73
C ILE C 561 28.34 22.02 5.44
N MET C 562 29.41 21.47 4.85
CA MET C 562 29.92 21.96 3.57
C MET C 562 28.95 21.57 2.44
N SER C 563 28.39 20.35 2.53
CA SER C 563 27.36 19.89 1.60
CA SER C 563 27.38 19.92 1.57
C SER C 563 26.08 20.73 1.71
N GLN C 564 25.75 21.15 2.94
CA GLN C 564 24.64 22.05 3.19
C GLN C 564 24.87 23.39 2.52
N ALA C 565 26.06 23.95 2.73
CA ALA C 565 26.41 25.25 2.23
C ALA C 565 26.27 25.30 0.71
N GLN C 566 26.76 24.25 0.05
CA GLN C 566 26.70 24.13 -1.40
C GLN C 566 25.25 24.04 -1.89
N HIS C 567 24.46 23.23 -1.20
CA HIS C 567 23.05 23.10 -1.48
C HIS C 567 22.33 24.46 -1.35
N ILE C 568 22.58 25.15 -0.24
CA ILE C 568 21.98 26.45 0.03
C ILE C 568 22.39 27.48 -1.01
N SER C 569 23.67 27.45 -1.41
CA SER C 569 24.21 28.37 -2.41
C SER C 569 23.61 28.16 -3.78
N GLN C 570 23.46 26.89 -4.16
CA GLN C 570 22.87 26.47 -5.44
C GLN C 570 21.40 26.89 -5.59
N LEU C 571 20.68 26.93 -4.48
CA LEU C 571 19.29 27.37 -4.48
C LEU C 571 19.20 28.87 -4.75
N ALA C 572 20.00 29.66 -4.04
CA ALA C 572 20.10 31.10 -4.27
C ALA C 572 20.65 31.46 -5.66
N THR C 573 21.57 30.64 -6.16
CA THR C 573 22.17 30.79 -7.50
C THR C 573 21.13 30.63 -8.62
N SER C 574 20.37 29.54 -8.58
CA SER C 574 19.37 29.27 -9.64
C SER C 574 18.11 30.16 -9.58
N LYS C 575 18.06 31.06 -8.60
CA LYS C 575 17.02 32.10 -8.55
C LYS C 575 17.42 33.36 -9.35
N ASN C 576 18.66 33.81 -9.16
CA ASN C 576 19.18 34.99 -9.85
C ASN C 576 19.83 34.67 -11.19
#